data_2LK2
#
_entry.id   2LK2
#
_entity_poly.entity_id   1
_entity_poly.type   'polypeptide(L)'
_entity_poly.pdbx_seq_one_letter_code
;MGHHHHHHSHMLPKESVQILRDWLYEHRYNAYPSEQEKALLSQQTHLSTLQVCNWFINARRRLLPDMLRKDGKDPNQFTI
SRRGAKISE
;
_entity_poly.pdbx_strand_id   A
#
# COMPACT_ATOMS: atom_id res chain seq x y z
N MET A 1 9.02 1.18 34.87
CA MET A 1 7.71 1.15 34.17
C MET A 1 7.90 0.56 32.78
N GLY A 2 8.34 -0.67 32.72
CA GLY A 2 8.58 -1.33 31.40
C GLY A 2 7.24 -1.61 30.69
N HIS A 3 7.25 -1.58 29.38
CA HIS A 3 6.00 -1.84 28.61
C HIS A 3 6.07 -3.20 27.93
N HIS A 4 5.10 -4.04 28.16
CA HIS A 4 5.10 -5.39 27.55
C HIS A 4 4.78 -5.29 26.06
N HIS A 5 5.58 -5.91 25.22
CA HIS A 5 5.33 -5.85 23.76
C HIS A 5 5.89 -7.11 23.11
N HIS A 6 5.49 -7.38 21.89
CA HIS A 6 6.00 -8.59 21.18
C HIS A 6 6.34 -8.23 19.74
N HIS A 7 7.37 -8.82 19.20
CA HIS A 7 7.76 -8.51 17.79
C HIS A 7 7.16 -9.56 16.84
N HIS A 8 6.26 -9.15 16.00
CA HIS A 8 5.63 -10.10 15.03
C HIS A 8 4.89 -9.30 13.96
N SER A 9 5.01 -9.71 12.73
CA SER A 9 4.33 -8.98 11.62
C SER A 9 2.80 -9.09 11.74
N HIS A 10 2.10 -8.06 11.35
CA HIS A 10 0.61 -8.08 11.41
C HIS A 10 0.02 -7.22 10.29
N MET A 11 -1.14 -7.59 9.82
CA MET A 11 -1.78 -6.82 8.72
C MET A 11 -2.53 -5.62 9.29
N LEU A 12 -2.64 -4.57 8.51
CA LEU A 12 -3.33 -3.35 9.01
C LEU A 12 -4.86 -3.57 8.96
N PRO A 13 -5.63 -2.74 9.63
CA PRO A 13 -7.12 -2.85 9.64
C PRO A 13 -7.74 -2.79 8.24
N LYS A 14 -8.90 -3.37 8.06
CA LYS A 14 -9.56 -3.38 6.74
C LYS A 14 -9.84 -1.93 6.30
N GLU A 15 -10.22 -1.08 7.20
CA GLU A 15 -10.50 0.34 6.81
C GLU A 15 -9.23 0.98 6.27
N SER A 16 -8.11 0.76 6.92
CA SER A 16 -6.84 1.36 6.45
C SER A 16 -6.43 0.72 5.11
N VAL A 17 -6.65 -0.55 4.98
CA VAL A 17 -6.29 -1.26 3.72
C VAL A 17 -7.13 -0.70 2.57
N GLN A 18 -8.39 -0.49 2.80
CA GLN A 18 -9.27 0.04 1.73
C GLN A 18 -8.76 1.42 1.28
N ILE A 19 -8.52 2.30 2.21
CA ILE A 19 -8.02 3.66 1.84
C ILE A 19 -6.63 3.55 1.21
N LEU A 20 -5.77 2.77 1.80
CA LEU A 20 -4.38 2.63 1.26
C LEU A 20 -4.44 1.96 -0.11
N ARG A 21 -5.26 0.94 -0.25
CA ARG A 21 -5.37 0.23 -1.55
C ARG A 21 -5.98 1.17 -2.60
N ASP A 22 -6.96 1.95 -2.21
CA ASP A 22 -7.61 2.87 -3.18
C ASP A 22 -6.55 3.82 -3.76
N TRP A 23 -5.71 4.35 -2.92
CA TRP A 23 -4.65 5.28 -3.42
C TRP A 23 -3.74 4.53 -4.39
N LEU A 24 -3.30 3.37 -4.01
CA LEU A 24 -2.40 2.59 -4.90
C LEU A 24 -3.14 2.22 -6.19
N TYR A 25 -4.37 1.80 -6.07
CA TYR A 25 -5.16 1.41 -7.27
C TYR A 25 -5.30 2.61 -8.21
N GLU A 26 -5.57 3.76 -7.65
CA GLU A 26 -5.74 4.98 -8.51
C GLU A 26 -4.37 5.42 -9.05
N HIS A 27 -3.33 5.21 -8.28
CA HIS A 27 -1.96 5.62 -8.72
C HIS A 27 -1.05 4.39 -8.81
N ARG A 28 -1.44 3.42 -9.60
CA ARG A 28 -0.60 2.20 -9.75
C ARG A 28 0.69 2.56 -10.50
N TYR A 29 0.60 3.44 -11.47
CA TYR A 29 1.82 3.82 -12.25
C TYR A 29 2.84 4.49 -11.35
N ASN A 30 2.57 5.70 -10.93
CA ASN A 30 3.52 6.44 -10.06
C ASN A 30 3.53 5.82 -8.66
N ALA A 31 3.34 4.52 -8.58
CA ALA A 31 3.35 3.85 -7.26
C ALA A 31 4.79 3.75 -6.77
N TYR A 32 5.73 4.09 -7.61
CA TYR A 32 7.15 3.98 -7.21
C TYR A 32 7.39 4.73 -5.87
N PRO A 33 8.38 4.33 -5.10
CA PRO A 33 8.69 4.98 -3.80
C PRO A 33 8.75 6.52 -3.91
N SER A 34 8.05 7.21 -3.04
CA SER A 34 8.08 8.70 -3.06
C SER A 34 7.71 9.23 -1.68
N GLU A 35 8.35 10.28 -1.26
CA GLU A 35 8.04 10.88 0.08
C GLU A 35 6.66 11.53 0.06
N GLN A 36 6.30 12.10 -1.06
CA GLN A 36 4.97 12.77 -1.14
C GLN A 36 3.85 11.74 -0.93
N GLU A 37 3.97 10.59 -1.52
CA GLU A 37 2.93 9.54 -1.36
C GLU A 37 2.93 9.03 0.09
N LYS A 38 4.09 8.76 0.62
CA LYS A 38 4.16 8.24 2.01
C LYS A 38 3.63 9.31 2.98
N ALA A 39 3.99 10.54 2.77
CA ALA A 39 3.52 11.62 3.69
C ALA A 39 2.01 11.82 3.52
N LEU A 40 1.54 11.82 2.31
CA LEU A 40 0.08 12.01 2.08
C LEU A 40 -0.70 10.86 2.69
N LEU A 41 -0.28 9.65 2.46
CA LEU A 41 -1.00 8.48 3.01
C LEU A 41 -0.90 8.49 4.54
N SER A 42 0.24 8.86 5.06
CA SER A 42 0.41 8.89 6.53
C SER A 42 -0.59 9.85 7.16
N GLN A 43 -0.76 11.02 6.58
CA GLN A 43 -1.73 12.00 7.14
C GLN A 43 -3.15 11.46 6.97
N GLN A 44 -3.43 10.85 5.85
CA GLN A 44 -4.80 10.31 5.62
C GLN A 44 -5.08 9.16 6.59
N THR A 45 -4.12 8.30 6.80
CA THR A 45 -4.33 7.15 7.71
C THR A 45 -3.90 7.51 9.12
N HIS A 46 -4.25 6.70 10.08
CA HIS A 46 -3.86 6.97 11.49
C HIS A 46 -2.62 6.16 11.82
N LEU A 47 -1.92 5.68 10.81
CA LEU A 47 -0.69 4.86 11.05
C LEU A 47 0.55 5.76 10.94
N SER A 48 1.64 5.31 11.51
CA SER A 48 2.89 6.13 11.47
C SER A 48 3.53 6.04 10.07
N THR A 49 4.48 6.89 9.81
CA THR A 49 5.17 6.88 8.50
C THR A 49 5.88 5.54 8.30
N LEU A 50 6.53 5.04 9.31
CA LEU A 50 7.25 3.76 9.18
C LEU A 50 6.27 2.63 8.86
N GLN A 51 5.14 2.62 9.51
CA GLN A 51 4.14 1.55 9.23
C GLN A 51 3.64 1.67 7.80
N VAL A 52 3.28 2.85 7.39
CA VAL A 52 2.79 3.05 6.00
C VAL A 52 3.91 2.78 5.00
N CYS A 53 5.09 3.28 5.27
CA CYS A 53 6.23 3.08 4.33
C CYS A 53 6.53 1.58 4.21
N ASN A 54 6.68 0.90 5.31
CA ASN A 54 6.98 -0.56 5.24
C ASN A 54 5.80 -1.29 4.60
N TRP A 55 4.60 -0.91 4.97
CA TRP A 55 3.39 -1.57 4.38
C TRP A 55 3.32 -1.24 2.89
N PHE A 56 3.65 -0.03 2.53
CA PHE A 56 3.60 0.37 1.09
C PHE A 56 4.58 -0.49 0.29
N ILE A 57 5.77 -0.69 0.81
CA ILE A 57 6.78 -1.50 0.07
C ILE A 57 6.28 -2.95 -0.07
N ASN A 58 5.74 -3.50 0.98
CA ASN A 58 5.24 -4.91 0.92
C ASN A 58 3.93 -4.96 0.14
N ALA A 59 2.98 -4.14 0.51
CA ALA A 59 1.67 -4.14 -0.18
C ALA A 59 1.88 -3.84 -1.67
N ARG A 60 2.64 -2.83 -1.98
CA ARG A 60 2.87 -2.49 -3.41
C ARG A 60 3.57 -3.66 -4.11
N ARG A 61 4.54 -4.25 -3.47
CA ARG A 61 5.28 -5.39 -4.09
C ARG A 61 4.34 -6.59 -4.27
N ARG A 62 3.22 -6.61 -3.59
CA ARG A 62 2.27 -7.76 -3.71
C ARG A 62 1.01 -7.33 -4.49
N LEU A 63 0.77 -6.05 -4.60
CA LEU A 63 -0.45 -5.56 -5.33
C LEU A 63 -0.12 -5.22 -6.78
N LEU A 64 0.96 -4.54 -7.00
CA LEU A 64 1.32 -4.15 -8.40
C LEU A 64 1.41 -5.38 -9.31
N PRO A 65 2.07 -6.43 -8.89
CA PRO A 65 2.22 -7.65 -9.73
C PRO A 65 0.87 -8.18 -10.22
N ASP A 66 -0.09 -8.25 -9.33
CA ASP A 66 -1.43 -8.76 -9.72
C ASP A 66 -2.11 -7.79 -10.70
N MET A 67 -2.11 -6.53 -10.38
CA MET A 67 -2.77 -5.53 -11.27
C MET A 67 -1.99 -5.42 -12.60
N LEU A 68 -0.68 -5.40 -12.53
CA LEU A 68 0.12 -5.30 -13.78
C LEU A 68 -0.09 -6.53 -14.66
N ARG A 69 -0.08 -7.69 -14.07
CA ARG A 69 -0.28 -8.93 -14.87
C ARG A 69 -1.72 -8.96 -15.40
N LYS A 70 -2.66 -8.54 -14.59
CA LYS A 70 -4.09 -8.54 -15.02
C LYS A 70 -4.27 -7.53 -16.16
N ASP A 71 -3.70 -6.36 -16.02
CA ASP A 71 -3.84 -5.33 -17.09
C ASP A 71 -2.80 -5.60 -18.18
N GLY A 72 -1.56 -5.30 -17.91
CA GLY A 72 -0.48 -5.51 -18.91
C GLY A 72 -0.21 -4.21 -19.67
N LYS A 73 -0.17 -3.11 -18.97
CA LYS A 73 0.09 -1.79 -19.62
C LYS A 73 1.52 -1.34 -19.29
N ASP A 74 2.10 -1.88 -18.25
CA ASP A 74 3.48 -1.49 -17.88
C ASP A 74 4.00 -2.41 -16.78
N PRO A 75 4.19 -3.67 -17.09
CA PRO A 75 4.68 -4.68 -16.11
C PRO A 75 6.20 -4.59 -15.88
N ASN A 76 6.60 -4.16 -14.72
CA ASN A 76 8.06 -4.06 -14.43
C ASN A 76 8.27 -3.88 -12.92
N GLN A 77 9.49 -3.69 -12.51
CA GLN A 77 9.79 -3.51 -11.07
C GLN A 77 9.23 -4.67 -10.25
N PHE A 78 10.09 -5.56 -9.82
CA PHE A 78 9.67 -6.74 -8.99
C PHE A 78 8.31 -7.27 -9.46
N THR A 79 8.31 -8.27 -10.30
CA THR A 79 7.03 -8.85 -10.79
C THR A 79 6.62 -10.01 -9.88
N ILE A 80 7.34 -10.20 -8.80
CA ILE A 80 7.01 -11.32 -7.88
C ILE A 80 5.53 -11.28 -7.51
N SER A 81 4.93 -12.44 -7.35
CA SER A 81 3.49 -12.53 -7.01
C SER A 81 3.22 -11.87 -5.64
N ARG A 82 2.34 -12.44 -4.87
CA ARG A 82 2.00 -11.87 -3.54
C ARG A 82 3.00 -12.38 -2.50
N ARG A 83 4.27 -12.27 -2.78
CA ARG A 83 5.31 -12.72 -1.82
C ARG A 83 5.05 -14.18 -1.40
N GLY A 84 5.47 -15.10 -2.22
CA GLY A 84 5.29 -16.55 -1.88
C GLY A 84 3.80 -16.90 -1.84
N ALA A 85 3.24 -16.96 -0.67
CA ALA A 85 1.80 -17.31 -0.54
C ALA A 85 1.56 -18.71 -1.12
N LYS A 86 2.55 -19.55 -1.08
CA LYS A 86 2.40 -20.93 -1.64
C LYS A 86 2.09 -21.89 -0.48
N ILE A 87 2.01 -21.38 0.72
CA ILE A 87 1.69 -22.25 1.89
C ILE A 87 0.18 -22.49 1.96
N SER A 88 -0.22 -23.73 2.12
CA SER A 88 -1.67 -24.04 2.21
C SER A 88 -1.87 -25.42 2.82
N GLU A 89 -2.62 -25.53 3.88
CA GLU A 89 -2.85 -26.84 4.51
C GLU A 89 -3.93 -26.69 5.59
N MET A 1 10.85 1.78 28.58
CA MET A 1 10.07 0.52 28.72
C MET A 1 9.56 0.06 27.35
N GLY A 2 8.58 -0.79 27.34
CA GLY A 2 8.04 -1.29 26.03
C GLY A 2 6.86 -2.25 26.29
N HIS A 3 7.09 -3.52 26.09
CA HIS A 3 6.02 -4.53 26.29
C HIS A 3 4.72 -4.04 25.66
N HIS A 4 4.55 -4.29 24.39
CA HIS A 4 3.31 -3.84 23.69
C HIS A 4 2.18 -4.84 23.93
N HIS A 5 1.00 -4.33 24.19
CA HIS A 5 -0.18 -5.22 24.44
C HIS A 5 -0.56 -5.94 23.15
N HIS A 6 -0.41 -5.28 22.03
CA HIS A 6 -0.77 -5.90 20.73
C HIS A 6 0.02 -7.20 20.54
N HIS A 7 1.28 -7.18 20.88
CA HIS A 7 2.14 -8.39 20.74
C HIS A 7 2.19 -8.83 19.28
N HIS A 8 1.10 -9.33 18.76
CA HIS A 8 1.08 -9.78 17.34
C HIS A 8 -0.34 -9.64 16.77
N SER A 9 -0.44 -9.39 15.48
CA SER A 9 -1.79 -9.24 14.86
C SER A 9 -1.69 -9.44 13.35
N HIS A 10 -2.81 -9.66 12.71
CA HIS A 10 -2.82 -9.89 11.23
C HIS A 10 -2.28 -8.68 10.46
N MET A 11 -2.79 -8.45 9.28
CA MET A 11 -2.30 -7.31 8.45
C MET A 11 -2.92 -6.00 8.95
N LEU A 12 -2.73 -4.94 8.19
CA LEU A 12 -3.26 -3.63 8.61
C LEU A 12 -4.80 -3.62 8.55
N PRO A 13 -5.42 -2.71 9.26
CA PRO A 13 -6.91 -2.57 9.26
C PRO A 13 -7.51 -2.52 7.86
N LYS A 14 -8.68 -3.07 7.70
CA LYS A 14 -9.36 -3.08 6.38
C LYS A 14 -9.58 -1.64 5.90
N GLU A 15 -10.00 -0.77 6.76
CA GLU A 15 -10.23 0.65 6.37
C GLU A 15 -8.90 1.27 5.91
N SER A 16 -7.85 1.06 6.66
CA SER A 16 -6.52 1.63 6.29
C SER A 16 -6.00 0.93 5.03
N VAL A 17 -6.18 -0.36 4.95
CA VAL A 17 -5.69 -1.12 3.77
C VAL A 17 -6.47 -0.67 2.52
N GLN A 18 -7.75 -0.51 2.64
CA GLN A 18 -8.57 -0.08 1.47
C GLN A 18 -8.13 1.31 1.01
N ILE A 19 -7.90 2.21 1.94
CA ILE A 19 -7.45 3.58 1.55
C ILE A 19 -6.08 3.51 0.89
N LEU A 20 -5.18 2.77 1.47
CA LEU A 20 -3.81 2.65 0.88
C LEU A 20 -3.90 1.90 -0.45
N ARG A 21 -4.69 0.86 -0.48
CA ARG A 21 -4.84 0.07 -1.74
C ARG A 21 -5.48 0.94 -2.81
N ASP A 22 -6.45 1.72 -2.44
CA ASP A 22 -7.14 2.62 -3.42
C ASP A 22 -6.12 3.61 -3.99
N TRP A 23 -5.27 4.12 -3.15
CA TRP A 23 -4.26 5.12 -3.62
C TRP A 23 -3.37 4.48 -4.70
N LEU A 24 -2.89 3.30 -4.45
CA LEU A 24 -2.01 2.62 -5.45
C LEU A 24 -2.79 2.33 -6.73
N TYR A 25 -4.00 1.88 -6.59
CA TYR A 25 -4.82 1.58 -7.81
C TYR A 25 -5.08 2.87 -8.60
N GLU A 26 -5.30 3.95 -7.91
CA GLU A 26 -5.55 5.25 -8.60
C GLU A 26 -4.28 5.68 -9.34
N HIS A 27 -3.13 5.46 -8.76
CA HIS A 27 -1.85 5.86 -9.42
C HIS A 27 -0.92 4.65 -9.46
N ARG A 28 -1.25 3.67 -10.27
CA ARG A 28 -0.39 2.45 -10.37
C ARG A 28 0.96 2.81 -10.99
N TYR A 29 0.96 3.68 -11.97
CA TYR A 29 2.23 4.08 -12.64
C TYR A 29 3.12 4.84 -11.65
N ASN A 30 2.52 5.61 -10.78
CA ASN A 30 3.31 6.37 -9.78
C ASN A 30 3.89 5.40 -8.75
N ALA A 31 4.46 4.32 -9.22
CA ALA A 31 5.06 3.32 -8.29
C ALA A 31 6.35 3.88 -7.68
N TYR A 32 6.35 5.16 -7.39
CA TYR A 32 7.56 5.80 -6.77
C TYR A 32 7.10 6.74 -5.65
N PRO A 33 6.73 6.17 -4.52
CA PRO A 33 6.25 6.95 -3.34
C PRO A 33 7.29 7.96 -2.85
N SER A 34 6.84 9.08 -2.35
CA SER A 34 7.78 10.14 -1.85
C SER A 34 7.45 10.49 -0.41
N GLU A 35 8.40 11.03 0.29
CA GLU A 35 8.17 11.42 1.72
C GLU A 35 6.93 12.32 1.81
N GLN A 36 6.77 13.20 0.87
CA GLN A 36 5.58 14.10 0.89
C GLN A 36 4.31 13.27 0.65
N GLU A 37 4.39 12.31 -0.23
CA GLU A 37 3.21 11.45 -0.51
C GLU A 37 2.92 10.55 0.71
N LYS A 38 3.95 10.03 1.31
CA LYS A 38 3.75 9.15 2.50
C LYS A 38 3.10 9.94 3.64
N ALA A 39 3.54 11.15 3.85
CA ALA A 39 2.95 11.98 4.94
C ALA A 39 1.48 12.26 4.63
N LEU A 40 1.16 12.44 3.38
CA LEU A 40 -0.26 12.73 3.01
C LEU A 40 -1.14 11.54 3.40
N LEU A 41 -0.73 10.36 3.04
CA LEU A 41 -1.53 9.14 3.37
C LEU A 41 -1.53 8.88 4.87
N SER A 42 -0.41 9.08 5.50
CA SER A 42 -0.33 8.85 6.98
C SER A 42 -1.28 9.80 7.71
N GLN A 43 -1.34 11.03 7.27
CA GLN A 43 -2.24 12.02 7.94
C GLN A 43 -3.70 11.57 7.76
N GLN A 44 -4.04 11.10 6.59
CA GLN A 44 -5.44 10.66 6.35
C GLN A 44 -5.76 9.45 7.22
N THR A 45 -4.85 8.51 7.31
CA THR A 45 -5.09 7.29 8.13
C THR A 45 -4.44 7.45 9.50
N HIS A 46 -4.61 6.46 10.34
CA HIS A 46 -4.00 6.52 11.72
C HIS A 46 -2.71 5.70 11.74
N LEU A 47 -1.96 5.74 10.67
CA LEU A 47 -0.67 4.96 10.59
C LEU A 47 0.51 5.93 10.49
N SER A 48 1.63 5.52 11.01
CA SER A 48 2.85 6.38 10.98
C SER A 48 3.55 6.27 9.62
N THR A 49 4.54 7.07 9.41
CA THR A 49 5.30 7.04 8.12
C THR A 49 5.95 5.67 7.93
N LEU A 50 6.56 5.16 8.96
CA LEU A 50 7.23 3.83 8.86
C LEU A 50 6.20 2.75 8.52
N GLN A 51 5.05 2.80 9.14
CA GLN A 51 4.01 1.78 8.87
C GLN A 51 3.53 1.91 7.41
N VAL A 52 3.30 3.10 6.97
CA VAL A 52 2.84 3.31 5.57
C VAL A 52 3.95 2.90 4.59
N CYS A 53 5.16 3.29 4.86
CA CYS A 53 6.29 2.93 3.95
C CYS A 53 6.42 1.40 3.86
N ASN A 54 6.31 0.74 4.98
CA ASN A 54 6.41 -0.74 5.00
C ASN A 54 5.25 -1.35 4.19
N TRP A 55 4.08 -0.79 4.36
CA TRP A 55 2.89 -1.32 3.62
C TRP A 55 3.11 -1.18 2.11
N PHE A 56 3.67 -0.08 1.70
CA PHE A 56 3.91 0.14 0.24
C PHE A 56 4.85 -0.93 -0.31
N ILE A 57 5.92 -1.20 0.38
CA ILE A 57 6.90 -2.20 -0.12
C ILE A 57 6.24 -3.58 -0.23
N ASN A 58 5.57 -4.00 0.80
CA ASN A 58 4.91 -5.34 0.77
C ASN A 58 3.65 -5.31 -0.10
N ALA A 59 2.85 -4.29 0.05
CA ALA A 59 1.58 -4.19 -0.74
C ALA A 59 1.87 -3.96 -2.22
N ARG A 60 2.68 -2.98 -2.53
CA ARG A 60 2.98 -2.70 -3.98
C ARG A 60 3.65 -3.92 -4.62
N ARG A 61 4.60 -4.50 -3.95
CA ARG A 61 5.31 -5.69 -4.51
C ARG A 61 4.33 -6.87 -4.62
N ARG A 62 3.43 -6.98 -3.69
CA ARG A 62 2.45 -8.12 -3.72
C ARG A 62 1.23 -7.75 -4.57
N LEU A 63 1.08 -6.50 -4.89
CA LEU A 63 -0.10 -6.06 -5.70
C LEU A 63 0.30 -5.91 -7.18
N LEU A 64 1.51 -5.54 -7.44
CA LEU A 64 1.95 -5.36 -8.85
C LEU A 64 1.78 -6.68 -9.63
N PRO A 65 2.25 -7.78 -9.09
CA PRO A 65 2.15 -9.08 -9.80
C PRO A 65 0.71 -9.42 -10.20
N ASP A 66 -0.18 -9.36 -9.26
CA ASP A 66 -1.61 -9.68 -9.53
C ASP A 66 -2.28 -8.51 -10.26
N MET A 67 -2.01 -7.31 -9.82
CA MET A 67 -2.63 -6.12 -10.46
C MET A 67 -2.21 -6.04 -11.94
N LEU A 68 -0.94 -6.19 -12.20
CA LEU A 68 -0.46 -6.12 -13.61
C LEU A 68 -1.05 -7.26 -14.43
N ARG A 69 -1.08 -8.44 -13.87
CA ARG A 69 -1.64 -9.60 -14.61
C ARG A 69 -3.13 -9.37 -14.85
N LYS A 70 -3.82 -8.86 -13.87
CA LYS A 70 -5.28 -8.60 -14.01
C LYS A 70 -5.52 -7.54 -15.09
N ASP A 71 -4.76 -6.47 -15.05
CA ASP A 71 -4.95 -5.40 -16.08
C ASP A 71 -3.66 -4.58 -16.19
N GLY A 72 -2.69 -5.09 -16.90
CA GLY A 72 -1.40 -4.37 -17.07
C GLY A 72 -1.61 -3.00 -17.72
N LYS A 73 -0.69 -2.62 -18.57
CA LYS A 73 -0.78 -1.30 -19.25
C LYS A 73 -2.19 -1.08 -19.80
N ASP A 74 -3.03 -0.45 -19.03
CA ASP A 74 -4.42 -0.19 -19.49
C ASP A 74 -5.00 0.97 -18.67
N PRO A 75 -4.61 2.19 -18.98
CA PRO A 75 -5.10 3.39 -18.27
C PRO A 75 -6.63 3.49 -18.29
N ASN A 76 -7.22 3.92 -17.23
CA ASN A 76 -8.71 4.04 -17.17
C ASN A 76 -9.10 4.92 -15.98
N GLN A 77 -8.54 4.64 -14.83
CA GLN A 77 -8.87 5.44 -13.61
C GLN A 77 -8.08 6.76 -13.61
N PHE A 78 -8.70 7.80 -13.11
CA PHE A 78 -8.02 9.14 -13.07
C PHE A 78 -6.72 9.05 -12.27
N THR A 79 -5.61 9.05 -12.95
CA THR A 79 -4.29 8.95 -12.26
C THR A 79 -3.77 10.35 -11.89
N ILE A 80 -2.83 10.39 -10.98
CA ILE A 80 -2.23 11.69 -10.50
C ILE A 80 -3.28 12.80 -10.50
N SER A 81 -4.53 12.45 -10.32
CA SER A 81 -5.62 13.47 -10.30
C SER A 81 -5.89 13.92 -8.86
N ARG A 82 -6.48 13.06 -8.07
CA ARG A 82 -6.78 13.41 -6.64
C ARG A 82 -5.46 13.51 -5.86
N ARG A 83 -4.37 13.27 -6.51
CA ARG A 83 -3.04 13.34 -5.83
C ARG A 83 -2.73 14.79 -5.44
N GLY A 84 -2.29 14.99 -4.23
CA GLY A 84 -1.94 16.35 -3.76
C GLY A 84 -3.23 17.12 -3.42
N ALA A 85 -4.25 16.40 -3.01
CA ALA A 85 -5.55 17.06 -2.67
C ALA A 85 -5.34 18.17 -1.64
N LYS A 86 -6.10 19.22 -1.76
CA LYS A 86 -5.96 20.37 -0.82
C LYS A 86 -6.65 20.04 0.51
N ILE A 87 -6.11 20.53 1.58
CA ILE A 87 -6.71 20.26 2.92
C ILE A 87 -7.67 21.39 3.29
N SER A 88 -7.72 22.40 2.48
CA SER A 88 -8.64 23.55 2.74
C SER A 88 -8.48 24.06 4.17
N GLU A 89 -9.18 25.11 4.49
CA GLU A 89 -9.09 25.69 5.87
C GLU A 89 -9.96 24.89 6.83
N MET A 1 1.85 -31.09 3.59
CA MET A 1 2.23 -29.77 4.17
C MET A 1 1.04 -29.21 4.97
N GLY A 2 0.07 -30.03 5.27
CA GLY A 2 -1.11 -29.55 6.04
C GLY A 2 -2.11 -28.86 5.12
N HIS A 3 -3.17 -28.34 5.67
CA HIS A 3 -4.22 -27.66 4.84
C HIS A 3 -4.09 -26.15 5.01
N HIS A 4 -3.92 -25.43 3.93
CA HIS A 4 -3.80 -23.95 4.02
C HIS A 4 -3.92 -23.33 2.62
N HIS A 5 -4.80 -22.38 2.45
CA HIS A 5 -4.94 -21.75 1.10
C HIS A 5 -5.46 -20.31 1.25
N HIS A 6 -4.73 -19.38 0.69
CA HIS A 6 -5.14 -17.94 0.76
C HIS A 6 -5.72 -17.59 2.14
N HIS A 7 -6.51 -16.54 2.20
CA HIS A 7 -7.12 -16.11 3.49
C HIS A 7 -6.09 -16.18 4.62
N HIS A 8 -5.36 -15.12 4.84
CA HIS A 8 -4.34 -15.11 5.93
C HIS A 8 -4.32 -13.73 6.61
N SER A 9 -5.07 -13.59 7.68
CA SER A 9 -5.12 -12.29 8.43
C SER A 9 -5.16 -11.10 7.45
N HIS A 10 -4.93 -9.92 7.97
CA HIS A 10 -4.96 -8.70 7.11
C HIS A 10 -3.99 -7.67 7.71
N MET A 11 -3.04 -8.12 8.49
CA MET A 11 -2.06 -7.19 9.12
C MET A 11 -2.74 -5.92 9.63
N LEU A 12 -2.73 -4.89 8.85
CA LEU A 12 -3.36 -3.61 9.28
C LEU A 12 -4.88 -3.69 9.08
N PRO A 13 -5.66 -2.98 9.87
CA PRO A 13 -7.14 -2.98 9.76
C PRO A 13 -7.64 -2.93 8.31
N LYS A 14 -8.79 -3.51 8.05
CA LYS A 14 -9.35 -3.51 6.68
C LYS A 14 -9.57 -2.06 6.21
N GLU A 15 -10.07 -1.23 7.06
CA GLU A 15 -10.32 0.19 6.65
C GLU A 15 -9.01 0.81 6.17
N SER A 16 -7.95 0.67 6.92
CA SER A 16 -6.64 1.24 6.50
C SER A 16 -6.20 0.59 5.18
N VAL A 17 -6.35 -0.70 5.07
CA VAL A 17 -5.94 -1.40 3.83
C VAL A 17 -6.81 -0.93 2.66
N GLN A 18 -8.09 -0.81 2.87
CA GLN A 18 -8.99 -0.35 1.77
C GLN A 18 -8.61 1.06 1.33
N ILE A 19 -8.39 1.95 2.27
CA ILE A 19 -8.03 3.35 1.89
C ILE A 19 -6.67 3.35 1.18
N LEU A 20 -5.72 2.66 1.72
CA LEU A 20 -4.37 2.63 1.08
C LEU A 20 -4.46 1.90 -0.26
N ARG A 21 -5.19 0.82 -0.31
CA ARG A 21 -5.33 0.06 -1.58
C ARG A 21 -5.99 0.94 -2.64
N ASP A 22 -6.98 1.70 -2.26
CA ASP A 22 -7.67 2.58 -3.24
C ASP A 22 -6.65 3.54 -3.86
N TRP A 23 -5.83 4.16 -3.05
CA TRP A 23 -4.82 5.10 -3.58
C TRP A 23 -3.86 4.34 -4.51
N LEU A 24 -3.39 3.21 -4.08
CA LEU A 24 -2.46 2.42 -4.93
C LEU A 24 -3.20 1.97 -6.20
N TYR A 25 -4.43 1.57 -6.06
CA TYR A 25 -5.20 1.12 -7.25
C TYR A 25 -5.30 2.26 -8.26
N GLU A 26 -5.64 3.43 -7.81
CA GLU A 26 -5.76 4.60 -8.73
C GLU A 26 -4.37 4.95 -9.29
N HIS A 27 -3.36 4.86 -8.46
CA HIS A 27 -1.98 5.19 -8.92
C HIS A 27 -1.21 3.90 -9.18
N ARG A 28 -1.91 2.83 -9.45
CA ARG A 28 -1.23 1.53 -9.72
C ARG A 28 -0.15 1.76 -10.79
N TYR A 29 -0.31 2.76 -11.60
CA TYR A 29 0.70 3.04 -12.65
C TYR A 29 1.93 3.71 -12.02
N ASN A 30 2.00 5.01 -12.08
CA ASN A 30 3.18 5.71 -11.51
C ASN A 30 3.00 5.88 -9.99
N ALA A 31 3.83 5.21 -9.23
CA ALA A 31 3.74 5.32 -7.75
C ALA A 31 5.10 4.95 -7.15
N TYR A 32 6.01 5.90 -7.09
CA TYR A 32 7.37 5.61 -6.52
C TYR A 32 7.43 6.06 -5.06
N PRO A 33 8.24 5.43 -4.25
CA PRO A 33 8.37 5.79 -2.80
C PRO A 33 8.97 7.18 -2.61
N SER A 34 8.30 8.03 -1.89
CA SER A 34 8.84 9.40 -1.66
C SER A 34 8.19 10.01 -0.41
N GLU A 35 8.78 11.03 0.13
CA GLU A 35 8.20 11.67 1.36
C GLU A 35 6.85 12.29 1.00
N GLN A 36 6.72 12.83 -0.18
CA GLN A 36 5.42 13.46 -0.57
C GLN A 36 4.33 12.40 -0.61
N GLU A 37 4.59 11.27 -1.20
CA GLU A 37 3.56 10.20 -1.27
C GLU A 37 3.30 9.65 0.13
N LYS A 38 4.34 9.41 0.88
CA LYS A 38 4.16 8.88 2.26
C LYS A 38 3.39 9.89 3.10
N ALA A 39 3.73 11.15 2.97
CA ALA A 39 3.03 12.19 3.78
C ALA A 39 1.55 12.24 3.39
N LEU A 40 1.25 12.16 2.12
CA LEU A 40 -0.18 12.21 1.69
C LEU A 40 -0.92 11.00 2.27
N LEU A 41 -0.33 9.84 2.19
CA LEU A 41 -0.99 8.62 2.73
C LEU A 41 -1.15 8.75 4.24
N SER A 42 -0.16 9.28 4.91
CA SER A 42 -0.26 9.43 6.40
C SER A 42 -1.45 10.32 6.73
N GLN A 43 -1.63 11.38 6.00
CA GLN A 43 -2.79 12.29 6.28
C GLN A 43 -4.10 11.53 6.06
N GLN A 44 -4.16 10.73 5.03
CA GLN A 44 -5.41 9.97 4.75
C GLN A 44 -5.68 8.96 5.87
N THR A 45 -4.66 8.30 6.33
CA THR A 45 -4.83 7.28 7.42
C THR A 45 -4.29 7.83 8.74
N HIS A 46 -4.08 6.96 9.69
CA HIS A 46 -3.55 7.39 11.03
C HIS A 46 -2.36 6.51 11.40
N LEU A 47 -1.54 6.17 10.43
CA LEU A 47 -0.34 5.30 10.69
C LEU A 47 0.93 6.12 10.51
N SER A 48 1.97 5.76 11.22
CA SER A 48 3.26 6.51 11.12
C SER A 48 3.94 6.20 9.79
N THR A 49 4.96 6.95 9.47
CA THR A 49 5.68 6.72 8.19
C THR A 49 6.37 5.36 8.23
N LEU A 50 6.80 4.93 9.38
CA LEU A 50 7.49 3.60 9.47
C LEU A 50 6.52 2.50 9.03
N GLN A 51 5.30 2.55 9.51
CA GLN A 51 4.31 1.51 9.12
C GLN A 51 3.96 1.66 7.63
N VAL A 52 3.79 2.86 7.16
CA VAL A 52 3.44 3.08 5.74
C VAL A 52 4.58 2.59 4.84
N CYS A 53 5.79 2.91 5.18
CA CYS A 53 6.94 2.48 4.32
C CYS A 53 6.99 0.96 4.24
N ASN A 54 6.98 0.29 5.36
CA ASN A 54 7.03 -1.21 5.33
C ASN A 54 5.78 -1.76 4.66
N TRP A 55 4.63 -1.21 4.98
CA TRP A 55 3.36 -1.70 4.38
C TRP A 55 3.34 -1.40 2.89
N PHE A 56 3.77 -0.23 2.50
CA PHE A 56 3.76 0.13 1.06
C PHE A 56 4.63 -0.84 0.26
N ILE A 57 5.82 -1.11 0.73
CA ILE A 57 6.72 -2.04 -0.02
C ILE A 57 6.10 -3.44 -0.07
N ASN A 58 5.60 -3.92 1.04
CA ASN A 58 4.99 -5.28 1.06
C ASN A 58 3.65 -5.28 0.31
N ALA A 59 2.81 -4.33 0.61
CA ALA A 59 1.48 -4.26 -0.06
C ALA A 59 1.68 -4.01 -1.57
N ARG A 60 2.54 -3.11 -1.91
CA ARG A 60 2.78 -2.83 -3.35
C ARG A 60 3.39 -4.06 -4.02
N ARG A 61 4.31 -4.70 -3.35
CA ARG A 61 4.96 -5.90 -3.95
C ARG A 61 3.93 -7.04 -4.07
N ARG A 62 2.84 -6.96 -3.34
CA ARG A 62 1.81 -8.04 -3.40
C ARG A 62 0.57 -7.57 -4.20
N LEU A 63 0.37 -6.27 -4.29
CA LEU A 63 -0.82 -5.75 -5.03
C LEU A 63 -0.41 -5.21 -6.42
N LEU A 64 0.80 -4.76 -6.55
CA LEU A 64 1.24 -4.21 -7.88
C LEU A 64 1.37 -5.32 -8.92
N PRO A 65 1.82 -6.50 -8.55
CA PRO A 65 1.97 -7.62 -9.52
C PRO A 65 0.64 -7.98 -10.20
N ASP A 66 -0.39 -8.12 -9.41
CA ASP A 66 -1.73 -8.45 -9.97
C ASP A 66 -2.22 -7.32 -10.88
N MET A 67 -2.10 -6.09 -10.43
CA MET A 67 -2.58 -4.96 -11.26
C MET A 67 -1.79 -4.90 -12.58
N LEU A 68 -0.49 -5.03 -12.51
CA LEU A 68 0.31 -4.98 -13.76
C LEU A 68 -0.05 -6.17 -14.66
N ARG A 69 -0.16 -7.33 -14.10
CA ARG A 69 -0.53 -8.52 -14.93
C ARG A 69 -1.97 -8.39 -15.42
N LYS A 70 -2.83 -7.86 -14.59
CA LYS A 70 -4.26 -7.70 -14.98
C LYS A 70 -4.35 -6.78 -16.21
N ASP A 71 -3.65 -5.68 -16.19
CA ASP A 71 -3.71 -4.75 -17.35
C ASP A 71 -2.70 -5.20 -18.41
N GLY A 72 -1.86 -6.15 -18.09
CA GLY A 72 -0.86 -6.63 -19.07
C GLY A 72 0.17 -5.53 -19.33
N LYS A 73 -0.06 -4.36 -18.78
CA LYS A 73 0.90 -3.23 -19.00
C LYS A 73 2.02 -3.29 -17.97
N ASP A 74 3.22 -2.97 -18.37
CA ASP A 74 4.39 -2.99 -17.45
C ASP A 74 5.24 -1.73 -17.68
N PRO A 75 4.82 -0.61 -17.17
CA PRO A 75 5.57 0.67 -17.34
C PRO A 75 6.78 0.74 -16.42
N ASN A 76 7.96 0.85 -16.99
CA ASN A 76 9.19 0.91 -16.15
C ASN A 76 9.46 2.36 -15.72
N GLN A 77 9.36 2.62 -14.44
CA GLN A 77 9.62 4.00 -13.93
C GLN A 77 10.13 3.92 -12.48
N PHE A 78 9.46 3.17 -11.63
CA PHE A 78 9.93 3.08 -10.22
C PHE A 78 11.02 2.01 -10.12
N THR A 79 12.23 2.43 -9.82
CA THR A 79 13.36 1.46 -9.71
C THR A 79 13.60 1.13 -8.24
N ILE A 80 13.06 1.91 -7.35
CA ILE A 80 13.26 1.65 -5.90
C ILE A 80 12.46 0.41 -5.49
N SER A 81 11.72 -0.15 -6.41
CA SER A 81 10.91 -1.35 -6.08
C SER A 81 11.78 -2.61 -6.07
N ARG A 82 11.25 -3.69 -5.56
CA ARG A 82 12.03 -4.96 -5.49
C ARG A 82 11.96 -5.67 -6.85
N ARG A 83 11.12 -5.20 -7.74
CA ARG A 83 11.00 -5.87 -9.08
C ARG A 83 11.91 -5.12 -10.07
N GLY A 84 12.51 -4.05 -9.64
CA GLY A 84 13.37 -3.24 -10.55
C GLY A 84 14.80 -3.80 -10.53
N ALA A 85 15.52 -3.58 -9.46
CA ALA A 85 16.92 -4.07 -9.38
C ALA A 85 16.92 -5.60 -9.33
N LYS A 86 17.86 -6.21 -9.98
CA LYS A 86 17.94 -7.71 -9.98
C LYS A 86 18.71 -8.17 -8.74
N ILE A 87 18.22 -9.17 -8.05
CA ILE A 87 18.91 -9.69 -6.83
C ILE A 87 19.25 -11.17 -7.05
N SER A 88 18.82 -11.73 -8.14
CA SER A 88 19.12 -13.16 -8.42
C SER A 88 18.92 -13.45 -9.90
N GLU A 89 19.92 -13.99 -10.55
CA GLU A 89 19.79 -14.29 -12.00
C GLU A 89 19.04 -15.61 -12.19
N MET A 1 1.84 -24.08 10.93
CA MET A 1 2.08 -22.69 10.47
C MET A 1 1.26 -22.40 9.21
N GLY A 2 1.19 -21.14 8.83
CA GLY A 2 0.41 -20.77 7.62
C GLY A 2 -1.08 -20.69 7.98
N HIS A 3 -1.41 -20.98 9.21
CA HIS A 3 -2.84 -20.92 9.64
C HIS A 3 -3.16 -19.54 10.22
N HIS A 4 -4.42 -19.22 10.34
CA HIS A 4 -4.81 -17.90 10.89
C HIS A 4 -4.40 -17.79 12.36
N HIS A 5 -3.59 -16.82 12.68
CA HIS A 5 -3.15 -16.63 14.08
C HIS A 5 -2.41 -15.29 14.19
N HIS A 6 -1.34 -15.13 13.45
CA HIS A 6 -0.58 -13.86 13.49
C HIS A 6 -1.42 -12.72 12.91
N HIS A 7 -2.06 -12.94 11.81
CA HIS A 7 -2.90 -11.86 11.20
C HIS A 7 -3.99 -12.47 10.33
N HIS A 8 -4.98 -11.69 9.98
CA HIS A 8 -6.10 -12.21 9.14
C HIS A 8 -5.69 -12.30 7.67
N SER A 9 -6.62 -12.13 6.78
CA SER A 9 -6.31 -12.18 5.32
C SER A 9 -5.61 -10.89 4.91
N HIS A 10 -5.47 -9.96 5.81
CA HIS A 10 -4.79 -8.68 5.46
C HIS A 10 -4.04 -8.13 6.68
N MET A 11 -3.08 -7.29 6.45
CA MET A 11 -2.29 -6.70 7.57
C MET A 11 -3.03 -5.49 8.16
N LEU A 12 -2.99 -4.39 7.47
CA LEU A 12 -3.66 -3.17 7.97
C LEU A 12 -5.18 -3.29 7.76
N PRO A 13 -5.98 -2.66 8.59
CA PRO A 13 -7.46 -2.69 8.47
C PRO A 13 -7.96 -2.52 7.01
N LYS A 14 -9.19 -2.89 6.76
CA LYS A 14 -9.74 -2.77 5.39
C LYS A 14 -9.75 -1.30 4.95
N GLU A 15 -10.12 -0.41 5.83
CA GLU A 15 -10.15 1.04 5.47
C GLU A 15 -8.75 1.52 5.04
N SER A 16 -7.75 1.20 5.82
CA SER A 16 -6.37 1.63 5.45
C SER A 16 -5.94 0.92 4.17
N VAL A 17 -6.24 -0.33 4.04
CA VAL A 17 -5.86 -1.09 2.82
C VAL A 17 -6.55 -0.45 1.59
N GLN A 18 -7.80 -0.15 1.71
CA GLN A 18 -8.54 0.46 0.58
C GLN A 18 -7.92 1.82 0.22
N ILE A 19 -7.70 2.65 1.20
CA ILE A 19 -7.10 3.99 0.91
C ILE A 19 -5.67 3.82 0.39
N LEU A 20 -4.88 3.01 1.04
CA LEU A 20 -3.48 2.80 0.59
C LEU A 20 -3.47 2.10 -0.77
N ARG A 21 -4.31 1.13 -0.93
CA ARG A 21 -4.39 0.41 -2.24
C ARG A 21 -4.89 1.36 -3.33
N ASP A 22 -5.83 2.19 -2.99
CA ASP A 22 -6.38 3.15 -3.99
C ASP A 22 -5.24 3.93 -4.63
N TRP A 23 -4.34 4.43 -3.82
CA TRP A 23 -3.21 5.22 -4.39
C TRP A 23 -2.52 4.41 -5.50
N LEU A 24 -2.09 3.23 -5.19
CA LEU A 24 -1.40 2.37 -6.20
C LEU A 24 -2.37 2.06 -7.34
N TYR A 25 -3.61 1.83 -7.03
CA TYR A 25 -4.60 1.52 -8.09
C TYR A 25 -4.65 2.67 -9.10
N GLU A 26 -4.62 3.88 -8.62
CA GLU A 26 -4.67 5.06 -9.53
C GLU A 26 -3.47 5.01 -10.47
N HIS A 27 -2.31 4.71 -9.95
CA HIS A 27 -1.10 4.64 -10.82
C HIS A 27 -0.19 3.51 -10.33
N ARG A 28 -0.51 2.30 -10.71
CA ARG A 28 0.32 1.14 -10.27
C ARG A 28 1.75 1.30 -10.80
N TYR A 29 1.89 1.74 -12.01
CA TYR A 29 3.24 1.93 -12.60
C TYR A 29 3.91 3.17 -12.02
N ASN A 30 3.52 4.33 -12.48
CA ASN A 30 4.13 5.59 -11.99
C ASN A 30 3.67 5.85 -10.55
N ALA A 31 4.02 4.96 -9.65
CA ALA A 31 3.62 5.14 -8.22
C ALA A 31 4.74 5.88 -7.46
N TYR A 32 5.46 5.17 -6.63
CA TYR A 32 6.55 5.79 -5.84
C TYR A 32 6.11 7.16 -5.31
N PRO A 33 5.18 7.18 -4.39
CA PRO A 33 4.66 8.44 -3.78
C PRO A 33 5.75 9.25 -3.10
N SER A 34 5.66 10.56 -3.18
CA SER A 34 6.69 11.42 -2.54
C SER A 34 6.49 11.48 -1.03
N GLU A 35 7.38 12.14 -0.35
CA GLU A 35 7.28 12.27 1.14
C GLU A 35 5.95 12.94 1.50
N GLN A 36 5.44 13.75 0.63
CA GLN A 36 4.15 14.46 0.91
C GLN A 36 3.02 13.42 1.04
N GLU A 37 3.01 12.44 0.19
CA GLU A 37 1.95 11.40 0.25
C GLU A 37 2.16 10.51 1.48
N LYS A 38 3.39 10.22 1.80
CA LYS A 38 3.67 9.35 2.98
C LYS A 38 3.14 10.03 4.25
N ALA A 39 3.41 11.29 4.41
CA ALA A 39 2.93 12.01 5.61
C ALA A 39 1.41 12.17 5.53
N LEU A 40 0.90 12.39 4.35
CA LEU A 40 -0.58 12.56 4.21
C LEU A 40 -1.27 11.26 4.59
N LEU A 41 -0.79 10.15 4.13
CA LEU A 41 -1.41 8.84 4.48
C LEU A 41 -1.30 8.61 5.97
N SER A 42 -0.16 8.93 6.53
CA SER A 42 0.03 8.73 8.00
C SER A 42 -0.96 9.63 8.75
N GLN A 43 -1.22 10.79 8.22
CA GLN A 43 -2.17 11.73 8.89
C GLN A 43 -3.59 11.18 8.74
N GLN A 44 -3.94 10.72 7.57
CA GLN A 44 -5.30 10.17 7.35
C GLN A 44 -5.48 8.89 8.18
N THR A 45 -4.50 8.03 8.18
CA THR A 45 -4.60 6.77 8.95
C THR A 45 -3.96 6.94 10.32
N HIS A 46 -4.18 6.00 11.18
CA HIS A 46 -3.60 6.06 12.55
C HIS A 46 -2.25 5.32 12.57
N LEU A 47 -1.75 4.97 11.41
CA LEU A 47 -0.44 4.24 11.36
C LEU A 47 0.71 5.24 11.22
N SER A 48 1.87 4.85 11.65
CA SER A 48 3.05 5.76 11.58
C SER A 48 3.58 5.85 10.15
N THR A 49 4.42 6.83 9.89
CA THR A 49 5.00 7.00 8.53
C THR A 49 5.86 5.78 8.19
N LEU A 50 6.63 5.31 9.12
CA LEU A 50 7.50 4.13 8.82
C LEU A 50 6.63 2.94 8.44
N GLN A 51 5.54 2.75 9.12
CA GLN A 51 4.64 1.60 8.80
C GLN A 51 4.09 1.78 7.38
N VAL A 52 3.76 2.99 7.02
CA VAL A 52 3.22 3.24 5.66
C VAL A 52 4.29 2.92 4.61
N CYS A 53 5.50 3.34 4.86
CA CYS A 53 6.60 3.07 3.89
C CYS A 53 6.84 1.56 3.77
N ASN A 54 6.86 0.88 4.89
CA ASN A 54 7.09 -0.59 4.85
C ASN A 54 5.91 -1.26 4.14
N TRP A 55 4.72 -0.81 4.41
CA TRP A 55 3.52 -1.41 3.75
C TRP A 55 3.56 -1.09 2.25
N PHE A 56 4.00 0.09 1.90
CA PHE A 56 4.07 0.48 0.47
C PHE A 56 5.01 -0.46 -0.29
N ILE A 57 6.16 -0.74 0.27
CA ILE A 57 7.12 -1.64 -0.43
C ILE A 57 6.52 -3.04 -0.59
N ASN A 58 6.00 -3.59 0.48
CA ASN A 58 5.40 -4.95 0.42
C ASN A 58 4.11 -4.92 -0.41
N ALA A 59 3.30 -3.92 -0.22
CA ALA A 59 2.02 -3.83 -0.98
C ALA A 59 2.31 -3.60 -2.47
N ARG A 60 3.28 -2.80 -2.76
CA ARG A 60 3.60 -2.51 -4.19
C ARG A 60 4.08 -3.80 -4.88
N ARG A 61 4.94 -4.54 -4.22
CA ARG A 61 5.46 -5.80 -4.82
C ARG A 61 4.45 -6.93 -4.65
N ARG A 62 3.42 -6.72 -3.86
CA ARG A 62 2.39 -7.79 -3.64
C ARG A 62 1.12 -7.47 -4.45
N LEU A 63 0.89 -6.22 -4.73
CA LEU A 63 -0.33 -5.84 -5.50
C LEU A 63 -0.09 -5.90 -7.01
N LEU A 64 0.99 -5.32 -7.46
CA LEU A 64 1.27 -5.32 -8.93
C LEU A 64 1.11 -6.73 -9.53
N PRO A 65 1.74 -7.73 -8.97
CA PRO A 65 1.65 -9.11 -9.52
C PRO A 65 0.20 -9.58 -9.66
N ASP A 66 -0.58 -9.37 -8.65
CA ASP A 66 -2.01 -9.81 -8.69
C ASP A 66 -2.83 -8.86 -9.58
N MET A 67 -2.66 -7.58 -9.39
CA MET A 67 -3.45 -6.60 -10.20
C MET A 67 -3.09 -6.72 -11.68
N LEU A 68 -1.83 -6.85 -11.98
CA LEU A 68 -1.41 -6.97 -13.42
C LEU A 68 -1.97 -8.27 -14.01
N ARG A 69 -1.90 -9.33 -13.27
CA ARG A 69 -2.43 -10.63 -13.79
C ARG A 69 -3.95 -10.61 -13.75
N LYS A 70 -4.51 -9.82 -12.88
CA LYS A 70 -6.00 -9.75 -12.78
C LYS A 70 -6.58 -9.22 -14.10
N ASP A 71 -6.00 -8.18 -14.63
CA ASP A 71 -6.50 -7.60 -15.92
C ASP A 71 -5.31 -7.29 -16.83
N GLY A 72 -4.24 -6.79 -16.26
CA GLY A 72 -3.04 -6.46 -17.08
C GLY A 72 -3.34 -5.23 -17.94
N LYS A 73 -4.40 -4.53 -17.63
CA LYS A 73 -4.78 -3.32 -18.41
C LYS A 73 -4.09 -2.08 -17.84
N ASP A 74 -4.01 -1.02 -18.61
CA ASP A 74 -3.37 0.23 -18.12
C ASP A 74 -4.26 1.43 -18.47
N PRO A 75 -5.40 1.53 -17.84
CA PRO A 75 -6.36 2.64 -18.08
C PRO A 75 -5.95 3.93 -17.36
N ASN A 76 -6.18 3.98 -16.07
CA ASN A 76 -5.82 5.19 -15.29
C ASN A 76 -4.31 5.27 -15.11
N GLN A 77 -3.69 6.22 -15.76
CA GLN A 77 -2.22 6.40 -15.64
C GLN A 77 -1.93 7.86 -15.33
N PHE A 78 -2.41 8.33 -14.21
CA PHE A 78 -2.20 9.75 -13.83
C PHE A 78 -0.86 9.91 -13.11
N THR A 79 -0.18 11.00 -13.34
CA THR A 79 1.14 11.23 -12.69
C THR A 79 1.08 10.84 -11.20
N ILE A 80 0.86 11.80 -10.34
CA ILE A 80 0.78 11.51 -8.88
C ILE A 80 -0.69 11.48 -8.45
N SER A 81 -1.49 12.33 -9.05
CA SER A 81 -2.95 12.36 -8.70
C SER A 81 -3.11 12.42 -7.18
N ARG A 82 -2.97 13.59 -6.61
CA ARG A 82 -3.11 13.73 -5.13
C ARG A 82 -4.54 14.17 -4.78
N ARG A 83 -5.20 13.41 -3.94
CA ARG A 83 -6.59 13.76 -3.54
C ARG A 83 -6.58 15.04 -2.71
N GLY A 84 -5.58 15.21 -1.88
CA GLY A 84 -5.50 16.44 -1.03
C GLY A 84 -6.20 16.20 0.30
N ALA A 85 -7.50 16.04 0.27
CA ALA A 85 -8.27 15.80 1.53
C ALA A 85 -7.98 16.94 2.51
N LYS A 86 -7.23 17.93 2.09
CA LYS A 86 -6.91 19.07 2.98
C LYS A 86 -8.05 20.10 2.96
N ILE A 87 -8.36 20.65 4.10
CA ILE A 87 -9.46 21.64 4.16
C ILE A 87 -8.96 23.01 3.69
N SER A 88 -9.71 23.63 2.81
CA SER A 88 -9.33 24.97 2.28
C SER A 88 -8.18 24.85 1.29
N GLU A 89 -8.28 25.54 0.19
CA GLU A 89 -7.21 25.49 -0.84
C GLU A 89 -6.05 26.38 -0.42
N MET A 1 -16.01 -1.89 20.31
CA MET A 1 -15.33 -2.32 19.05
C MET A 1 -14.20 -3.30 19.39
N GLY A 2 -14.28 -4.49 18.88
CA GLY A 2 -13.21 -5.50 19.15
C GLY A 2 -13.43 -6.17 20.50
N HIS A 3 -12.62 -7.15 20.83
CA HIS A 3 -12.77 -7.86 22.13
C HIS A 3 -11.99 -7.12 23.23
N HIS A 4 -12.61 -6.91 24.36
CA HIS A 4 -11.92 -6.21 25.47
C HIS A 4 -10.77 -7.07 25.99
N HIS A 5 -10.95 -8.36 26.06
CA HIS A 5 -9.86 -9.25 26.58
C HIS A 5 -8.63 -9.13 25.69
N HIS A 6 -8.80 -9.15 24.39
CA HIS A 6 -7.61 -9.03 23.49
C HIS A 6 -8.08 -8.77 22.06
N HIS A 7 -7.59 -7.73 21.44
CA HIS A 7 -8.00 -7.39 20.05
C HIS A 7 -7.27 -8.29 19.05
N HIS A 8 -7.76 -8.38 17.84
CA HIS A 8 -7.11 -9.25 16.81
C HIS A 8 -7.01 -8.50 15.48
N SER A 9 -5.92 -8.66 14.77
CA SER A 9 -5.75 -7.96 13.47
C SER A 9 -4.57 -8.58 12.71
N HIS A 10 -4.78 -8.98 11.50
CA HIS A 10 -3.68 -9.59 10.71
C HIS A 10 -2.53 -8.58 10.54
N MET A 11 -2.85 -7.34 10.28
CA MET A 11 -1.79 -6.31 10.10
C MET A 11 -2.32 -4.94 10.49
N LEU A 12 -2.36 -4.02 9.57
CA LEU A 12 -2.88 -2.66 9.87
C LEU A 12 -4.41 -2.65 9.72
N PRO A 13 -5.11 -1.80 10.45
CA PRO A 13 -6.60 -1.72 10.36
C PRO A 13 -7.10 -1.76 8.90
N LYS A 14 -8.25 -2.35 8.70
CA LYS A 14 -8.82 -2.44 7.32
C LYS A 14 -9.08 -1.02 6.78
N GLU A 15 -9.54 -0.13 7.61
CA GLU A 15 -9.82 1.25 7.14
C GLU A 15 -8.54 1.88 6.56
N SER A 16 -7.45 1.78 7.27
CA SER A 16 -6.18 2.37 6.75
C SER A 16 -5.75 1.62 5.49
N VAL A 17 -5.90 0.33 5.48
CA VAL A 17 -5.52 -0.47 4.28
C VAL A 17 -6.43 -0.12 3.11
N GLN A 18 -7.70 0.02 3.34
CA GLN A 18 -8.64 0.36 2.25
C GLN A 18 -8.19 1.65 1.56
N ILE A 19 -7.82 2.64 2.33
CA ILE A 19 -7.37 3.93 1.72
C ILE A 19 -6.09 3.68 0.91
N LEU A 20 -5.17 2.95 1.47
CA LEU A 20 -3.89 2.68 0.75
C LEU A 20 -4.16 1.82 -0.50
N ARG A 21 -5.00 0.84 -0.37
CA ARG A 21 -5.33 -0.04 -1.53
C ARG A 21 -6.04 0.77 -2.62
N ASP A 22 -6.95 1.61 -2.22
CA ASP A 22 -7.70 2.42 -3.22
C ASP A 22 -6.71 3.28 -4.01
N TRP A 23 -5.69 3.77 -3.37
CA TRP A 23 -4.70 4.62 -4.08
C TRP A 23 -4.06 3.82 -5.22
N LEU A 24 -3.68 2.59 -4.96
CA LEU A 24 -3.03 1.77 -6.03
C LEU A 24 -4.04 1.49 -7.16
N TYR A 25 -5.25 1.13 -6.81
CA TYR A 25 -6.27 0.85 -7.85
C TYR A 25 -6.58 2.12 -8.62
N GLU A 26 -6.75 3.21 -7.93
CA GLU A 26 -7.06 4.50 -8.61
C GLU A 26 -5.82 4.98 -9.37
N HIS A 27 -4.65 4.69 -8.86
CA HIS A 27 -3.40 5.13 -9.54
C HIS A 27 -2.40 3.96 -9.59
N ARG A 28 -2.80 2.87 -10.20
CA ARG A 28 -1.89 1.69 -10.30
C ARG A 28 -0.73 2.04 -11.22
N TYR A 29 -1.00 2.72 -12.30
CA TYR A 29 0.08 3.09 -13.26
C TYR A 29 0.97 4.15 -12.62
N ASN A 30 0.37 5.12 -11.98
CA ASN A 30 1.17 6.21 -11.34
C ASN A 30 1.46 5.80 -9.88
N ALA A 31 1.81 4.56 -9.68
CA ALA A 31 2.12 4.09 -8.30
C ALA A 31 3.62 4.24 -8.03
N TYR A 32 4.05 5.45 -7.73
CA TYR A 32 5.50 5.70 -7.46
C TYR A 32 5.67 6.08 -5.98
N PRO A 33 6.00 5.15 -5.12
CA PRO A 33 6.16 5.42 -3.65
C PRO A 33 7.11 6.59 -3.38
N SER A 34 6.74 7.45 -2.47
CA SER A 34 7.61 8.62 -2.14
C SER A 34 7.26 9.15 -0.75
N GLU A 35 8.11 9.94 -0.18
CA GLU A 35 7.84 10.50 1.17
C GLU A 35 6.67 11.49 1.08
N GLN A 36 6.59 12.23 0.01
CA GLN A 36 5.48 13.21 -0.14
C GLN A 36 4.15 12.46 -0.25
N GLU A 37 4.13 11.39 -0.99
CA GLU A 37 2.88 10.60 -1.17
C GLU A 37 2.54 9.90 0.15
N LYS A 38 3.50 9.25 0.75
CA LYS A 38 3.25 8.56 2.04
C LYS A 38 2.87 9.57 3.11
N ALA A 39 3.51 10.70 3.11
CA ALA A 39 3.19 11.74 4.12
C ALA A 39 1.70 12.09 4.05
N LEU A 40 1.20 12.31 2.86
CA LEU A 40 -0.25 12.63 2.72
C LEU A 40 -1.09 11.45 3.19
N LEU A 41 -0.71 10.26 2.81
CA LEU A 41 -1.47 9.06 3.23
C LEU A 41 -1.40 8.92 4.75
N SER A 42 -0.27 9.15 5.33
CA SER A 42 -0.13 9.03 6.80
C SER A 42 -1.08 10.01 7.48
N GLN A 43 -1.26 11.18 6.92
CA GLN A 43 -2.17 12.19 7.55
C GLN A 43 -3.60 11.67 7.52
N GLN A 44 -3.99 11.05 6.45
CA GLN A 44 -5.38 10.52 6.34
C GLN A 44 -5.61 9.43 7.40
N THR A 45 -4.64 8.57 7.61
CA THR A 45 -4.78 7.48 8.60
C THR A 45 -4.09 7.86 9.90
N HIS A 46 -4.31 7.10 10.92
CA HIS A 46 -3.67 7.37 12.24
C HIS A 46 -2.45 6.46 12.40
N LEU A 47 -1.79 6.13 11.31
CA LEU A 47 -0.59 5.23 11.37
C LEU A 47 0.66 6.05 11.08
N SER A 48 1.79 5.62 11.57
CA SER A 48 3.05 6.37 11.36
C SER A 48 3.60 6.16 9.95
N THR A 49 4.55 6.96 9.57
CA THR A 49 5.16 6.84 8.21
C THR A 49 5.84 5.47 8.08
N LEU A 50 6.51 5.03 9.11
CA LEU A 50 7.21 3.73 9.03
C LEU A 50 6.20 2.62 8.72
N GLN A 51 5.05 2.65 9.35
CA GLN A 51 4.04 1.60 9.09
C GLN A 51 3.55 1.70 7.64
N VAL A 52 3.32 2.89 7.16
CA VAL A 52 2.84 3.05 5.75
C VAL A 52 3.93 2.58 4.77
N CYS A 53 5.16 2.95 5.01
CA CYS A 53 6.26 2.53 4.10
C CYS A 53 6.33 0.99 4.05
N ASN A 54 6.22 0.35 5.18
CA ASN A 54 6.28 -1.14 5.21
C ASN A 54 5.10 -1.72 4.43
N TRP A 55 3.94 -1.13 4.57
CA TRP A 55 2.75 -1.65 3.85
C TRP A 55 2.96 -1.53 2.34
N PHE A 56 3.51 -0.45 1.88
CA PHE A 56 3.75 -0.28 0.42
C PHE A 56 4.72 -1.36 -0.07
N ILE A 57 5.77 -1.62 0.66
CA ILE A 57 6.74 -2.63 0.21
C ILE A 57 6.08 -4.00 0.09
N ASN A 58 5.32 -4.39 1.08
CA ASN A 58 4.64 -5.72 1.01
C ASN A 58 3.42 -5.66 0.10
N ALA A 59 2.58 -4.68 0.31
CA ALA A 59 1.35 -4.55 -0.53
C ALA A 59 1.74 -4.42 -2.00
N ARG A 60 2.69 -3.58 -2.31
CA ARG A 60 3.09 -3.40 -3.73
C ARG A 60 3.66 -4.71 -4.28
N ARG A 61 4.46 -5.39 -3.51
CA ARG A 61 5.07 -6.66 -3.98
C ARG A 61 3.98 -7.72 -4.18
N ARG A 62 2.80 -7.51 -3.64
CA ARG A 62 1.70 -8.52 -3.80
C ARG A 62 0.56 -7.92 -4.62
N LEU A 63 0.62 -6.65 -4.93
CA LEU A 63 -0.48 -5.99 -5.73
C LEU A 63 0.04 -5.56 -7.11
N LEU A 64 0.99 -4.68 -7.15
CA LEU A 64 1.51 -4.18 -8.45
C LEU A 64 1.69 -5.35 -9.45
N PRO A 65 2.42 -6.37 -9.09
CA PRO A 65 2.63 -7.52 -10.01
C PRO A 65 1.32 -8.04 -10.61
N ASP A 66 0.32 -8.21 -9.78
CA ASP A 66 -0.99 -8.70 -10.28
C ASP A 66 -1.61 -7.69 -11.24
N MET A 67 -1.61 -6.44 -10.86
CA MET A 67 -2.21 -5.39 -11.73
C MET A 67 -1.41 -5.27 -13.04
N LEU A 68 -0.11 -5.26 -12.95
CA LEU A 68 0.73 -5.13 -14.18
C LEU A 68 0.55 -6.36 -15.07
N ARG A 69 0.49 -7.52 -14.48
CA ARG A 69 0.33 -8.76 -15.30
C ARG A 69 -1.04 -8.76 -15.98
N LYS A 70 -2.07 -8.41 -15.26
CA LYS A 70 -3.43 -8.39 -15.86
C LYS A 70 -3.54 -7.23 -16.86
N ASP A 71 -3.16 -6.05 -16.44
CA ASP A 71 -3.23 -4.88 -17.36
C ASP A 71 -2.24 -5.08 -18.52
N GLY A 72 -1.06 -5.54 -18.22
CA GLY A 72 -0.05 -5.76 -19.28
C GLY A 72 0.34 -4.41 -19.90
N LYS A 73 0.83 -3.50 -19.10
CA LYS A 73 1.22 -2.15 -19.63
C LYS A 73 2.65 -1.83 -19.16
N ASP A 74 3.55 -2.77 -19.33
CA ASP A 74 4.96 -2.55 -18.92
C ASP A 74 5.03 -2.32 -17.40
N PRO A 75 6.13 -2.67 -16.78
CA PRO A 75 6.32 -2.48 -15.31
C PRO A 75 6.31 -0.99 -14.91
N ASN A 76 5.74 -0.68 -13.79
CA ASN A 76 5.69 0.74 -13.33
C ASN A 76 6.86 1.04 -12.41
N GLN A 77 6.93 2.24 -11.91
CA GLN A 77 8.05 2.61 -11.00
C GLN A 77 7.77 2.10 -9.59
N PHE A 78 8.49 1.10 -9.16
CA PHE A 78 8.29 0.54 -7.79
C PHE A 78 9.50 0.92 -6.93
N THR A 79 10.36 1.77 -7.45
CA THR A 79 11.56 2.18 -6.68
C THR A 79 11.14 2.91 -5.41
N ILE A 80 11.65 2.50 -4.27
CA ILE A 80 11.28 3.17 -2.99
C ILE A 80 12.28 4.28 -2.68
N SER A 81 11.78 5.44 -2.31
CA SER A 81 12.69 6.58 -1.99
C SER A 81 13.14 6.48 -0.54
N ARG A 82 12.61 5.53 0.20
CA ARG A 82 12.99 5.39 1.64
C ARG A 82 14.08 4.32 1.79
N ARG A 83 14.38 3.95 3.01
CA ARG A 83 15.44 2.92 3.24
C ARG A 83 14.88 1.52 2.97
N GLY A 84 15.67 0.67 2.36
CA GLY A 84 15.20 -0.71 2.05
C GLY A 84 15.52 -1.65 3.22
N ALA A 85 14.61 -2.52 3.52
CA ALA A 85 14.82 -3.51 4.63
C ALA A 85 15.30 -2.80 5.90
N LYS A 86 15.46 -3.55 6.96
CA LYS A 86 15.92 -2.95 8.25
C LYS A 86 17.44 -3.13 8.37
N ILE A 87 18.02 -3.88 7.47
CA ILE A 87 19.50 -4.09 7.51
C ILE A 87 20.21 -3.00 6.70
N SER A 88 20.20 -3.11 5.39
CA SER A 88 20.87 -2.09 4.54
C SER A 88 22.30 -1.85 5.04
N GLU A 89 23.27 -2.43 4.38
CA GLU A 89 24.68 -2.24 4.81
C GLU A 89 25.22 -0.92 4.26
N MET A 1 4.22 -23.52 20.14
CA MET A 1 3.33 -22.45 19.60
C MET A 1 3.76 -21.11 20.20
N GLY A 2 4.82 -20.54 19.68
CA GLY A 2 5.32 -19.24 20.22
C GLY A 2 4.33 -18.12 19.90
N HIS A 3 4.39 -17.05 20.66
CA HIS A 3 3.46 -15.91 20.42
C HIS A 3 3.76 -15.27 19.06
N HIS A 4 5.01 -15.09 18.74
CA HIS A 4 5.38 -14.46 17.42
C HIS A 4 6.51 -15.25 16.76
N HIS A 5 6.34 -15.62 15.53
CA HIS A 5 7.40 -16.39 14.82
C HIS A 5 8.64 -15.53 14.64
N HIS A 6 8.47 -14.30 14.21
CA HIS A 6 9.64 -13.38 14.00
C HIS A 6 9.74 -12.40 15.16
N HIS A 7 9.22 -11.22 15.00
CA HIS A 7 9.29 -10.21 16.09
C HIS A 7 8.37 -9.03 15.78
N HIS A 8 7.51 -8.68 16.69
CA HIS A 8 6.57 -7.53 16.45
C HIS A 8 6.04 -7.55 15.02
N SER A 9 4.94 -8.22 14.80
CA SER A 9 4.36 -8.31 13.43
C SER A 9 3.78 -6.94 13.03
N HIS A 10 3.81 -6.62 11.76
CA HIS A 10 3.27 -5.31 11.28
C HIS A 10 2.25 -5.57 10.16
N MET A 11 1.05 -5.08 10.31
CA MET A 11 0.02 -5.29 9.25
C MET A 11 -1.11 -4.28 9.46
N LEU A 12 -1.43 -3.51 8.46
CA LEU A 12 -2.50 -2.50 8.60
C LEU A 12 -3.89 -3.17 8.42
N PRO A 13 -4.91 -2.66 9.06
CA PRO A 13 -6.30 -3.22 8.95
C PRO A 13 -6.90 -3.06 7.54
N LYS A 14 -7.96 -3.77 7.28
CA LYS A 14 -8.62 -3.69 5.95
C LYS A 14 -9.07 -2.24 5.69
N GLU A 15 -9.56 -1.57 6.69
CA GLU A 15 -10.02 -0.18 6.51
C GLU A 15 -8.86 0.68 5.98
N SER A 16 -7.76 0.68 6.66
CA SER A 16 -6.60 1.49 6.21
C SER A 16 -6.10 0.99 4.84
N VAL A 17 -6.06 -0.30 4.66
CA VAL A 17 -5.59 -0.87 3.37
C VAL A 17 -6.55 -0.46 2.25
N GLN A 18 -7.83 -0.54 2.49
CA GLN A 18 -8.80 -0.17 1.42
C GLN A 18 -8.54 1.26 0.95
N ILE A 19 -8.37 2.18 1.86
CA ILE A 19 -8.12 3.60 1.45
C ILE A 19 -6.78 3.69 0.72
N LEU A 20 -5.77 3.06 1.23
CA LEU A 20 -4.44 3.10 0.56
C LEU A 20 -4.52 2.41 -0.80
N ARG A 21 -5.21 1.30 -0.86
CA ARG A 21 -5.34 0.55 -2.14
C ARG A 21 -6.00 1.44 -3.19
N ASP A 22 -7.02 2.16 -2.82
CA ASP A 22 -7.71 3.04 -3.81
C ASP A 22 -6.70 4.05 -4.36
N TRP A 23 -5.95 4.69 -3.51
CA TRP A 23 -4.95 5.68 -3.99
C TRP A 23 -3.88 4.97 -4.82
N LEU A 24 -3.45 3.81 -4.38
CA LEU A 24 -2.40 3.08 -5.14
C LEU A 24 -2.91 2.73 -6.53
N TYR A 25 -4.12 2.27 -6.62
CA TYR A 25 -4.68 1.89 -7.96
C TYR A 25 -4.71 3.13 -8.87
N GLU A 26 -5.15 4.23 -8.37
CA GLU A 26 -5.20 5.47 -9.22
C GLU A 26 -3.79 5.91 -9.57
N HIS A 27 -2.87 5.80 -8.64
CA HIS A 27 -1.46 6.23 -8.91
C HIS A 27 -0.62 4.98 -9.23
N ARG A 28 -1.24 3.94 -9.70
CA ARG A 28 -0.49 2.71 -10.04
C ARG A 28 0.53 3.01 -11.14
N TYR A 29 0.12 3.72 -12.15
CA TYR A 29 1.06 4.06 -13.26
C TYR A 29 1.95 5.22 -12.83
N ASN A 30 1.43 6.13 -12.05
CA ASN A 30 2.25 7.29 -11.60
C ASN A 30 2.86 6.98 -10.23
N ALA A 31 2.95 5.72 -9.88
CA ALA A 31 3.54 5.32 -8.57
C ALA A 31 4.70 6.24 -8.20
N TYR A 32 4.56 7.00 -7.15
CA TYR A 32 5.65 7.93 -6.74
C TYR A 32 5.47 8.33 -5.27
N PRO A 33 5.20 7.38 -4.41
CA PRO A 33 4.99 7.65 -2.96
C PRO A 33 6.24 8.29 -2.33
N SER A 34 6.37 9.58 -2.48
CA SER A 34 7.56 10.29 -1.93
C SER A 34 7.30 10.73 -0.49
N GLU A 35 8.19 11.53 0.05
CA GLU A 35 8.02 12.02 1.45
C GLU A 35 6.70 12.78 1.58
N GLN A 36 6.39 13.61 0.62
CA GLN A 36 5.11 14.39 0.70
C GLN A 36 3.91 13.46 0.52
N GLU A 37 4.00 12.53 -0.40
CA GLU A 37 2.86 11.60 -0.63
C GLU A 37 2.65 10.72 0.60
N LYS A 38 3.71 10.22 1.17
CA LYS A 38 3.56 9.34 2.38
C LYS A 38 2.95 10.15 3.53
N ALA A 39 3.36 11.37 3.69
CA ALA A 39 2.80 12.20 4.79
C ALA A 39 1.29 12.37 4.59
N LEU A 40 0.87 12.65 3.37
CA LEU A 40 -0.58 12.84 3.12
C LEU A 40 -1.32 11.53 3.40
N LEU A 41 -0.83 10.44 2.88
CA LEU A 41 -1.48 9.13 3.12
C LEU A 41 -1.40 8.77 4.60
N SER A 42 -0.28 9.02 5.22
CA SER A 42 -0.13 8.68 6.66
C SER A 42 -1.17 9.47 7.48
N GLN A 43 -1.38 10.71 7.15
CA GLN A 43 -2.37 11.52 7.91
C GLN A 43 -3.78 10.95 7.69
N GLN A 44 -4.08 10.52 6.50
CA GLN A 44 -5.43 9.95 6.23
C GLN A 44 -5.62 8.67 7.04
N THR A 45 -4.60 7.87 7.14
CA THR A 45 -4.71 6.61 7.93
C THR A 45 -4.24 6.88 9.37
N HIS A 46 -3.72 8.06 9.61
CA HIS A 46 -3.23 8.40 10.97
C HIS A 46 -2.13 7.40 11.38
N LEU A 47 -1.52 6.76 10.42
CA LEU A 47 -0.44 5.78 10.74
C LEU A 47 0.92 6.45 10.65
N SER A 48 1.93 5.83 11.19
CA SER A 48 3.29 6.43 11.16
C SER A 48 3.90 6.27 9.76
N THR A 49 4.81 7.14 9.42
CA THR A 49 5.46 7.05 8.08
C THR A 49 6.22 5.73 7.97
N LEU A 50 6.88 5.34 9.03
CA LEU A 50 7.67 4.07 9.01
C LEU A 50 6.70 2.90 8.72
N GLN A 51 5.57 2.89 9.35
CA GLN A 51 4.58 1.79 9.12
C GLN A 51 4.15 1.81 7.65
N VAL A 52 3.91 2.97 7.10
CA VAL A 52 3.49 3.06 5.69
C VAL A 52 4.61 2.56 4.77
N CYS A 53 5.82 2.94 5.05
CA CYS A 53 6.96 2.49 4.19
C CYS A 53 6.99 0.96 4.13
N ASN A 54 6.99 0.32 5.26
CA ASN A 54 7.03 -1.18 5.28
C ASN A 54 5.76 -1.72 4.61
N TRP A 55 4.64 -1.13 4.88
CA TRP A 55 3.37 -1.63 4.26
C TRP A 55 3.47 -1.51 2.74
N PHE A 56 4.02 -0.43 2.25
CA PHE A 56 4.13 -0.26 0.77
C PHE A 56 4.99 -1.37 0.18
N ILE A 57 6.09 -1.70 0.82
CA ILE A 57 6.98 -2.77 0.27
C ILE A 57 6.22 -4.09 0.14
N ASN A 58 5.55 -4.51 1.17
CA ASN A 58 4.80 -5.80 1.09
C ASN A 58 3.50 -5.61 0.30
N ALA A 59 2.83 -4.52 0.54
CA ALA A 59 1.56 -4.26 -0.18
C ALA A 59 1.81 -4.23 -1.68
N ARG A 60 2.81 -3.51 -2.11
CA ARG A 60 3.11 -3.45 -3.56
C ARG A 60 3.48 -4.84 -4.08
N ARG A 61 4.30 -5.54 -3.36
CA ARG A 61 4.71 -6.90 -3.81
C ARG A 61 3.52 -7.86 -3.74
N ARG A 62 2.44 -7.43 -3.13
CA ARG A 62 1.23 -8.32 -3.03
C ARG A 62 0.11 -7.81 -3.94
N LEU A 63 0.09 -6.53 -4.24
CA LEU A 63 -1.00 -5.97 -5.11
C LEU A 63 -0.56 -5.87 -6.57
N LEU A 64 0.45 -5.07 -6.84
CA LEU A 64 0.93 -4.88 -8.24
C LEU A 64 0.91 -6.21 -9.03
N PRO A 65 1.63 -7.22 -8.61
CA PRO A 65 1.67 -8.52 -9.34
C PRO A 65 0.30 -8.90 -9.92
N ASP A 66 -0.73 -8.89 -9.12
CA ASP A 66 -2.08 -9.25 -9.62
C ASP A 66 -2.53 -8.25 -10.68
N MET A 67 -2.43 -6.99 -10.40
CA MET A 67 -2.88 -5.96 -11.39
C MET A 67 -1.99 -6.02 -12.65
N LEU A 68 -0.72 -6.23 -12.47
CA LEU A 68 0.21 -6.30 -13.63
C LEU A 68 -0.19 -7.45 -14.55
N ARG A 69 -0.51 -8.59 -13.99
CA ARG A 69 -0.91 -9.74 -14.84
C ARG A 69 -2.24 -9.41 -15.55
N LYS A 70 -3.14 -8.76 -14.86
CA LYS A 70 -4.45 -8.42 -15.49
C LYS A 70 -4.24 -7.47 -16.68
N ASP A 71 -3.48 -6.43 -16.49
CA ASP A 71 -3.23 -5.46 -17.60
C ASP A 71 -1.93 -5.81 -18.31
N GLY A 72 -1.38 -6.95 -18.01
CA GLY A 72 -0.10 -7.37 -18.65
C GLY A 72 1.09 -6.75 -17.93
N LYS A 73 2.16 -7.48 -17.79
CA LYS A 73 3.37 -6.93 -17.10
C LYS A 73 3.88 -5.70 -17.84
N ASP A 74 4.22 -4.67 -17.11
CA ASP A 74 4.75 -3.42 -17.74
C ASP A 74 5.24 -2.48 -16.64
N PRO A 75 6.30 -2.83 -15.97
CA PRO A 75 6.89 -1.99 -14.89
C PRO A 75 7.14 -0.56 -15.36
N ASN A 76 7.67 -0.41 -16.55
CA ASN A 76 7.95 0.94 -17.10
C ASN A 76 8.79 1.73 -16.09
N GLN A 77 9.66 1.05 -15.38
CA GLN A 77 10.53 1.73 -14.37
C GLN A 77 9.77 2.84 -13.65
N PHE A 78 8.46 2.75 -13.63
CA PHE A 78 7.61 3.79 -12.95
C PHE A 78 8.23 5.18 -13.14
N THR A 79 8.72 5.78 -12.10
CA THR A 79 9.34 7.13 -12.20
C THR A 79 10.46 7.26 -11.17
N ILE A 80 10.15 7.78 -10.02
CA ILE A 80 11.20 7.95 -8.97
C ILE A 80 11.42 6.63 -8.21
N SER A 81 12.62 6.39 -7.78
CA SER A 81 12.92 5.13 -7.04
C SER A 81 12.16 5.11 -5.71
N ARG A 82 11.81 3.95 -5.23
CA ARG A 82 11.05 3.85 -3.94
C ARG A 82 12.05 3.76 -2.77
N ARG A 83 11.56 3.95 -1.58
CA ARG A 83 12.45 3.87 -0.38
C ARG A 83 12.50 2.41 0.10
N GLY A 84 11.90 1.52 -0.64
CA GLY A 84 11.89 0.08 -0.25
C GLY A 84 13.32 -0.43 -0.10
N ALA A 85 13.48 -1.51 0.61
CA ALA A 85 14.83 -2.10 0.81
C ALA A 85 15.40 -2.61 -0.51
N LYS A 86 16.67 -2.40 -0.75
CA LYS A 86 17.31 -2.87 -2.00
C LYS A 86 17.98 -4.22 -1.75
N ILE A 87 17.82 -4.74 -0.56
CA ILE A 87 18.45 -6.05 -0.22
C ILE A 87 17.76 -7.16 -1.01
N SER A 88 16.58 -7.56 -0.59
CA SER A 88 15.85 -8.65 -1.30
C SER A 88 16.82 -9.79 -1.66
N GLU A 89 17.82 -9.97 -0.86
CA GLU A 89 18.81 -11.06 -1.14
C GLU A 89 19.67 -11.28 0.12
N MET A 1 9.32 -30.00 10.28
CA MET A 1 10.34 -30.80 11.01
C MET A 1 9.79 -31.20 12.38
N GLY A 2 8.71 -30.59 12.78
CA GLY A 2 8.12 -30.93 14.11
C GLY A 2 6.75 -30.26 14.26
N HIS A 3 6.18 -30.32 15.43
CA HIS A 3 4.85 -29.69 15.69
C HIS A 3 5.02 -28.19 15.90
N HIS A 4 6.24 -27.74 16.06
CA HIS A 4 6.48 -26.29 16.29
C HIS A 4 6.21 -25.50 15.00
N HIS A 5 5.41 -24.47 15.09
CA HIS A 5 5.09 -23.64 13.88
C HIS A 5 5.18 -22.15 14.24
N HIS A 6 5.75 -21.36 13.37
CA HIS A 6 5.88 -19.90 13.66
C HIS A 6 4.59 -19.18 13.28
N HIS A 7 4.10 -18.32 14.15
CA HIS A 7 2.83 -17.58 13.86
C HIS A 7 3.14 -16.29 13.11
N HIS A 8 2.14 -15.46 12.92
CA HIS A 8 2.36 -14.17 12.19
C HIS A 8 1.41 -13.10 12.73
N SER A 9 1.81 -11.86 12.67
CA SER A 9 0.95 -10.75 13.17
C SER A 9 -0.21 -10.49 12.20
N HIS A 10 -1.31 -10.00 12.70
CA HIS A 10 -2.48 -9.73 11.82
C HIS A 10 -2.25 -8.45 11.01
N MET A 11 -2.48 -8.52 9.73
CA MET A 11 -2.27 -7.34 8.83
C MET A 11 -2.97 -6.11 9.41
N LEU A 12 -2.84 -4.99 8.73
CA LEU A 12 -3.47 -3.74 9.23
C LEU A 12 -5.00 -3.79 9.04
N PRO A 13 -5.75 -2.99 9.77
CA PRO A 13 -7.25 -2.96 9.66
C PRO A 13 -7.74 -2.76 8.22
N LYS A 14 -8.91 -3.27 7.93
CA LYS A 14 -9.48 -3.13 6.56
C LYS A 14 -9.66 -1.66 6.22
N GLU A 15 -10.03 -0.86 7.19
CA GLU A 15 -10.22 0.60 6.92
C GLU A 15 -8.91 1.21 6.43
N SER A 16 -7.84 0.99 7.14
CA SER A 16 -6.52 1.56 6.70
C SER A 16 -6.13 0.96 5.35
N VAL A 17 -6.31 -0.32 5.20
CA VAL A 17 -5.94 -0.99 3.92
C VAL A 17 -6.82 -0.45 2.79
N GLN A 18 -8.10 -0.28 3.04
CA GLN A 18 -9.00 0.23 1.97
C GLN A 18 -8.49 1.56 1.44
N ILE A 19 -8.12 2.47 2.30
CA ILE A 19 -7.60 3.79 1.85
C ILE A 19 -6.28 3.60 1.10
N LEU A 20 -5.41 2.79 1.63
CA LEU A 20 -4.09 2.56 0.98
C LEU A 20 -4.30 1.86 -0.36
N ARG A 21 -5.17 0.89 -0.41
CA ARG A 21 -5.43 0.17 -1.68
C ARG A 21 -6.08 1.12 -2.68
N ASP A 22 -7.00 1.93 -2.23
CA ASP A 22 -7.69 2.87 -3.16
C ASP A 22 -6.67 3.81 -3.79
N TRP A 23 -5.81 4.37 -2.99
CA TRP A 23 -4.78 5.31 -3.52
C TRP A 23 -3.84 4.57 -4.47
N LEU A 24 -3.36 3.43 -4.06
CA LEU A 24 -2.43 2.64 -4.93
C LEU A 24 -3.16 2.19 -6.19
N TYR A 25 -4.39 1.78 -6.04
CA TYR A 25 -5.18 1.31 -7.22
C TYR A 25 -5.27 2.42 -8.27
N GLU A 26 -5.53 3.63 -7.83
CA GLU A 26 -5.65 4.77 -8.79
C GLU A 26 -4.27 5.04 -9.41
N HIS A 27 -3.23 4.92 -8.64
CA HIS A 27 -1.87 5.20 -9.17
C HIS A 27 -1.35 3.98 -9.93
N ARG A 28 -1.06 2.91 -9.23
CA ARG A 28 -0.55 1.67 -9.90
C ARG A 28 0.70 1.98 -10.73
N TYR A 29 0.52 2.58 -11.89
CA TYR A 29 1.68 2.90 -12.76
C TYR A 29 2.65 3.83 -12.03
N ASN A 30 2.13 4.83 -11.35
CA ASN A 30 3.02 5.77 -10.63
C ASN A 30 3.38 5.20 -9.26
N ALA A 31 2.80 5.75 -8.21
CA ALA A 31 3.11 5.27 -6.83
C ALA A 31 4.61 5.01 -6.70
N TYR A 32 5.42 5.93 -7.17
CA TYR A 32 6.90 5.74 -7.09
C TYR A 32 7.42 6.34 -5.77
N PRO A 33 8.43 5.76 -5.18
CA PRO A 33 9.02 6.26 -3.90
C PRO A 33 9.04 7.78 -3.81
N SER A 34 8.20 8.35 -3.00
CA SER A 34 8.18 9.84 -2.85
C SER A 34 7.69 10.21 -1.44
N GLU A 35 8.30 11.22 -0.86
CA GLU A 35 7.89 11.65 0.50
C GLU A 35 6.51 12.29 0.44
N GLN A 36 6.21 12.97 -0.64
CA GLN A 36 4.89 13.63 -0.76
C GLN A 36 3.78 12.58 -0.76
N GLU A 37 3.99 11.49 -1.45
CA GLU A 37 2.97 10.41 -1.48
C GLU A 37 2.84 9.78 -0.10
N LYS A 38 3.95 9.50 0.54
CA LYS A 38 3.90 8.87 1.89
C LYS A 38 3.25 9.84 2.88
N ALA A 39 3.57 11.10 2.77
CA ALA A 39 2.98 12.11 3.71
C ALA A 39 1.47 12.16 3.53
N LEU A 40 1.00 12.08 2.32
CA LEU A 40 -0.47 12.15 2.09
C LEU A 40 -1.15 10.95 2.75
N LEU A 41 -0.73 9.76 2.41
CA LEU A 41 -1.35 8.54 3.01
C LEU A 41 -1.09 8.50 4.51
N SER A 42 0.10 8.84 4.93
CA SER A 42 0.41 8.81 6.38
C SER A 42 -0.53 9.76 7.12
N GLN A 43 -0.74 10.94 6.58
CA GLN A 43 -1.65 11.91 7.24
C GLN A 43 -3.10 11.50 7.02
N GLN A 44 -3.39 10.92 5.89
CA GLN A 44 -4.79 10.49 5.60
C GLN A 44 -5.19 9.38 6.57
N THR A 45 -4.28 8.46 6.84
CA THR A 45 -4.60 7.34 7.77
C THR A 45 -4.05 7.67 9.15
N HIS A 46 -4.48 6.94 10.14
CA HIS A 46 -4.01 7.19 11.53
C HIS A 46 -2.77 6.34 11.80
N LEU A 47 -2.02 6.00 10.77
CA LEU A 47 -0.79 5.16 10.94
C LEU A 47 0.45 6.01 10.69
N SER A 48 1.53 5.68 11.34
CA SER A 48 2.79 6.46 11.18
C SER A 48 3.42 6.17 9.82
N THR A 49 4.29 7.03 9.38
CA THR A 49 4.98 6.83 8.07
C THR A 49 5.79 5.54 8.11
N LEU A 50 6.46 5.27 9.21
CA LEU A 50 7.29 4.05 9.30
C LEU A 50 6.42 2.81 9.08
N GLN A 51 5.27 2.77 9.71
CA GLN A 51 4.36 1.61 9.53
C GLN A 51 3.92 1.52 8.08
N VAL A 52 3.59 2.63 7.48
CA VAL A 52 3.15 2.65 6.06
C VAL A 52 4.32 2.21 5.16
N CYS A 53 5.50 2.69 5.44
CA CYS A 53 6.67 2.32 4.59
C CYS A 53 6.79 0.80 4.48
N ASN A 54 6.75 0.11 5.59
CA ASN A 54 6.87 -1.37 5.54
C ASN A 54 5.66 -1.96 4.79
N TRP A 55 4.50 -1.45 5.06
CA TRP A 55 3.27 -1.95 4.37
C TRP A 55 3.37 -1.67 2.87
N PHE A 56 3.86 -0.52 2.51
CA PHE A 56 3.98 -0.15 1.08
C PHE A 56 4.92 -1.12 0.36
N ILE A 57 6.02 -1.44 0.98
CA ILE A 57 7.00 -2.36 0.32
C ILE A 57 6.35 -3.72 0.03
N ASN A 58 5.68 -4.29 0.98
CA ASN A 58 5.02 -5.60 0.75
C ASN A 58 3.73 -5.41 -0.04
N ALA A 59 2.98 -4.39 0.29
CA ALA A 59 1.69 -4.15 -0.42
C ALA A 59 1.96 -3.91 -1.91
N ARG A 60 2.90 -3.06 -2.22
CA ARG A 60 3.21 -2.77 -3.65
C ARG A 60 3.76 -4.03 -4.32
N ARG A 61 4.62 -4.74 -3.64
CA ARG A 61 5.22 -5.97 -4.22
C ARG A 61 4.19 -7.10 -4.22
N ARG A 62 3.03 -6.86 -3.65
CA ARG A 62 1.97 -7.91 -3.61
C ARG A 62 0.73 -7.43 -4.38
N LEU A 63 0.61 -6.15 -4.61
CA LEU A 63 -0.57 -5.60 -5.33
C LEU A 63 -0.24 -5.27 -6.79
N LEU A 64 0.72 -4.41 -7.01
CA LEU A 64 1.07 -4.00 -8.40
C LEU A 64 1.23 -5.23 -9.31
N PRO A 65 2.01 -6.21 -8.93
CA PRO A 65 2.23 -7.40 -9.78
C PRO A 65 0.91 -8.04 -10.25
N ASP A 66 -0.02 -8.19 -9.35
CA ASP A 66 -1.32 -8.82 -9.72
C ASP A 66 -2.08 -7.94 -10.71
N MET A 67 -2.25 -6.68 -10.38
CA MET A 67 -2.99 -5.76 -11.29
C MET A 67 -2.21 -5.55 -12.58
N LEU A 68 -0.92 -5.40 -12.49
CA LEU A 68 -0.09 -5.18 -13.70
C LEU A 68 -0.18 -6.39 -14.62
N ARG A 69 -0.11 -7.58 -14.08
CA ARG A 69 -0.20 -8.79 -14.94
C ARG A 69 -1.58 -8.85 -15.59
N LYS A 70 -2.61 -8.58 -14.84
CA LYS A 70 -3.98 -8.62 -15.41
C LYS A 70 -4.16 -7.50 -16.44
N ASP A 71 -3.68 -6.32 -16.13
CA ASP A 71 -3.82 -5.18 -17.08
C ASP A 71 -2.60 -5.13 -18.00
N GLY A 72 -1.77 -6.14 -17.96
CA GLY A 72 -0.57 -6.17 -18.85
C GLY A 72 0.60 -5.45 -18.15
N LYS A 73 1.58 -6.17 -17.71
CA LYS A 73 2.74 -5.54 -17.02
C LYS A 73 3.73 -4.98 -18.05
N ASP A 74 4.78 -4.38 -17.57
CA ASP A 74 5.81 -3.80 -18.49
C ASP A 74 6.91 -3.15 -17.64
N PRO A 75 6.54 -2.42 -16.60
CA PRO A 75 7.51 -1.71 -15.72
C PRO A 75 8.47 -2.67 -15.00
N ASN A 76 9.63 -2.19 -14.66
CA ASN A 76 10.61 -3.06 -13.96
C ASN A 76 10.04 -3.47 -12.61
N GLN A 77 8.95 -2.85 -12.21
CA GLN A 77 8.31 -3.18 -10.90
C GLN A 77 9.39 -3.38 -9.82
N PHE A 78 10.51 -2.73 -9.98
CA PHE A 78 11.61 -2.85 -8.98
C PHE A 78 11.82 -4.32 -8.60
N THR A 79 11.43 -4.69 -7.40
CA THR A 79 11.62 -6.11 -6.95
C THR A 79 10.29 -6.85 -7.08
N ILE A 80 10.27 -7.93 -7.81
CA ILE A 80 9.01 -8.71 -7.99
C ILE A 80 8.95 -9.85 -6.98
N SER A 81 7.85 -9.97 -6.29
CA SER A 81 7.69 -11.05 -5.29
C SER A 81 6.41 -10.83 -4.49
N ARG A 82 5.46 -11.71 -4.60
CA ARG A 82 4.18 -11.54 -3.86
C ARG A 82 4.30 -12.20 -2.49
N ARG A 83 3.98 -11.48 -1.44
CA ARG A 83 4.08 -12.06 -0.07
C ARG A 83 2.77 -12.76 0.32
N GLY A 84 2.86 -13.94 0.86
CA GLY A 84 1.63 -14.67 1.28
C GLY A 84 0.66 -14.80 0.10
N ALA A 85 -0.29 -13.89 0.01
CA ALA A 85 -1.28 -13.96 -1.10
C ALA A 85 -2.03 -15.29 -1.03
N LYS A 86 -2.18 -15.82 0.15
CA LYS A 86 -2.88 -17.13 0.31
C LYS A 86 -4.36 -16.98 -0.06
N ILE A 87 -4.87 -17.91 -0.83
CA ILE A 87 -6.31 -17.84 -1.24
C ILE A 87 -7.17 -18.50 -0.16
N SER A 88 -7.20 -19.81 -0.13
CA SER A 88 -8.02 -20.51 0.89
C SER A 88 -7.58 -21.97 0.99
N GLU A 89 -7.27 -22.42 2.18
CA GLU A 89 -6.82 -23.84 2.37
C GLU A 89 -7.46 -24.39 3.64
N MET A 1 9.21 -16.78 24.81
CA MET A 1 8.93 -15.55 25.61
C MET A 1 7.51 -15.05 25.28
N GLY A 2 7.33 -14.61 24.07
CA GLY A 2 5.99 -14.08 23.66
C GLY A 2 4.97 -15.22 23.59
N HIS A 3 3.73 -14.90 23.83
CA HIS A 3 2.66 -15.95 23.78
C HIS A 3 1.31 -15.31 23.45
N HIS A 4 0.45 -16.06 22.79
CA HIS A 4 -0.89 -15.55 22.41
C HIS A 4 -0.79 -14.10 21.90
N HIS A 5 -0.70 -13.95 20.61
CA HIS A 5 -0.59 -12.58 20.01
C HIS A 5 -1.96 -11.88 20.01
N HIS A 6 -1.94 -10.58 20.15
CA HIS A 6 -3.22 -9.81 20.17
C HIS A 6 -3.23 -8.76 19.05
N HIS A 7 -4.40 -8.29 18.72
CA HIS A 7 -4.56 -7.26 17.64
C HIS A 7 -4.06 -7.79 16.29
N HIS A 8 -3.99 -6.94 15.30
CA HIS A 8 -3.52 -7.36 13.95
C HIS A 8 -2.06 -6.98 13.78
N SER A 9 -1.18 -7.93 13.93
CA SER A 9 0.28 -7.67 13.80
C SER A 9 0.65 -7.55 12.32
N HIS A 10 1.68 -6.79 12.03
CA HIS A 10 2.12 -6.60 10.62
C HIS A 10 0.98 -6.02 9.78
N MET A 11 0.00 -6.83 9.50
CA MET A 11 -1.16 -6.37 8.68
C MET A 11 -1.79 -5.11 9.28
N LEU A 12 -2.10 -4.16 8.44
CA LEU A 12 -2.72 -2.90 8.93
C LEU A 12 -4.24 -3.08 9.03
N PRO A 13 -4.90 -2.28 9.82
CA PRO A 13 -6.37 -2.35 9.98
C PRO A 13 -7.12 -2.40 8.64
N LYS A 14 -8.26 -3.02 8.63
CA LYS A 14 -9.05 -3.13 7.36
C LYS A 14 -9.43 -1.73 6.87
N GLU A 15 -9.80 -0.87 7.77
CA GLU A 15 -10.19 0.51 7.35
C GLU A 15 -8.98 1.23 6.74
N SER A 16 -7.88 1.25 7.43
CA SER A 16 -6.66 1.94 6.91
C SER A 16 -6.19 1.27 5.61
N VAL A 17 -6.21 -0.03 5.57
CA VAL A 17 -5.76 -0.76 4.35
C VAL A 17 -6.69 -0.44 3.18
N GLN A 18 -7.97 -0.46 3.42
CA GLN A 18 -8.94 -0.18 2.32
C GLN A 18 -8.63 1.18 1.69
N ILE A 19 -8.37 2.18 2.49
CA ILE A 19 -8.06 3.53 1.94
C ILE A 19 -6.73 3.47 1.17
N LEU A 20 -5.76 2.81 1.72
CA LEU A 20 -4.44 2.71 1.03
C LEU A 20 -4.59 1.93 -0.29
N ARG A 21 -5.36 0.88 -0.27
CA ARG A 21 -5.55 0.07 -1.52
C ARG A 21 -6.22 0.95 -2.59
N ASP A 22 -7.15 1.75 -2.21
CA ASP A 22 -7.86 2.63 -3.20
C ASP A 22 -6.85 3.61 -3.81
N TRP A 23 -5.99 4.16 -3.00
CA TRP A 23 -4.98 5.13 -3.50
C TRP A 23 -4.00 4.41 -4.42
N LEU A 24 -3.60 3.24 -4.05
CA LEU A 24 -2.62 2.47 -4.88
C LEU A 24 -3.23 2.16 -6.24
N TYR A 25 -4.46 1.75 -6.26
CA TYR A 25 -5.14 1.40 -7.54
C TYR A 25 -5.23 2.63 -8.44
N GLU A 26 -5.58 3.75 -7.86
CA GLU A 26 -5.70 5.00 -8.67
C GLU A 26 -4.31 5.47 -9.14
N HIS A 27 -3.33 5.34 -8.31
CA HIS A 27 -1.94 5.76 -8.68
C HIS A 27 -1.17 4.55 -9.20
N ARG A 28 -1.87 3.59 -9.74
CA ARG A 28 -1.21 2.36 -10.27
C ARG A 28 -0.37 2.73 -11.50
N TYR A 29 -0.86 3.63 -12.31
CA TYR A 29 -0.10 4.03 -13.54
C TYR A 29 0.89 5.14 -13.17
N ASN A 30 0.80 5.67 -11.98
CA ASN A 30 1.73 6.74 -11.55
C ASN A 30 2.90 6.12 -10.79
N ALA A 31 2.62 5.42 -9.73
CA ALA A 31 3.69 4.75 -8.91
C ALA A 31 4.90 5.68 -8.77
N TYR A 32 4.97 6.41 -7.69
CA TYR A 32 6.11 7.34 -7.46
C TYR A 32 6.24 7.64 -5.97
N PRO A 33 6.67 6.67 -5.19
CA PRO A 33 6.85 6.83 -3.71
C PRO A 33 7.77 8.02 -3.36
N SER A 34 7.38 8.80 -2.39
CA SER A 34 8.21 9.97 -1.99
C SER A 34 7.78 10.48 -0.62
N GLU A 35 8.50 11.42 -0.07
CA GLU A 35 8.16 11.97 1.26
C GLU A 35 6.79 12.65 1.20
N GLN A 36 6.54 13.38 0.15
CA GLN A 36 5.23 14.07 0.01
C GLN A 36 4.12 13.04 -0.20
N GLU A 37 4.38 12.03 -0.99
CA GLU A 37 3.35 10.99 -1.25
C GLU A 37 3.09 10.19 0.03
N LYS A 38 4.14 9.73 0.67
CA LYS A 38 3.98 8.94 1.92
C LYS A 38 3.39 9.84 3.01
N ALA A 39 3.84 11.06 3.08
CA ALA A 39 3.33 11.99 4.12
C ALA A 39 1.83 12.23 3.90
N LEU A 40 1.42 12.34 2.67
CA LEU A 40 -0.02 12.57 2.38
C LEU A 40 -0.84 11.37 2.88
N LEU A 41 -0.38 10.20 2.57
CA LEU A 41 -1.12 8.96 2.99
C LEU A 41 -1.10 8.86 4.52
N SER A 42 0.01 9.19 5.11
CA SER A 42 0.12 9.11 6.60
C SER A 42 -0.89 10.08 7.24
N GLN A 43 -1.06 11.23 6.65
CA GLN A 43 -2.02 12.22 7.21
C GLN A 43 -3.45 11.68 7.08
N GLN A 44 -3.75 11.04 5.99
CA GLN A 44 -5.12 10.49 5.78
C GLN A 44 -5.41 9.40 6.81
N THR A 45 -4.47 8.53 7.05
CA THR A 45 -4.68 7.43 8.04
C THR A 45 -4.03 7.78 9.38
N HIS A 46 -4.32 7.01 10.38
CA HIS A 46 -3.75 7.27 11.73
C HIS A 46 -2.51 6.39 11.92
N LEU A 47 -1.80 6.11 10.85
CA LEU A 47 -0.58 5.25 10.96
C LEU A 47 0.68 6.09 10.69
N SER A 48 1.79 5.67 11.22
CA SER A 48 3.06 6.42 11.04
C SER A 48 3.61 6.20 9.63
N THR A 49 4.55 7.00 9.24
CA THR A 49 5.17 6.86 7.89
C THR A 49 5.86 5.50 7.78
N LEU A 50 6.57 5.11 8.80
CA LEU A 50 7.28 3.80 8.77
C LEU A 50 6.28 2.65 8.61
N GLN A 51 5.18 2.72 9.31
CA GLN A 51 4.16 1.64 9.22
C GLN A 51 3.59 1.58 7.80
N VAL A 52 3.25 2.72 7.26
CA VAL A 52 2.67 2.76 5.88
C VAL A 52 3.73 2.32 4.85
N CYS A 53 4.94 2.78 5.02
CA CYS A 53 6.02 2.41 4.05
C CYS A 53 6.24 0.89 4.05
N ASN A 54 6.29 0.29 5.20
CA ASN A 54 6.53 -1.18 5.27
C ASN A 54 5.36 -1.91 4.61
N TRP A 55 4.16 -1.47 4.90
CA TRP A 55 2.95 -2.11 4.29
C TRP A 55 2.92 -1.80 2.79
N PHE A 56 3.31 -0.61 2.43
CA PHE A 56 3.31 -0.21 0.99
C PHE A 56 4.23 -1.15 0.20
N ILE A 57 5.39 -1.42 0.72
CA ILE A 57 6.35 -2.32 0.00
C ILE A 57 5.73 -3.72 -0.14
N ASN A 58 5.17 -4.23 0.92
CA ASN A 58 4.56 -5.60 0.86
C ASN A 58 3.28 -5.56 0.02
N ALA A 59 2.45 -4.58 0.25
CA ALA A 59 1.18 -4.47 -0.52
C ALA A 59 1.48 -4.26 -2.01
N ARG A 60 2.38 -3.37 -2.31
CA ARG A 60 2.72 -3.09 -3.73
C ARG A 60 3.36 -4.34 -4.37
N ARG A 61 4.25 -4.98 -3.67
CA ARG A 61 4.92 -6.18 -4.22
C ARG A 61 3.93 -7.35 -4.30
N ARG A 62 2.79 -7.23 -3.67
CA ARG A 62 1.78 -8.33 -3.70
C ARG A 62 0.59 -7.92 -4.57
N LEU A 63 0.38 -6.65 -4.75
CA LEU A 63 -0.79 -6.16 -5.57
C LEU A 63 -0.30 -5.64 -6.93
N LEU A 64 0.91 -5.18 -7.00
CA LEU A 64 1.44 -4.65 -8.28
C LEU A 64 1.71 -5.77 -9.30
N PRO A 65 2.15 -6.93 -8.87
CA PRO A 65 2.44 -8.06 -9.79
C PRO A 65 1.19 -8.51 -10.56
N ASP A 66 0.16 -8.85 -9.84
CA ASP A 66 -1.10 -9.31 -10.49
C ASP A 66 -1.72 -8.16 -11.30
N MET A 67 -1.66 -6.97 -10.76
CA MET A 67 -2.25 -5.79 -11.47
C MET A 67 -1.55 -5.58 -12.82
N LEU A 68 -0.24 -5.61 -12.82
CA LEU A 68 0.51 -5.41 -14.10
C LEU A 68 0.43 -6.69 -14.93
N ARG A 69 0.17 -7.79 -14.30
CA ARG A 69 0.06 -9.07 -15.04
C ARG A 69 -1.18 -9.02 -15.95
N LYS A 70 -2.26 -8.51 -15.45
CA LYS A 70 -3.51 -8.40 -16.27
C LYS A 70 -3.30 -7.37 -17.37
N ASP A 71 -2.81 -6.21 -17.01
CA ASP A 71 -2.57 -5.14 -18.03
C ASP A 71 -1.47 -5.58 -18.99
N GLY A 72 -0.45 -6.20 -18.47
CA GLY A 72 0.68 -6.66 -19.34
C GLY A 72 1.88 -7.03 -18.47
N LYS A 73 2.90 -6.20 -18.47
CA LYS A 73 4.10 -6.48 -17.65
C LYS A 73 5.04 -5.27 -17.66
N ASP A 74 5.15 -4.60 -16.55
CA ASP A 74 6.04 -3.40 -16.45
C ASP A 74 6.31 -3.08 -14.97
N PRO A 75 6.68 -4.07 -14.19
CA PRO A 75 6.97 -3.89 -12.73
C PRO A 75 8.16 -2.95 -12.49
N ASN A 76 8.07 -2.15 -11.46
CA ASN A 76 9.18 -1.20 -11.14
C ASN A 76 10.21 -1.90 -10.25
N GLN A 77 11.41 -2.02 -10.76
CA GLN A 77 12.50 -2.69 -9.98
C GLN A 77 12.99 -1.75 -8.87
N PHE A 78 14.19 -1.24 -9.01
CA PHE A 78 14.75 -0.33 -7.98
C PHE A 78 14.71 1.11 -8.52
N THR A 79 14.11 1.28 -9.68
CA THR A 79 14.03 2.65 -10.28
C THR A 79 13.56 3.66 -9.22
N ILE A 80 12.28 3.95 -9.19
CA ILE A 80 11.74 4.91 -8.18
C ILE A 80 11.03 4.13 -7.07
N SER A 81 10.71 2.90 -7.34
CA SER A 81 10.00 2.06 -6.30
C SER A 81 10.97 1.62 -5.20
N ARG A 82 10.42 1.16 -4.11
CA ARG A 82 11.25 0.69 -2.96
C ARG A 82 12.33 1.74 -2.64
N ARG A 83 12.00 2.70 -1.84
CA ARG A 83 12.98 3.75 -1.46
C ARG A 83 14.16 3.11 -0.73
N GLY A 84 13.87 2.21 0.17
CA GLY A 84 14.96 1.53 0.93
C GLY A 84 15.59 2.49 1.93
N ALA A 85 16.22 1.97 2.96
CA ALA A 85 16.86 2.83 3.99
C ALA A 85 18.38 2.76 3.83
N LYS A 86 18.89 3.32 2.77
CA LYS A 86 20.37 3.31 2.54
C LYS A 86 20.74 4.51 1.66
N ILE A 87 21.43 5.45 2.23
CA ILE A 87 21.85 6.66 1.45
C ILE A 87 23.22 6.42 0.81
N SER A 88 23.26 6.42 -0.48
CA SER A 88 24.55 6.21 -1.21
C SER A 88 25.10 7.58 -1.64
N GLU A 89 24.31 8.61 -1.52
CA GLU A 89 24.75 9.97 -1.92
C GLU A 89 25.42 10.67 -0.73
N MET A 1 -12.51 8.66 27.07
CA MET A 1 -11.07 8.33 26.82
C MET A 1 -10.96 6.95 26.18
N GLY A 2 -9.77 6.40 26.12
CA GLY A 2 -9.60 5.06 25.50
C GLY A 2 -9.76 5.18 23.99
N HIS A 3 -9.44 6.31 23.43
CA HIS A 3 -9.58 6.49 21.95
C HIS A 3 -8.72 5.46 21.22
N HIS A 4 -7.52 5.23 21.69
CA HIS A 4 -6.62 4.24 21.01
C HIS A 4 -6.57 2.95 21.83
N HIS A 5 -6.80 1.84 21.18
CA HIS A 5 -6.75 0.53 21.90
C HIS A 5 -5.31 0.04 21.93
N HIS A 6 -4.40 0.88 21.49
CA HIS A 6 -2.95 0.48 21.48
C HIS A 6 -2.78 -0.80 20.66
N HIS A 7 -3.82 -1.27 20.05
CA HIS A 7 -3.71 -2.52 19.24
C HIS A 7 -3.24 -2.17 17.81
N HIS A 8 -2.17 -2.79 17.37
CA HIS A 8 -1.67 -2.53 15.99
C HIS A 8 -1.02 -3.81 15.46
N SER A 9 -1.45 -4.94 15.96
CA SER A 9 -0.88 -6.23 15.51
C SER A 9 -1.54 -6.68 14.20
N HIS A 10 -1.07 -7.77 13.65
CA HIS A 10 -1.64 -8.32 12.38
C HIS A 10 -1.58 -7.27 11.25
N MET A 11 -2.16 -7.59 10.13
CA MET A 11 -2.12 -6.67 8.97
C MET A 11 -3.09 -5.51 9.16
N LEU A 12 -2.81 -4.40 8.52
CA LEU A 12 -3.69 -3.22 8.66
C LEU A 12 -5.14 -3.61 8.36
N PRO A 13 -6.09 -2.91 8.94
CA PRO A 13 -7.54 -3.20 8.72
C PRO A 13 -7.99 -2.92 7.27
N LYS A 14 -9.09 -3.49 6.88
CA LYS A 14 -9.59 -3.27 5.49
C LYS A 14 -9.83 -1.78 5.26
N GLU A 15 -10.29 -1.08 6.27
CA GLU A 15 -10.56 0.37 6.09
C GLU A 15 -9.24 1.11 5.75
N SER A 16 -8.24 0.96 6.57
CA SER A 16 -6.94 1.64 6.30
C SER A 16 -6.34 1.09 5.01
N VAL A 17 -6.40 -0.20 4.82
CA VAL A 17 -5.83 -0.81 3.58
C VAL A 17 -6.61 -0.30 2.37
N GLN A 18 -7.91 -0.25 2.48
CA GLN A 18 -8.72 0.22 1.33
C GLN A 18 -8.24 1.60 0.89
N ILE A 19 -7.97 2.48 1.81
CA ILE A 19 -7.50 3.84 1.44
C ILE A 19 -6.14 3.72 0.73
N LEU A 20 -5.24 2.96 1.28
CA LEU A 20 -3.89 2.81 0.65
C LEU A 20 -4.01 2.09 -0.70
N ARG A 21 -4.83 1.08 -0.76
CA ARG A 21 -5.00 0.33 -2.03
C ARG A 21 -5.60 1.24 -3.10
N ASP A 22 -6.55 2.05 -2.71
CA ASP A 22 -7.19 2.97 -3.71
C ASP A 22 -6.12 3.88 -4.33
N TRP A 23 -5.29 4.49 -3.51
CA TRP A 23 -4.24 5.39 -4.06
C TRP A 23 -3.27 4.57 -4.91
N LEU A 24 -2.85 3.44 -4.42
CA LEU A 24 -1.91 2.58 -5.20
C LEU A 24 -2.59 2.12 -6.49
N TYR A 25 -3.84 1.76 -6.40
CA TYR A 25 -4.56 1.27 -7.61
C TYR A 25 -4.57 2.38 -8.68
N GLU A 26 -4.86 3.59 -8.29
CA GLU A 26 -4.88 4.71 -9.26
C GLU A 26 -3.49 4.90 -9.87
N HIS A 27 -2.46 4.75 -9.07
CA HIS A 27 -1.07 4.93 -9.57
C HIS A 27 -0.29 3.62 -9.33
N ARG A 28 -0.81 2.52 -9.81
CA ARG A 28 -0.12 1.21 -9.63
C ARG A 28 1.22 1.23 -10.37
N TYR A 29 1.25 1.80 -11.54
CA TYR A 29 2.52 1.86 -12.32
C TYR A 29 3.49 2.85 -11.69
N ASN A 30 3.29 4.12 -11.90
CA ASN A 30 4.21 5.12 -11.32
C ASN A 30 3.92 5.28 -9.83
N ALA A 31 4.62 4.55 -9.01
CA ALA A 31 4.40 4.63 -7.54
C ALA A 31 5.30 5.73 -6.96
N TYR A 32 6.58 5.43 -6.84
CA TYR A 32 7.55 6.43 -6.27
C TYR A 32 6.90 7.18 -5.10
N PRO A 33 6.78 6.55 -3.97
CA PRO A 33 6.15 7.17 -2.77
C PRO A 33 7.12 8.13 -2.06
N SER A 34 6.94 9.41 -2.27
CA SER A 34 7.84 10.41 -1.66
C SER A 34 7.46 10.66 -0.20
N GLU A 35 8.29 11.36 0.52
CA GLU A 35 8.00 11.66 1.96
C GLU A 35 6.70 12.47 2.06
N GLN A 36 6.48 13.38 1.15
CA GLN A 36 5.23 14.21 1.20
C GLN A 36 4.03 13.35 0.80
N GLU A 37 4.18 12.49 -0.17
CA GLU A 37 3.04 11.63 -0.61
C GLU A 37 2.60 10.72 0.54
N LYS A 38 3.52 10.02 1.13
CA LYS A 38 3.16 9.11 2.25
C LYS A 38 2.65 9.94 3.44
N ALA A 39 3.16 11.13 3.59
CA ALA A 39 2.72 11.99 4.73
C ALA A 39 1.21 12.24 4.62
N LEU A 40 0.76 12.59 3.46
CA LEU A 40 -0.69 12.86 3.29
C LEU A 40 -1.50 11.59 3.55
N LEU A 41 -1.07 10.49 2.98
CA LEU A 41 -1.81 9.21 3.19
C LEU A 41 -1.68 8.78 4.65
N SER A 42 -0.55 9.02 5.24
CA SER A 42 -0.33 8.63 6.66
C SER A 42 -1.36 9.34 7.53
N GLN A 43 -1.60 10.61 7.28
CA GLN A 43 -2.60 11.36 8.09
C GLN A 43 -3.99 10.76 7.86
N GLN A 44 -4.28 10.38 6.65
CA GLN A 44 -5.62 9.79 6.35
C GLN A 44 -5.78 8.47 7.09
N THR A 45 -4.74 7.68 7.15
CA THR A 45 -4.82 6.37 7.85
C THR A 45 -4.30 6.55 9.27
N HIS A 46 -3.78 7.71 9.57
CA HIS A 46 -3.25 7.98 10.95
C HIS A 46 -2.16 6.95 11.28
N LEU A 47 -1.55 6.36 10.28
CA LEU A 47 -0.49 5.34 10.53
C LEU A 47 0.88 6.02 10.63
N SER A 48 1.87 5.31 11.09
CA SER A 48 3.23 5.89 11.22
C SER A 48 3.91 6.01 9.86
N THR A 49 4.83 6.92 9.72
CA THR A 49 5.54 7.10 8.43
C THR A 49 6.33 5.83 8.12
N LEU A 50 7.00 5.29 9.10
CA LEU A 50 7.79 4.05 8.88
C LEU A 50 6.86 2.91 8.47
N GLN A 51 5.74 2.80 9.12
CA GLN A 51 4.79 1.70 8.77
C GLN A 51 4.26 1.90 7.36
N VAL A 52 3.95 3.11 7.00
CA VAL A 52 3.41 3.37 5.62
C VAL A 52 4.48 3.02 4.57
N CYS A 53 5.69 3.44 4.78
CA CYS A 53 6.77 3.15 3.79
C CYS A 53 6.96 1.63 3.66
N ASN A 54 7.07 0.95 4.76
CA ASN A 54 7.27 -0.52 4.71
C ASN A 54 6.05 -1.19 4.06
N TRP A 55 4.88 -0.71 4.38
CA TRP A 55 3.64 -1.31 3.80
C TRP A 55 3.68 -1.18 2.27
N PHE A 56 4.13 -0.06 1.77
CA PHE A 56 4.19 0.13 0.29
C PHE A 56 5.11 -0.93 -0.34
N ILE A 57 6.26 -1.14 0.23
CA ILE A 57 7.20 -2.13 -0.35
C ILE A 57 6.58 -3.53 -0.35
N ASN A 58 6.08 -3.97 0.77
CA ASN A 58 5.45 -5.33 0.84
C ASN A 58 4.13 -5.35 0.07
N ALA A 59 3.35 -4.31 0.21
CA ALA A 59 2.04 -4.26 -0.50
C ALA A 59 2.26 -4.35 -2.01
N ARG A 60 3.22 -3.63 -2.51
CA ARG A 60 3.48 -3.67 -3.98
C ARG A 60 3.90 -5.08 -4.40
N ARG A 61 4.78 -5.70 -3.66
CA ARG A 61 5.25 -7.06 -4.04
C ARG A 61 4.07 -8.05 -3.99
N ARG A 62 3.02 -7.71 -3.31
CA ARG A 62 1.83 -8.63 -3.22
C ARG A 62 0.66 -8.06 -4.02
N LEU A 63 0.77 -6.83 -4.48
CA LEU A 63 -0.36 -6.20 -5.25
C LEU A 63 0.06 -5.92 -6.69
N LEU A 64 1.03 -5.06 -6.89
CA LEU A 64 1.46 -4.71 -8.27
C LEU A 64 1.45 -5.95 -9.19
N PRO A 65 2.14 -7.01 -8.84
CA PRO A 65 2.15 -8.23 -9.69
C PRO A 65 0.72 -8.69 -10.03
N ASP A 66 -0.13 -8.76 -9.04
CA ASP A 66 -1.53 -9.21 -9.26
C ASP A 66 -2.32 -8.13 -9.99
N MET A 67 -2.11 -6.89 -9.64
CA MET A 67 -2.85 -5.78 -10.30
C MET A 67 -2.50 -5.74 -11.79
N LEU A 68 -1.25 -5.91 -12.11
CA LEU A 68 -0.83 -5.88 -13.54
C LEU A 68 -1.48 -7.06 -14.29
N ARG A 69 -1.51 -8.21 -13.68
CA ARG A 69 -2.12 -9.39 -14.35
C ARG A 69 -3.61 -9.16 -14.53
N LYS A 70 -4.26 -8.62 -13.53
CA LYS A 70 -5.72 -8.36 -13.66
C LYS A 70 -5.98 -7.37 -14.81
N ASP A 71 -5.26 -6.29 -14.83
CA ASP A 71 -5.45 -5.29 -15.91
C ASP A 71 -4.41 -4.17 -15.76
N GLY A 72 -3.21 -4.40 -16.25
CA GLY A 72 -2.14 -3.36 -16.13
C GLY A 72 -2.56 -2.12 -16.91
N LYS A 73 -3.42 -1.31 -16.34
CA LYS A 73 -3.88 -0.07 -17.04
C LYS A 73 -3.07 1.14 -16.56
N ASP A 74 -2.88 2.11 -17.41
CA ASP A 74 -2.09 3.31 -17.02
C ASP A 74 -2.96 4.23 -16.14
N PRO A 75 -2.33 5.05 -15.33
CA PRO A 75 -3.04 6.00 -14.42
C PRO A 75 -3.81 7.08 -15.19
N ASN A 76 -4.99 7.41 -14.74
CA ASN A 76 -5.80 8.46 -15.42
C ASN A 76 -7.07 8.72 -14.61
N GLN A 77 -7.78 7.68 -14.27
CA GLN A 77 -9.02 7.86 -13.47
C GLN A 77 -8.65 8.14 -12.01
N PHE A 78 -7.46 8.63 -11.78
CA PHE A 78 -7.02 8.91 -10.39
C PHE A 78 -7.81 10.08 -9.80
N THR A 79 -8.31 9.91 -8.60
CA THR A 79 -9.08 11.01 -7.94
C THR A 79 -8.18 11.71 -6.93
N ILE A 80 -7.10 11.10 -6.54
CA ILE A 80 -6.16 11.73 -5.56
C ILE A 80 -4.88 12.19 -6.26
N SER A 81 -4.61 13.47 -6.21
CA SER A 81 -3.39 14.00 -6.89
C SER A 81 -2.14 13.65 -6.09
N ARG A 82 -1.09 13.22 -6.76
CA ARG A 82 0.17 12.86 -6.06
C ARG A 82 1.10 14.09 -5.99
N ARG A 83 1.72 14.30 -4.87
CA ARG A 83 2.65 15.46 -4.71
C ARG A 83 4.09 14.96 -4.63
N GLY A 84 4.50 14.18 -5.60
CA GLY A 84 5.89 13.64 -5.58
C GLY A 84 6.85 14.71 -6.10
N ALA A 85 6.90 14.88 -7.39
CA ALA A 85 7.83 15.90 -7.97
C ALA A 85 7.37 17.32 -7.61
N LYS A 86 8.31 18.20 -7.35
CA LYS A 86 7.96 19.60 -6.99
C LYS A 86 7.96 20.48 -8.25
N ILE A 87 6.99 21.35 -8.35
CA ILE A 87 6.91 22.23 -9.56
C ILE A 87 7.52 23.61 -9.25
N SER A 88 8.39 24.07 -10.11
CA SER A 88 9.04 25.40 -9.92
C SER A 88 9.61 25.53 -8.51
N GLU A 89 10.89 25.37 -8.36
CA GLU A 89 11.54 25.49 -7.03
C GLU A 89 11.00 26.72 -6.29
N MET A 1 14.34 -0.35 24.20
CA MET A 1 13.49 -1.57 24.17
C MET A 1 13.13 -1.90 22.72
N GLY A 2 13.74 -2.90 22.16
CA GLY A 2 13.45 -3.27 20.75
C GLY A 2 12.04 -3.84 20.62
N HIS A 3 11.43 -3.66 19.48
CA HIS A 3 10.05 -4.19 19.27
C HIS A 3 9.86 -4.52 17.78
N HIS A 4 9.22 -5.62 17.49
CA HIS A 4 8.96 -6.03 16.07
C HIS A 4 7.46 -6.18 15.86
N HIS A 5 6.86 -7.13 16.53
CA HIS A 5 5.39 -7.34 16.37
C HIS A 5 4.93 -8.42 17.36
N HIS A 6 4.86 -8.09 18.62
CA HIS A 6 4.43 -9.09 19.64
C HIS A 6 2.95 -9.42 19.41
N HIS A 7 2.16 -8.44 19.06
CA HIS A 7 0.70 -8.69 18.83
C HIS A 7 0.25 -7.97 17.56
N HIS A 8 -1.04 -7.80 17.40
CA HIS A 8 -1.60 -7.12 16.19
C HIS A 8 -1.21 -7.89 14.92
N SER A 9 -2.14 -8.02 14.01
CA SER A 9 -1.86 -8.77 12.76
C SER A 9 -0.94 -7.95 11.85
N HIS A 10 -0.18 -8.63 11.04
CA HIS A 10 0.75 -7.93 10.11
C HIS A 10 -0.04 -7.05 9.14
N MET A 11 -1.15 -7.54 8.67
CA MET A 11 -1.96 -6.74 7.70
C MET A 11 -2.60 -5.54 8.39
N LEU A 12 -2.73 -4.45 7.68
CA LEU A 12 -3.34 -3.25 8.30
C LEU A 12 -4.87 -3.41 8.36
N PRO A 13 -5.54 -2.64 9.19
CA PRO A 13 -7.03 -2.71 9.30
C PRO A 13 -7.74 -2.51 7.95
N LYS A 14 -8.83 -3.17 7.75
CA LYS A 14 -9.58 -3.05 6.46
C LYS A 14 -9.78 -1.56 6.11
N GLU A 15 -9.94 -0.74 7.11
CA GLU A 15 -10.15 0.71 6.84
C GLU A 15 -8.89 1.31 6.20
N SER A 16 -7.74 1.04 6.76
CA SER A 16 -6.49 1.60 6.17
C SER A 16 -6.18 0.90 4.84
N VAL A 17 -6.53 -0.34 4.71
CA VAL A 17 -6.27 -1.07 3.45
C VAL A 17 -7.06 -0.42 2.31
N GLN A 18 -8.31 -0.11 2.56
CA GLN A 18 -9.13 0.53 1.49
C GLN A 18 -8.54 1.90 1.13
N ILE A 19 -8.19 2.67 2.12
CA ILE A 19 -7.61 4.02 1.85
C ILE A 19 -6.26 3.86 1.14
N LEU A 20 -5.42 3.00 1.65
CA LEU A 20 -4.08 2.81 1.03
C LEU A 20 -4.24 2.16 -0.35
N ARG A 21 -5.09 1.19 -0.47
CA ARG A 21 -5.30 0.51 -1.78
C ARG A 21 -5.90 1.50 -2.79
N ASP A 22 -6.85 2.28 -2.35
CA ASP A 22 -7.50 3.24 -3.29
C ASP A 22 -6.48 4.24 -3.82
N TRP A 23 -5.67 4.79 -2.95
CA TRP A 23 -4.65 5.78 -3.39
C TRP A 23 -3.74 5.14 -4.44
N LEU A 24 -3.33 3.93 -4.21
CA LEU A 24 -2.43 3.24 -5.18
C LEU A 24 -3.16 3.07 -6.52
N TYR A 25 -4.41 2.70 -6.47
CA TYR A 25 -5.19 2.50 -7.72
C TYR A 25 -5.26 3.82 -8.50
N GLU A 26 -5.32 4.92 -7.80
CA GLU A 26 -5.41 6.24 -8.49
C GLU A 26 -4.09 6.53 -9.21
N HIS A 27 -2.98 6.17 -8.64
CA HIS A 27 -1.66 6.43 -9.29
C HIS A 27 -0.88 5.12 -9.41
N ARG A 28 -1.36 4.21 -10.22
CA ARG A 28 -0.68 2.90 -10.39
C ARG A 28 0.59 3.08 -11.22
N TYR A 29 1.53 2.17 -11.07
CA TYR A 29 2.81 2.24 -11.84
C TYR A 29 3.61 3.46 -11.40
N ASN A 30 3.09 4.64 -11.60
CA ASN A 30 3.84 5.86 -11.21
C ASN A 30 3.64 6.13 -9.72
N ALA A 31 4.57 5.74 -8.89
CA ALA A 31 4.44 5.98 -7.43
C ALA A 31 5.76 5.60 -6.76
N TYR A 32 6.81 6.34 -7.04
CA TYR A 32 8.13 6.01 -6.44
C TYR A 32 8.16 6.48 -4.97
N PRO A 33 8.98 5.89 -4.14
CA PRO A 33 9.09 6.29 -2.71
C PRO A 33 9.27 7.80 -2.52
N SER A 34 8.46 8.41 -1.70
CA SER A 34 8.58 9.87 -1.48
C SER A 34 7.96 10.24 -0.13
N GLU A 35 8.56 11.16 0.57
CA GLU A 35 8.02 11.59 1.90
C GLU A 35 6.70 12.34 1.69
N GLN A 36 6.60 13.11 0.64
CA GLN A 36 5.36 13.88 0.38
C GLN A 36 4.18 12.92 0.17
N GLU A 37 4.36 11.93 -0.65
CA GLU A 37 3.27 10.96 -0.91
C GLU A 37 2.98 10.13 0.35
N LYS A 38 4.00 9.60 0.96
CA LYS A 38 3.80 8.78 2.18
C LYS A 38 3.20 9.66 3.28
N ALA A 39 3.66 10.87 3.40
CA ALA A 39 3.12 11.78 4.44
C ALA A 39 1.63 12.03 4.18
N LEU A 40 1.25 12.13 2.94
CA LEU A 40 -0.17 12.39 2.60
C LEU A 40 -1.04 11.22 3.11
N LEU A 41 -0.67 10.02 2.77
CA LEU A 41 -1.45 8.82 3.22
C LEU A 41 -1.38 8.71 4.75
N SER A 42 -0.24 8.98 5.32
CA SER A 42 -0.09 8.87 6.79
C SER A 42 -1.10 9.79 7.47
N GLN A 43 -1.33 10.95 6.91
CA GLN A 43 -2.31 11.89 7.50
C GLN A 43 -3.72 11.32 7.36
N GLN A 44 -4.01 10.73 6.23
CA GLN A 44 -5.37 10.16 6.01
C GLN A 44 -5.58 8.96 6.95
N THR A 45 -4.62 8.09 7.05
CA THR A 45 -4.74 6.92 7.94
C THR A 45 -4.18 7.27 9.31
N HIS A 46 -4.42 6.41 10.28
CA HIS A 46 -3.90 6.67 11.65
C HIS A 46 -2.61 5.84 11.86
N LEU A 47 -2.08 5.29 10.80
CA LEU A 47 -0.83 4.48 10.93
C LEU A 47 0.40 5.37 10.85
N SER A 48 1.49 4.94 11.41
CA SER A 48 2.74 5.75 11.39
C SER A 48 3.39 5.71 10.00
N THR A 49 4.24 6.66 9.72
CA THR A 49 4.94 6.70 8.41
C THR A 49 5.82 5.46 8.28
N LEU A 50 6.52 5.11 9.32
CA LEU A 50 7.40 3.91 9.25
C LEU A 50 6.57 2.66 8.95
N GLN A 51 5.46 2.52 9.62
CA GLN A 51 4.60 1.32 9.39
C GLN A 51 4.03 1.38 7.97
N VAL A 52 3.61 2.53 7.54
CA VAL A 52 3.05 2.67 6.17
C VAL A 52 4.14 2.39 5.15
N CYS A 53 5.32 2.92 5.36
CA CYS A 53 6.44 2.69 4.40
C CYS A 53 6.67 1.18 4.22
N ASN A 54 6.67 0.45 5.29
CA ASN A 54 6.90 -1.02 5.20
C ASN A 54 5.77 -1.68 4.41
N TRP A 55 4.56 -1.30 4.68
CA TRP A 55 3.39 -1.88 3.96
C TRP A 55 3.39 -1.38 2.50
N PHE A 56 3.73 -0.14 2.29
CA PHE A 56 3.71 0.42 0.92
C PHE A 56 4.67 -0.37 0.02
N ILE A 57 5.86 -0.64 0.49
CA ILE A 57 6.84 -1.40 -0.34
C ILE A 57 6.31 -2.82 -0.58
N ASN A 58 5.84 -3.45 0.45
CA ASN A 58 5.31 -4.85 0.31
C ASN A 58 4.03 -4.83 -0.53
N ALA A 59 3.20 -3.86 -0.33
CA ALA A 59 1.92 -3.79 -1.08
C ALA A 59 2.19 -3.68 -2.59
N ARG A 60 3.09 -2.82 -2.98
CA ARG A 60 3.39 -2.67 -4.43
C ARG A 60 3.95 -3.98 -4.99
N ARG A 61 4.87 -4.59 -4.30
CA ARG A 61 5.46 -5.86 -4.79
C ARG A 61 4.42 -6.98 -4.79
N ARG A 62 3.34 -6.79 -4.07
CA ARG A 62 2.28 -7.85 -4.01
C ARG A 62 1.08 -7.45 -4.87
N LEU A 63 0.93 -6.18 -5.14
CA LEU A 63 -0.24 -5.71 -5.95
C LEU A 63 0.14 -5.57 -7.42
N LEU A 64 1.00 -4.64 -7.73
CA LEU A 64 1.41 -4.42 -9.16
C LEU A 64 1.48 -5.75 -9.95
N PRO A 65 2.37 -6.63 -9.58
CA PRO A 65 2.52 -7.94 -10.30
C PRO A 65 1.21 -8.74 -10.32
N ASP A 66 0.58 -8.85 -9.20
CA ASP A 66 -0.69 -9.64 -9.13
C ASP A 66 -1.78 -8.96 -9.98
N MET A 67 -1.95 -7.68 -9.84
CA MET A 67 -3.01 -6.98 -10.62
C MET A 67 -2.64 -6.98 -12.12
N LEU A 68 -1.39 -6.74 -12.42
CA LEU A 68 -0.99 -6.72 -13.85
C LEU A 68 -1.17 -8.11 -14.48
N ARG A 69 -0.80 -9.12 -13.77
CA ARG A 69 -0.97 -10.50 -14.30
C ARG A 69 -2.46 -10.86 -14.32
N LYS A 70 -3.21 -10.30 -13.41
CA LYS A 70 -4.67 -10.60 -13.36
C LYS A 70 -5.36 -10.16 -14.64
N ASP A 71 -5.09 -8.96 -15.08
CA ASP A 71 -5.73 -8.48 -16.34
C ASP A 71 -5.11 -7.14 -16.75
N GLY A 72 -3.80 -7.04 -16.68
CA GLY A 72 -3.11 -5.77 -17.05
C GLY A 72 -3.88 -4.56 -16.50
N LYS A 73 -3.90 -4.40 -15.21
CA LYS A 73 -4.65 -3.26 -14.62
C LYS A 73 -4.04 -1.94 -15.05
N ASP A 74 -4.86 -1.00 -15.46
CA ASP A 74 -4.35 0.34 -15.90
C ASP A 74 -4.65 1.39 -14.82
N PRO A 75 -3.89 2.46 -14.79
CA PRO A 75 -4.07 3.57 -13.80
C PRO A 75 -5.45 4.25 -13.94
N ASN A 76 -6.42 3.76 -13.21
CA ASN A 76 -7.79 4.35 -13.28
C ASN A 76 -7.82 5.72 -12.60
N GLN A 77 -8.53 6.63 -13.20
CA GLN A 77 -8.65 8.01 -12.62
C GLN A 77 -9.17 7.95 -11.17
N PHE A 78 -9.58 9.07 -10.66
CA PHE A 78 -10.11 9.13 -9.27
C PHE A 78 -11.44 8.38 -9.19
N THR A 79 -12.51 9.00 -9.61
CA THR A 79 -13.83 8.33 -9.56
C THR A 79 -14.17 7.95 -8.12
N ILE A 80 -13.60 6.88 -7.63
CA ILE A 80 -13.90 6.44 -6.24
C ILE A 80 -12.96 7.12 -5.24
N SER A 81 -13.52 7.64 -4.18
CA SER A 81 -12.69 8.34 -3.16
C SER A 81 -12.43 7.38 -1.99
N ARG A 82 -11.18 7.19 -1.65
CA ARG A 82 -10.81 6.28 -0.51
C ARG A 82 -11.71 5.04 -0.50
N ARG A 83 -12.82 5.10 0.19
CA ARG A 83 -13.74 3.93 0.26
C ARG A 83 -14.47 3.74 -1.07
N GLY A 84 -15.49 4.53 -1.31
CA GLY A 84 -16.24 4.38 -2.61
C GLY A 84 -17.19 3.18 -2.50
N ALA A 85 -17.77 2.96 -1.36
CA ALA A 85 -18.69 1.80 -1.18
C ALA A 85 -19.82 1.84 -2.22
N LYS A 86 -20.17 0.70 -2.75
CA LYS A 86 -21.25 0.65 -3.79
C LYS A 86 -22.63 0.57 -3.11
N ILE A 87 -23.60 1.22 -3.69
CA ILE A 87 -24.98 1.19 -3.09
C ILE A 87 -26.01 1.39 -4.21
N SER A 88 -26.96 0.50 -4.29
CA SER A 88 -28.00 0.61 -5.36
C SER A 88 -28.99 1.74 -5.03
N GLU A 89 -29.54 2.34 -6.05
CA GLU A 89 -30.52 3.45 -5.84
C GLU A 89 -31.83 2.89 -5.29
N MET A 1 -7.25 -34.37 19.34
CA MET A 1 -7.26 -34.57 17.86
C MET A 1 -6.65 -33.35 17.16
N GLY A 2 -6.72 -33.32 15.85
CA GLY A 2 -6.13 -32.18 15.08
C GLY A 2 -6.94 -30.90 15.32
N HIS A 3 -6.36 -29.77 14.97
CA HIS A 3 -7.08 -28.47 15.16
C HIS A 3 -6.90 -27.60 13.91
N HIS A 4 -7.90 -26.82 13.57
CA HIS A 4 -7.79 -25.96 12.36
C HIS A 4 -8.71 -24.74 12.51
N HIS A 5 -9.32 -24.32 11.44
CA HIS A 5 -10.24 -23.13 11.50
C HIS A 5 -9.61 -22.03 12.37
N HIS A 6 -8.40 -21.63 12.05
CA HIS A 6 -7.72 -20.57 12.85
C HIS A 6 -7.91 -19.21 12.17
N HIS A 7 -8.88 -18.46 12.65
CA HIS A 7 -9.14 -17.12 12.06
C HIS A 7 -7.96 -16.20 12.39
N HIS A 8 -7.42 -16.34 13.57
CA HIS A 8 -6.27 -15.50 14.00
C HIS A 8 -6.60 -14.01 13.96
N SER A 9 -5.74 -13.20 14.51
CA SER A 9 -5.99 -11.73 14.53
C SER A 9 -5.91 -11.16 13.12
N HIS A 10 -6.71 -10.15 12.85
CA HIS A 10 -6.71 -9.55 11.49
C HIS A 10 -5.56 -8.54 11.36
N MET A 11 -5.13 -8.31 10.15
CA MET A 11 -4.01 -7.37 9.89
C MET A 11 -4.40 -5.95 10.34
N LEU A 12 -4.15 -4.98 9.51
CA LEU A 12 -4.47 -3.58 9.88
C LEU A 12 -5.99 -3.33 9.76
N PRO A 13 -6.47 -2.20 10.20
CA PRO A 13 -7.92 -1.85 10.14
C PRO A 13 -8.47 -1.82 8.70
N LYS A 14 -9.72 -2.17 8.54
CA LYS A 14 -10.35 -2.18 7.19
C LYS A 14 -10.38 -0.75 6.63
N GLU A 15 -10.66 0.21 7.44
CA GLU A 15 -10.71 1.62 6.95
C GLU A 15 -9.33 2.03 6.42
N SER A 16 -8.30 1.75 7.16
CA SER A 16 -6.92 2.12 6.70
C SER A 16 -6.60 1.37 5.40
N VAL A 17 -6.93 0.11 5.34
CA VAL A 17 -6.64 -0.68 4.12
C VAL A 17 -7.48 -0.16 2.95
N GLN A 18 -8.73 0.13 3.21
CA GLN A 18 -9.62 0.63 2.11
C GLN A 18 -9.06 1.95 1.57
N ILE A 19 -8.65 2.83 2.45
CA ILE A 19 -8.10 4.14 1.99
C ILE A 19 -6.81 3.90 1.21
N LEU A 20 -5.94 3.07 1.73
CA LEU A 20 -4.65 2.79 1.04
C LEU A 20 -4.92 2.06 -0.28
N ARG A 21 -5.84 1.13 -0.28
CA ARG A 21 -6.15 0.38 -1.53
C ARG A 21 -6.69 1.35 -2.58
N ASP A 22 -7.57 2.22 -2.18
CA ASP A 22 -8.15 3.21 -3.14
C ASP A 22 -7.04 4.12 -3.68
N TRP A 23 -6.22 4.64 -2.80
CA TRP A 23 -5.13 5.55 -3.25
C TRP A 23 -4.18 4.78 -4.18
N LEU A 24 -3.74 3.64 -3.75
CA LEU A 24 -2.80 2.84 -4.60
C LEU A 24 -3.51 2.41 -5.88
N TYR A 25 -4.74 1.98 -5.76
CA TYR A 25 -5.48 1.54 -6.98
C TYR A 25 -5.60 2.69 -7.98
N GLU A 26 -6.00 3.84 -7.51
CA GLU A 26 -6.14 5.02 -8.41
C GLU A 26 -4.75 5.44 -8.91
N HIS A 27 -3.77 5.38 -8.05
CA HIS A 27 -2.38 5.77 -8.45
C HIS A 27 -1.55 4.49 -8.65
N ARG A 28 -2.20 3.44 -9.07
CA ARG A 28 -1.48 2.15 -9.30
C ARG A 28 -0.42 2.34 -10.40
N TYR A 29 -0.73 3.09 -11.40
CA TYR A 29 0.24 3.29 -12.51
C TYR A 29 1.36 4.22 -12.04
N ASN A 30 1.14 4.94 -10.96
CA ASN A 30 2.18 5.88 -10.42
C ASN A 30 2.56 5.48 -9.01
N ALA A 31 1.97 6.13 -8.03
CA ALA A 31 2.28 5.83 -6.59
C ALA A 31 3.77 5.55 -6.42
N TYR A 32 4.55 6.57 -6.16
CA TYR A 32 6.02 6.38 -5.98
C TYR A 32 6.36 6.36 -4.48
N PRO A 33 7.44 5.72 -4.12
CA PRO A 33 7.88 5.63 -2.69
C PRO A 33 8.42 6.99 -2.19
N SER A 34 7.95 8.06 -2.77
CA SER A 34 8.43 9.41 -2.34
C SER A 34 7.87 9.77 -0.95
N GLU A 35 8.57 10.61 -0.24
CA GLU A 35 8.12 11.03 1.12
C GLU A 35 6.82 11.83 1.02
N GLN A 36 6.67 12.60 -0.03
CA GLN A 36 5.43 13.42 -0.18
C GLN A 36 4.22 12.50 -0.20
N GLU A 37 4.29 11.42 -0.93
CA GLU A 37 3.14 10.47 -0.99
C GLU A 37 2.97 9.79 0.36
N LYS A 38 4.05 9.46 1.01
CA LYS A 38 3.96 8.77 2.33
C LYS A 38 3.31 9.72 3.33
N ALA A 39 3.66 10.98 3.29
CA ALA A 39 3.07 11.95 4.24
C ALA A 39 1.56 12.02 4.02
N LEU A 40 1.14 11.98 2.78
CA LEU A 40 -0.32 12.04 2.48
C LEU A 40 -0.99 10.79 3.06
N LEU A 41 -0.38 9.65 2.89
CA LEU A 41 -0.96 8.40 3.43
C LEU A 41 -0.86 8.41 4.96
N SER A 42 0.25 8.87 5.48
CA SER A 42 0.44 8.90 6.96
C SER A 42 -0.59 9.82 7.61
N GLN A 43 -0.75 11.01 7.09
CA GLN A 43 -1.73 11.97 7.69
C GLN A 43 -3.15 11.47 7.43
N GLN A 44 -3.39 10.94 6.27
CA GLN A 44 -4.75 10.43 5.94
C GLN A 44 -5.07 9.22 6.80
N THR A 45 -4.11 8.36 7.02
CA THR A 45 -4.34 7.14 7.84
C THR A 45 -3.81 7.36 9.25
N HIS A 46 -4.08 6.43 10.12
CA HIS A 46 -3.58 6.53 11.53
C HIS A 46 -2.29 5.73 11.68
N LEU A 47 -1.74 5.28 10.57
CA LEU A 47 -0.48 4.47 10.63
C LEU A 47 0.73 5.39 10.42
N SER A 48 1.81 5.08 11.08
CA SER A 48 3.04 5.91 10.95
C SER A 48 3.72 5.67 9.60
N THR A 49 4.73 6.43 9.31
CA THR A 49 5.46 6.27 8.02
C THR A 49 6.18 4.92 8.01
N LEU A 50 6.63 4.46 9.14
CA LEU A 50 7.35 3.15 9.18
C LEU A 50 6.40 2.03 8.75
N GLN A 51 5.21 2.02 9.26
CA GLN A 51 4.24 0.94 8.89
C GLN A 51 3.78 1.16 7.45
N VAL A 52 3.56 2.38 7.08
CA VAL A 52 3.10 2.67 5.68
C VAL A 52 4.21 2.30 4.70
N CYS A 53 5.43 2.63 5.01
CA CYS A 53 6.56 2.31 4.08
C CYS A 53 6.66 0.79 3.90
N ASN A 54 6.66 0.04 4.97
CA ASN A 54 6.77 -1.44 4.85
C ASN A 54 5.56 -1.99 4.10
N TRP A 55 4.39 -1.53 4.45
CA TRP A 55 3.16 -2.03 3.76
C TRP A 55 3.13 -1.51 2.32
N PHE A 56 3.48 -0.28 2.12
CA PHE A 56 3.46 0.29 0.74
C PHE A 56 4.44 -0.46 -0.16
N ILE A 57 5.64 -0.65 0.28
CA ILE A 57 6.65 -1.37 -0.55
C ILE A 57 6.22 -2.82 -0.76
N ASN A 58 5.82 -3.48 0.29
CA ASN A 58 5.39 -4.90 0.18
C ASN A 58 4.09 -4.98 -0.62
N ALA A 59 3.18 -4.09 -0.36
CA ALA A 59 1.88 -4.11 -1.09
C ALA A 59 2.10 -3.73 -2.55
N ARG A 60 2.83 -2.68 -2.79
CA ARG A 60 3.07 -2.26 -4.20
C ARG A 60 3.94 -3.30 -4.91
N ARG A 61 4.98 -3.75 -4.27
CA ARG A 61 5.86 -4.76 -4.92
C ARG A 61 5.12 -6.07 -5.11
N ARG A 62 4.08 -6.30 -4.35
CA ARG A 62 3.30 -7.56 -4.49
C ARG A 62 2.06 -7.32 -5.33
N LEU A 63 1.59 -6.10 -5.40
CA LEU A 63 0.37 -5.79 -6.19
C LEU A 63 0.72 -5.43 -7.63
N LEU A 64 1.28 -4.27 -7.84
CA LEU A 64 1.65 -3.81 -9.23
C LEU A 64 1.95 -4.99 -10.17
N PRO A 65 2.98 -5.74 -9.91
CA PRO A 65 3.35 -6.89 -10.79
C PRO A 65 2.22 -7.91 -10.94
N ASP A 66 1.72 -8.40 -9.84
CA ASP A 66 0.63 -9.41 -9.90
C ASP A 66 -0.63 -8.81 -10.51
N MET A 67 -0.99 -7.62 -10.13
CA MET A 67 -2.22 -6.99 -10.66
C MET A 67 -2.14 -6.91 -12.19
N LEU A 68 -1.04 -6.44 -12.70
CA LEU A 68 -0.91 -6.33 -14.18
C LEU A 68 -0.87 -7.72 -14.80
N ARG A 69 -0.18 -8.63 -14.20
CA ARG A 69 -0.11 -10.00 -14.74
C ARG A 69 -1.44 -10.71 -14.52
N LYS A 70 -2.23 -10.20 -13.61
CA LYS A 70 -3.55 -10.84 -13.34
C LYS A 70 -4.48 -10.60 -14.52
N ASP A 71 -4.71 -9.36 -14.88
CA ASP A 71 -5.61 -9.05 -16.02
C ASP A 71 -5.58 -7.55 -16.30
N GLY A 72 -4.48 -6.91 -16.03
CA GLY A 72 -4.38 -5.45 -16.29
C GLY A 72 -5.48 -4.67 -15.57
N LYS A 73 -5.14 -3.99 -14.51
CA LYS A 73 -6.14 -3.20 -13.74
C LYS A 73 -7.25 -4.12 -13.23
N ASP A 74 -7.08 -4.66 -12.05
CA ASP A 74 -8.10 -5.56 -11.45
C ASP A 74 -8.70 -4.89 -10.22
N PRO A 75 -9.84 -4.24 -10.34
CA PRO A 75 -10.51 -3.57 -9.19
C PRO A 75 -10.67 -4.51 -7.99
N ASN A 76 -10.94 -5.76 -8.25
CA ASN A 76 -11.12 -6.73 -7.13
C ASN A 76 -9.75 -7.24 -6.67
N GLN A 77 -9.35 -6.84 -5.50
CA GLN A 77 -8.03 -7.29 -4.96
C GLN A 77 -8.04 -7.18 -3.44
N PHE A 78 -7.94 -8.30 -2.76
CA PHE A 78 -7.96 -8.29 -1.26
C PHE A 78 -6.53 -8.40 -0.71
N THR A 79 -6.25 -7.71 0.36
CA THR A 79 -4.89 -7.75 0.95
C THR A 79 -4.62 -9.10 1.60
N ILE A 80 -3.43 -9.61 1.43
CA ILE A 80 -3.07 -10.93 2.05
C ILE A 80 -1.59 -10.88 2.44
N SER A 81 -1.05 -9.69 2.60
CA SER A 81 0.39 -9.58 2.98
C SER A 81 0.63 -10.27 4.31
N ARG A 82 1.75 -10.94 4.44
CA ARG A 82 2.07 -11.65 5.71
C ARG A 82 2.74 -10.69 6.69
N ARG A 83 2.09 -10.43 7.80
CA ARG A 83 2.67 -9.52 8.83
C ARG A 83 1.66 -9.40 9.98
N GLY A 84 0.43 -9.75 9.73
CA GLY A 84 -0.62 -9.67 10.80
C GLY A 84 -0.36 -10.75 11.85
N ALA A 85 0.89 -11.01 12.17
CA ALA A 85 1.20 -12.03 13.20
C ALA A 85 1.04 -11.42 14.59
N LYS A 86 0.66 -10.17 14.64
CA LYS A 86 0.49 -9.48 15.95
C LYS A 86 1.84 -9.35 16.66
N ILE A 87 2.84 -10.04 16.18
CA ILE A 87 4.19 -9.98 16.82
C ILE A 87 5.16 -9.23 15.89
N SER A 88 5.79 -8.20 16.41
CA SER A 88 6.76 -7.41 15.60
C SER A 88 6.24 -7.23 14.17
N GLU A 89 4.93 -7.31 14.01
CA GLU A 89 4.32 -7.14 12.65
C GLU A 89 5.16 -7.89 11.61
N MET A 1 6.80 -1.76 23.38
CA MET A 1 7.27 -0.40 23.77
C MET A 1 7.43 0.46 22.53
N GLY A 2 8.20 0.01 21.57
CA GLY A 2 8.39 0.80 20.33
C GLY A 2 7.27 0.47 19.35
N HIS A 3 6.36 -0.38 19.73
CA HIS A 3 5.24 -0.74 18.81
C HIS A 3 4.19 0.37 18.79
N HIS A 4 3.79 0.79 17.62
CA HIS A 4 2.77 1.86 17.49
C HIS A 4 1.38 1.22 17.59
N HIS A 5 1.31 -0.08 17.62
CA HIS A 5 -0.01 -0.77 17.70
C HIS A 5 0.13 -2.14 18.37
N HIS A 6 -0.81 -3.01 18.17
CA HIS A 6 -0.75 -4.34 18.81
C HIS A 6 0.34 -5.21 18.16
N HIS A 7 0.90 -6.12 18.91
CA HIS A 7 1.98 -7.00 18.39
C HIS A 7 1.44 -7.91 17.28
N HIS A 8 2.33 -8.52 16.54
CA HIS A 8 1.93 -9.45 15.44
C HIS A 8 0.98 -8.74 14.47
N SER A 9 0.48 -9.47 13.51
CA SER A 9 -0.45 -8.87 12.51
C SER A 9 0.24 -7.72 11.79
N HIS A 10 1.11 -8.02 10.87
CA HIS A 10 1.83 -6.96 10.11
C HIS A 10 0.82 -6.22 9.20
N MET A 11 -0.09 -6.95 8.63
CA MET A 11 -1.09 -6.31 7.72
C MET A 11 -1.94 -5.30 8.48
N LEU A 12 -2.26 -4.19 7.86
CA LEU A 12 -3.08 -3.15 8.56
C LEU A 12 -4.58 -3.47 8.39
N PRO A 13 -5.40 -3.09 9.35
CA PRO A 13 -6.87 -3.33 9.28
C PRO A 13 -7.47 -3.11 7.88
N LYS A 14 -8.66 -3.60 7.66
CA LYS A 14 -9.31 -3.43 6.33
C LYS A 14 -9.55 -1.94 6.06
N GLU A 15 -9.94 -1.21 7.06
CA GLU A 15 -10.20 0.25 6.85
C GLU A 15 -8.93 0.93 6.35
N SER A 16 -7.84 0.73 7.00
CA SER A 16 -6.56 1.35 6.56
C SER A 16 -6.17 0.82 5.18
N VAL A 17 -6.31 -0.46 4.98
CA VAL A 17 -5.94 -1.07 3.66
C VAL A 17 -6.85 -0.51 2.57
N GLN A 18 -8.13 -0.40 2.84
CA GLN A 18 -9.06 0.12 1.80
C GLN A 18 -8.62 1.52 1.35
N ILE A 19 -8.33 2.39 2.27
CA ILE A 19 -7.91 3.77 1.90
C ILE A 19 -6.56 3.72 1.16
N LEU A 20 -5.62 2.99 1.69
CA LEU A 20 -4.27 2.91 1.03
C LEU A 20 -4.41 2.22 -0.33
N ARG A 21 -5.19 1.18 -0.39
CA ARG A 21 -5.36 0.44 -1.68
C ARG A 21 -6.00 1.36 -2.72
N ASP A 22 -6.98 2.14 -2.33
CA ASP A 22 -7.64 3.04 -3.28
C ASP A 22 -6.62 3.97 -3.93
N TRP A 23 -5.78 4.60 -3.14
CA TRP A 23 -4.77 5.52 -3.71
C TRP A 23 -3.82 4.74 -4.64
N LEU A 24 -3.40 3.58 -4.23
CA LEU A 24 -2.49 2.78 -5.09
C LEU A 24 -3.22 2.35 -6.35
N TYR A 25 -4.47 2.01 -6.23
CA TYR A 25 -5.26 1.54 -7.42
C TYR A 25 -5.25 2.63 -8.50
N GLU A 26 -5.45 3.86 -8.11
CA GLU A 26 -5.47 4.96 -9.11
C GLU A 26 -4.03 5.35 -9.45
N HIS A 27 -3.09 4.95 -8.62
CA HIS A 27 -1.65 5.29 -8.88
C HIS A 27 -0.83 4.01 -8.96
N ARG A 28 -1.32 3.02 -9.66
CA ARG A 28 -0.57 1.74 -9.80
C ARG A 28 0.74 1.99 -10.55
N TYR A 29 0.69 2.80 -11.58
CA TYR A 29 1.92 3.09 -12.36
C TYR A 29 2.61 4.32 -11.76
N ASN A 30 1.87 5.13 -11.05
CA ASN A 30 2.46 6.34 -10.41
C ASN A 30 2.83 6.00 -8.97
N ALA A 31 3.15 4.77 -8.72
CA ALA A 31 3.52 4.35 -7.34
C ALA A 31 4.99 4.67 -7.10
N TYR A 32 5.36 5.93 -7.14
CA TYR A 32 6.79 6.32 -6.91
C TYR A 32 6.95 6.79 -5.45
N PRO A 33 7.65 6.05 -4.61
CA PRO A 33 7.85 6.46 -3.18
C PRO A 33 8.30 7.91 -3.02
N SER A 34 7.71 8.63 -2.10
CA SER A 34 8.11 10.06 -1.89
C SER A 34 7.55 10.56 -0.57
N GLU A 35 8.19 11.54 0.01
CA GLU A 35 7.71 12.09 1.32
C GLU A 35 6.34 12.75 1.12
N GLN A 36 6.15 13.39 0.00
CA GLN A 36 4.83 14.06 -0.26
C GLN A 36 3.72 13.01 -0.35
N GLU A 37 3.93 11.97 -1.09
CA GLU A 37 2.89 10.91 -1.23
C GLU A 37 2.74 10.16 0.09
N LYS A 38 3.83 9.80 0.71
CA LYS A 38 3.75 9.05 2.01
C LYS A 38 3.14 9.96 3.08
N ALA A 39 3.50 11.20 3.10
CA ALA A 39 2.94 12.13 4.12
C ALA A 39 1.41 12.20 3.96
N LEU A 40 0.94 12.34 2.76
CA LEU A 40 -0.52 12.41 2.53
C LEU A 40 -1.17 11.11 2.96
N LEU A 41 -0.60 10.00 2.57
CA LEU A 41 -1.17 8.67 2.94
C LEU A 41 -1.08 8.49 4.45
N SER A 42 0.01 8.88 5.04
CA SER A 42 0.17 8.72 6.51
C SER A 42 -0.89 9.57 7.23
N GLN A 43 -1.22 10.71 6.70
CA GLN A 43 -2.23 11.59 7.36
C GLN A 43 -3.61 10.93 7.29
N GLN A 44 -3.94 10.32 6.18
CA GLN A 44 -5.28 9.67 6.05
C GLN A 44 -5.39 8.51 7.04
N THR A 45 -4.34 7.74 7.16
CA THR A 45 -4.37 6.58 8.10
C THR A 45 -3.73 7.02 9.43
N HIS A 46 -3.22 8.22 9.48
CA HIS A 46 -2.57 8.73 10.72
C HIS A 46 -1.45 7.77 11.14
N LEU A 47 -1.05 6.89 10.27
CA LEU A 47 0.04 5.93 10.62
C LEU A 47 1.41 6.60 10.49
N SER A 48 2.40 6.03 11.11
CA SER A 48 3.77 6.63 11.05
C SER A 48 4.39 6.42 9.66
N THR A 49 5.39 7.19 9.35
CA THR A 49 6.06 7.06 8.03
C THR A 49 6.65 5.66 7.88
N LEU A 50 7.31 5.17 8.89
CA LEU A 50 7.91 3.81 8.82
C LEU A 50 6.80 2.77 8.64
N GLN A 51 5.71 2.93 9.34
CA GLN A 51 4.60 1.95 9.21
C GLN A 51 4.08 1.94 7.77
N VAL A 52 3.91 3.09 7.19
CA VAL A 52 3.39 3.16 5.80
C VAL A 52 4.42 2.54 4.84
N CYS A 53 5.67 2.85 5.03
CA CYS A 53 6.72 2.30 4.12
C CYS A 53 6.77 0.78 4.23
N ASN A 54 6.71 0.24 5.42
CA ASN A 54 6.76 -1.24 5.58
C ASN A 54 5.53 -1.87 4.92
N TRP A 55 4.37 -1.33 5.19
CA TRP A 55 3.12 -1.89 4.59
C TRP A 55 3.13 -1.63 3.08
N PHE A 56 3.60 -0.48 2.68
CA PHE A 56 3.63 -0.14 1.22
C PHE A 56 4.45 -1.18 0.46
N ILE A 57 5.59 -1.53 0.97
CA ILE A 57 6.44 -2.53 0.25
C ILE A 57 5.71 -3.88 0.20
N ASN A 58 5.12 -4.30 1.29
CA ASN A 58 4.40 -5.60 1.29
C ASN A 58 3.14 -5.53 0.43
N ALA A 59 2.35 -4.50 0.59
CA ALA A 59 1.11 -4.37 -0.22
C ALA A 59 1.47 -4.19 -1.70
N ARG A 60 2.49 -3.43 -1.97
CA ARG A 60 2.89 -3.21 -3.38
C ARG A 60 3.36 -4.53 -3.99
N ARG A 61 4.10 -5.29 -3.24
CA ARG A 61 4.62 -6.59 -3.74
C ARG A 61 3.50 -7.62 -3.79
N ARG A 62 2.38 -7.32 -3.17
CA ARG A 62 1.22 -8.28 -3.17
C ARG A 62 0.08 -7.72 -4.04
N LEU A 63 0.22 -6.50 -4.52
CA LEU A 63 -0.86 -5.88 -5.36
C LEU A 63 -0.38 -5.65 -6.80
N LEU A 64 0.55 -4.75 -6.98
CA LEU A 64 1.05 -4.44 -8.35
C LEU A 64 1.17 -5.72 -9.21
N PRO A 65 2.01 -6.65 -8.84
CA PRO A 65 2.19 -7.90 -9.63
C PRO A 65 0.85 -8.42 -10.20
N ASP A 66 -0.15 -8.50 -9.38
CA ASP A 66 -1.46 -9.01 -9.86
C ASP A 66 -2.07 -8.04 -10.87
N MET A 67 -2.19 -6.79 -10.52
CA MET A 67 -2.81 -5.80 -11.45
C MET A 67 -1.93 -5.64 -12.70
N LEU A 68 -0.65 -5.58 -12.53
CA LEU A 68 0.28 -5.41 -13.69
C LEU A 68 0.20 -6.65 -14.57
N ARG A 69 0.11 -7.81 -13.99
CA ARG A 69 0.04 -9.06 -14.79
C ARG A 69 -1.19 -9.00 -15.69
N LYS A 70 -2.30 -8.55 -15.17
CA LYS A 70 -3.52 -8.46 -15.99
C LYS A 70 -3.32 -7.46 -17.11
N ASP A 71 -2.80 -6.30 -16.79
CA ASP A 71 -2.58 -5.27 -17.83
C ASP A 71 -1.50 -5.76 -18.80
N GLY A 72 -0.54 -6.49 -18.30
CA GLY A 72 0.54 -7.01 -19.18
C GLY A 72 1.66 -5.96 -19.25
N LYS A 73 1.63 -4.99 -18.37
CA LYS A 73 2.68 -3.93 -18.37
C LYS A 73 3.57 -4.08 -17.14
N ASP A 74 4.84 -4.27 -17.35
CA ASP A 74 5.81 -4.42 -16.20
C ASP A 74 6.68 -3.15 -16.11
N PRO A 75 7.12 -2.63 -17.24
CA PRO A 75 7.97 -1.41 -17.28
C PRO A 75 7.30 -0.18 -16.67
N ASN A 76 8.07 0.82 -16.34
CA ASN A 76 7.51 2.05 -15.75
C ASN A 76 7.13 1.79 -14.29
N GLN A 77 7.94 1.04 -13.59
CA GLN A 77 7.67 0.74 -12.15
C GLN A 77 8.88 1.13 -11.31
N PHE A 78 10.04 0.62 -11.66
CA PHE A 78 11.30 0.94 -10.92
C PHE A 78 11.02 1.04 -9.41
N THR A 79 11.87 1.73 -8.68
CA THR A 79 11.68 1.89 -7.21
C THR A 79 11.18 0.56 -6.62
N ILE A 80 11.75 -0.53 -7.04
CA ILE A 80 11.32 -1.86 -6.53
C ILE A 80 12.05 -2.20 -5.23
N SER A 81 11.38 -2.88 -4.34
CA SER A 81 12.01 -3.26 -3.03
C SER A 81 12.17 -2.03 -2.16
N ARG A 82 12.44 -0.89 -2.76
CA ARG A 82 12.62 0.37 -1.98
C ARG A 82 13.44 0.10 -0.72
N ARG A 83 12.79 -0.25 0.36
CA ARG A 83 13.52 -0.52 1.63
C ARG A 83 12.86 -1.70 2.34
N GLY A 84 13.21 -2.90 1.96
CA GLY A 84 12.60 -4.09 2.61
C GLY A 84 12.66 -5.30 1.69
N ALA A 85 11.87 -6.30 1.96
CA ALA A 85 11.86 -7.52 1.10
C ALA A 85 13.27 -8.09 0.95
N LYS A 86 14.04 -7.55 0.05
CA LYS A 86 15.42 -8.06 -0.17
C LYS A 86 16.34 -7.67 1.00
N ILE A 87 17.29 -8.49 1.30
CA ILE A 87 18.22 -8.21 2.42
C ILE A 87 19.29 -7.20 1.99
N SER A 88 19.49 -6.19 2.78
CA SER A 88 20.52 -5.15 2.46
C SER A 88 20.19 -4.46 1.12
N GLU A 89 20.22 -3.16 1.12
CA GLU A 89 19.93 -2.40 -0.12
C GLU A 89 18.65 -2.91 -0.77
N MET A 1 -19.60 -0.86 19.44
CA MET A 1 -20.56 -1.19 20.53
C MET A 1 -19.78 -1.60 21.77
N GLY A 2 -18.49 -1.35 21.78
CA GLY A 2 -17.66 -1.71 22.95
C GLY A 2 -17.31 -3.20 22.89
N HIS A 3 -17.56 -3.84 21.77
CA HIS A 3 -17.24 -5.29 21.64
C HIS A 3 -16.55 -5.56 20.31
N HIS A 4 -15.59 -6.45 20.30
CA HIS A 4 -14.85 -6.77 19.05
C HIS A 4 -14.48 -8.25 19.06
N HIS A 5 -15.46 -9.11 19.08
CA HIS A 5 -15.18 -10.57 19.11
C HIS A 5 -14.48 -10.99 17.82
N HIS A 6 -14.95 -10.50 16.70
CA HIS A 6 -14.32 -10.86 15.40
C HIS A 6 -13.12 -9.95 15.13
N HIS A 7 -12.04 -10.51 14.65
CA HIS A 7 -10.83 -9.69 14.35
C HIS A 7 -9.99 -10.41 13.30
N HIS A 8 -10.42 -10.38 12.06
CA HIS A 8 -9.65 -11.07 10.97
C HIS A 8 -9.05 -10.05 10.01
N SER A 9 -7.78 -10.15 9.72
CA SER A 9 -7.13 -9.19 8.81
C SER A 9 -5.77 -9.74 8.36
N HIS A 10 -5.53 -9.77 7.09
CA HIS A 10 -4.22 -10.28 6.57
C HIS A 10 -3.08 -9.44 7.12
N MET A 11 -3.25 -8.14 7.17
CA MET A 11 -2.18 -7.26 7.69
C MET A 11 -2.80 -6.06 8.41
N LEU A 12 -2.95 -4.97 7.71
CA LEU A 12 -3.51 -3.74 8.34
C LEU A 12 -5.03 -3.69 8.11
N PRO A 13 -5.71 -2.73 8.68
CA PRO A 13 -7.19 -2.58 8.52
C PRO A 13 -7.61 -2.40 7.06
N LYS A 14 -8.77 -2.91 6.72
CA LYS A 14 -9.27 -2.79 5.32
C LYS A 14 -9.42 -1.31 4.96
N GLU A 15 -9.87 -0.50 5.89
CA GLU A 15 -10.04 0.94 5.58
C GLU A 15 -8.69 1.56 5.20
N SER A 16 -7.67 1.30 5.96
CA SER A 16 -6.33 1.87 5.63
C SER A 16 -5.82 1.24 4.33
N VAL A 17 -6.03 -0.02 4.16
CA VAL A 17 -5.56 -0.71 2.93
C VAL A 17 -6.29 -0.12 1.71
N GLN A 18 -7.57 0.10 1.83
CA GLN A 18 -8.33 0.67 0.68
C GLN A 18 -7.74 2.03 0.30
N ILE A 19 -7.55 2.90 1.25
CA ILE A 19 -6.99 4.24 0.94
C ILE A 19 -5.55 4.10 0.43
N LEU A 20 -4.77 3.28 1.07
CA LEU A 20 -3.36 3.08 0.64
C LEU A 20 -3.32 2.47 -0.75
N ARG A 21 -4.17 1.52 -0.99
CA ARG A 21 -4.20 0.86 -2.32
C ARG A 21 -4.55 1.90 -3.40
N ASP A 22 -5.46 2.79 -3.09
CA ASP A 22 -5.86 3.83 -4.09
C ASP A 22 -4.62 4.61 -4.54
N TRP A 23 -3.81 5.05 -3.62
CA TRP A 23 -2.60 5.81 -4.00
C TRP A 23 -1.71 4.93 -4.88
N LEU A 24 -1.57 3.68 -4.53
CA LEU A 24 -0.72 2.77 -5.35
C LEU A 24 -1.34 2.64 -6.74
N TYR A 25 -2.63 2.55 -6.81
CA TYR A 25 -3.32 2.40 -8.12
C TYR A 25 -3.01 3.61 -9.00
N GLU A 26 -3.06 4.79 -8.43
CA GLU A 26 -2.77 6.01 -9.24
C GLU A 26 -1.31 6.02 -9.66
N HIS A 27 -0.44 5.57 -8.80
CA HIS A 27 1.02 5.55 -9.14
C HIS A 27 1.36 4.18 -9.74
N ARG A 28 0.36 3.44 -10.13
CA ARG A 28 0.60 2.09 -10.72
C ARG A 28 1.49 2.19 -11.95
N TYR A 29 2.31 1.21 -12.18
CA TYR A 29 3.22 1.21 -13.37
C TYR A 29 4.29 2.29 -13.19
N ASN A 30 3.89 3.52 -13.07
CA ASN A 30 4.87 4.64 -12.91
C ASN A 30 5.65 4.43 -11.61
N ALA A 31 4.97 4.07 -10.55
CA ALA A 31 5.65 3.84 -9.24
C ALA A 31 6.57 5.02 -8.90
N TYR A 32 6.15 5.86 -7.99
CA TYR A 32 6.99 7.03 -7.59
C TYR A 32 6.48 7.60 -6.27
N PRO A 33 6.72 6.90 -5.19
CA PRO A 33 6.28 7.33 -3.82
C PRO A 33 6.89 8.68 -3.41
N SER A 34 6.18 9.45 -2.63
CA SER A 34 6.71 10.78 -2.19
C SER A 34 6.20 11.10 -0.78
N GLU A 35 6.93 11.91 -0.08
CA GLU A 35 6.51 12.29 1.31
C GLU A 35 5.10 12.90 1.29
N GLN A 36 4.68 13.40 0.15
CA GLN A 36 3.33 14.01 0.07
C GLN A 36 2.27 12.96 0.41
N GLU A 37 2.35 11.81 -0.20
CA GLU A 37 1.36 10.73 0.08
C GLU A 37 1.57 10.22 1.51
N LYS A 38 2.79 10.08 1.92
CA LYS A 38 3.05 9.57 3.30
C LYS A 38 2.47 10.55 4.33
N ALA A 39 2.63 11.83 4.09
CA ALA A 39 2.10 12.84 5.06
C ALA A 39 0.57 12.70 5.16
N LEU A 40 -0.12 12.76 4.06
CA LEU A 40 -1.60 12.63 4.09
C LEU A 40 -1.99 11.23 4.58
N LEU A 41 -1.29 10.23 4.16
CA LEU A 41 -1.61 8.84 4.60
C LEU A 41 -1.44 8.74 6.11
N SER A 42 -0.41 9.32 6.64
CA SER A 42 -0.18 9.23 8.12
C SER A 42 -1.35 9.89 8.85
N GLN A 43 -1.83 11.00 8.34
CA GLN A 43 -2.97 11.70 9.01
C GLN A 43 -4.27 10.95 8.70
N GLN A 44 -4.48 10.59 7.46
CA GLN A 44 -5.73 9.87 7.08
C GLN A 44 -5.74 8.50 7.75
N THR A 45 -4.62 7.83 7.78
CA THR A 45 -4.55 6.47 8.41
C THR A 45 -3.79 6.57 9.73
N HIS A 46 -4.36 6.04 10.76
CA HIS A 46 -3.70 6.10 12.10
C HIS A 46 -2.49 5.16 12.11
N LEU A 47 -1.71 5.17 11.06
CA LEU A 47 -0.50 4.28 10.99
C LEU A 47 0.76 5.14 10.97
N SER A 48 1.82 4.63 11.52
CA SER A 48 3.10 5.41 11.56
C SER A 48 3.68 5.56 10.16
N THR A 49 4.53 6.53 9.98
CA THR A 49 5.16 6.77 8.65
C THR A 49 5.98 5.54 8.23
N LEU A 50 6.74 4.98 9.12
CA LEU A 50 7.57 3.80 8.77
C LEU A 50 6.67 2.62 8.36
N GLN A 51 5.57 2.44 9.04
CA GLN A 51 4.65 1.31 8.69
C GLN A 51 4.12 1.53 7.27
N VAL A 52 3.79 2.74 6.94
CA VAL A 52 3.25 3.03 5.57
C VAL A 52 4.35 2.74 4.53
N CYS A 53 5.55 3.18 4.80
CA CYS A 53 6.66 2.95 3.82
C CYS A 53 6.95 1.44 3.70
N ASN A 54 7.05 0.76 4.80
CA ASN A 54 7.34 -0.70 4.74
C ASN A 54 6.17 -1.42 4.04
N TRP A 55 4.97 -1.03 4.35
CA TRP A 55 3.79 -1.66 3.71
C TRP A 55 3.76 -1.35 2.22
N PHE A 56 4.12 -0.15 1.86
CA PHE A 56 4.10 0.24 0.42
C PHE A 56 5.02 -0.70 -0.38
N ILE A 57 6.20 -0.94 0.09
CA ILE A 57 7.13 -1.82 -0.67
C ILE A 57 6.56 -3.24 -0.78
N ASN A 58 6.10 -3.80 0.32
CA ASN A 58 5.53 -5.19 0.27
C ASN A 58 4.23 -5.19 -0.55
N ALA A 59 3.39 -4.21 -0.32
CA ALA A 59 2.10 -4.16 -1.07
C ALA A 59 2.37 -3.97 -2.56
N ARG A 60 3.39 -3.22 -2.90
CA ARG A 60 3.69 -2.99 -4.34
C ARG A 60 4.03 -4.33 -5.02
N ARG A 61 4.91 -5.09 -4.44
CA ARG A 61 5.30 -6.39 -5.05
C ARG A 61 4.20 -7.42 -4.82
N ARG A 62 3.19 -7.07 -4.06
CA ARG A 62 2.06 -8.03 -3.78
C ARG A 62 0.80 -7.61 -4.55
N LEU A 63 0.67 -6.33 -4.85
CA LEU A 63 -0.55 -5.85 -5.58
C LEU A 63 -0.27 -5.69 -7.07
N LEU A 64 0.84 -5.11 -7.42
CA LEU A 64 1.14 -4.91 -8.87
C LEU A 64 0.99 -6.22 -9.66
N PRO A 65 1.48 -7.32 -9.15
CA PRO A 65 1.39 -8.63 -9.86
C PRO A 65 -0.01 -9.22 -9.76
N ASP A 66 -0.65 -9.03 -8.64
CA ASP A 66 -2.02 -9.57 -8.46
C ASP A 66 -3.00 -8.84 -9.37
N MET A 67 -2.96 -7.54 -9.38
CA MET A 67 -3.88 -6.76 -10.24
C MET A 67 -3.57 -7.04 -11.71
N LEU A 68 -2.32 -7.02 -12.07
CA LEU A 68 -1.94 -7.29 -13.48
C LEU A 68 -2.30 -8.72 -13.86
N ARG A 69 -2.04 -9.65 -12.99
CA ARG A 69 -2.35 -11.07 -13.30
C ARG A 69 -3.87 -11.23 -13.44
N LYS A 70 -4.61 -10.65 -12.55
CA LYS A 70 -6.09 -10.76 -12.61
C LYS A 70 -6.60 -10.08 -13.87
N ASP A 71 -6.12 -8.89 -14.16
CA ASP A 71 -6.56 -8.17 -15.38
C ASP A 71 -5.70 -6.92 -15.58
N GLY A 72 -4.53 -7.10 -16.12
CA GLY A 72 -3.63 -5.93 -16.35
C GLY A 72 -4.02 -5.25 -17.66
N LYS A 73 -5.29 -5.24 -17.97
CA LYS A 73 -5.74 -4.59 -19.22
C LYS A 73 -7.21 -4.15 -19.05
N ASP A 74 -7.51 -3.53 -17.94
CA ASP A 74 -8.91 -3.07 -17.69
C ASP A 74 -8.96 -2.22 -16.41
N PRO A 75 -8.12 -1.21 -16.32
CA PRO A 75 -8.06 -0.30 -15.14
C PRO A 75 -9.33 0.56 -14.98
N ASN A 76 -9.70 0.86 -13.77
CA ASN A 76 -10.92 1.70 -13.53
C ASN A 76 -10.67 2.65 -12.35
N GLN A 77 -10.48 2.09 -11.18
CA GLN A 77 -10.24 2.93 -9.97
C GLN A 77 -11.27 4.08 -9.94
N PHE A 78 -12.38 3.87 -9.30
CA PHE A 78 -13.44 4.92 -9.21
C PHE A 78 -13.34 5.64 -7.85
N THR A 79 -12.35 6.47 -7.69
CA THR A 79 -12.16 7.21 -6.42
C THR A 79 -11.98 6.24 -5.25
N ILE A 80 -11.14 6.60 -4.31
CA ILE A 80 -10.88 5.73 -3.11
C ILE A 80 -10.88 4.26 -3.52
N SER A 81 -10.50 3.99 -4.74
CA SER A 81 -10.46 2.59 -5.24
C SER A 81 -11.80 1.89 -4.96
N ARG A 82 -11.80 0.58 -5.00
CA ARG A 82 -13.05 -0.18 -4.77
C ARG A 82 -13.24 -0.47 -3.27
N ARG A 83 -14.45 -0.30 -2.79
CA ARG A 83 -14.71 -0.55 -1.34
C ARG A 83 -14.88 -2.06 -1.13
N GLY A 84 -14.89 -2.82 -2.20
CA GLY A 84 -15.06 -4.30 -2.06
C GLY A 84 -16.54 -4.66 -2.12
N ALA A 85 -17.35 -3.79 -2.66
CA ALA A 85 -18.80 -4.07 -2.75
C ALA A 85 -19.06 -5.26 -3.66
N LYS A 86 -20.06 -6.06 -3.35
CA LYS A 86 -20.40 -7.24 -4.19
C LYS A 86 -21.91 -7.26 -4.41
N ILE A 87 -22.65 -6.56 -3.59
CA ILE A 87 -24.12 -6.52 -3.74
C ILE A 87 -24.51 -5.75 -5.00
N SER A 88 -25.43 -6.27 -5.77
CA SER A 88 -25.85 -5.60 -7.01
C SER A 88 -26.69 -4.35 -6.69
N GLU A 89 -26.84 -3.49 -7.67
CA GLU A 89 -27.63 -2.24 -7.46
C GLU A 89 -29.07 -2.59 -7.10
N MET A 1 13.44 -5.69 16.41
CA MET A 1 12.54 -6.74 15.84
C MET A 1 12.24 -7.78 16.92
N GLY A 2 12.92 -7.70 18.03
CA GLY A 2 12.65 -8.66 19.13
C GLY A 2 11.49 -8.15 19.98
N HIS A 3 10.93 -7.03 19.60
CA HIS A 3 9.79 -6.47 20.39
C HIS A 3 8.54 -7.32 20.18
N HIS A 4 7.82 -7.63 21.23
CA HIS A 4 6.58 -8.46 21.09
C HIS A 4 5.38 -7.57 20.80
N HIS A 5 4.35 -8.12 20.19
CA HIS A 5 3.15 -7.30 19.86
C HIS A 5 2.38 -6.96 21.15
N HIS A 6 2.04 -5.71 21.31
CA HIS A 6 1.29 -5.29 22.53
C HIS A 6 -0.11 -5.90 22.50
N HIS A 7 -0.76 -5.89 21.36
CA HIS A 7 -2.12 -6.46 21.24
C HIS A 7 -2.57 -6.42 19.79
N HIS A 8 -2.34 -5.31 19.12
CA HIS A 8 -2.76 -5.19 17.70
C HIS A 8 -1.80 -5.95 16.79
N SER A 9 -2.31 -6.50 15.71
CA SER A 9 -1.44 -7.26 14.77
C SER A 9 -0.58 -6.31 13.94
N HIS A 10 0.47 -6.82 13.34
CA HIS A 10 1.35 -5.96 12.50
C HIS A 10 0.55 -5.41 11.31
N MET A 11 -0.43 -6.13 10.85
CA MET A 11 -1.23 -5.65 9.69
C MET A 11 -2.05 -4.43 10.11
N LEU A 12 -2.22 -3.49 9.22
CA LEU A 12 -3.00 -2.26 9.56
C LEU A 12 -4.51 -2.58 9.46
N PRO A 13 -5.34 -1.89 10.20
CA PRO A 13 -6.84 -2.11 10.16
C PRO A 13 -7.38 -2.26 8.73
N LYS A 14 -8.53 -2.88 8.60
CA LYS A 14 -9.14 -3.09 7.25
C LYS A 14 -9.46 -1.73 6.61
N GLU A 15 -10.02 -0.83 7.36
CA GLU A 15 -10.37 0.50 6.79
C GLU A 15 -9.09 1.22 6.35
N SER A 16 -8.05 1.14 7.13
CA SER A 16 -6.78 1.82 6.75
C SER A 16 -6.23 1.19 5.46
N VAL A 17 -6.27 -0.11 5.38
CA VAL A 17 -5.76 -0.79 4.16
C VAL A 17 -6.64 -0.41 2.96
N GLN A 18 -7.92 -0.40 3.14
CA GLN A 18 -8.83 -0.04 2.02
C GLN A 18 -8.46 1.35 1.50
N ILE A 19 -8.24 2.29 2.38
CA ILE A 19 -7.88 3.67 1.91
C ILE A 19 -6.53 3.62 1.19
N LEU A 20 -5.57 2.93 1.74
CA LEU A 20 -4.23 2.85 1.08
C LEU A 20 -4.34 2.10 -0.25
N ARG A 21 -5.10 1.04 -0.27
CA ARG A 21 -5.26 0.25 -1.53
C ARG A 21 -5.99 1.09 -2.58
N ASP A 22 -7.00 1.80 -2.18
CA ASP A 22 -7.77 2.64 -3.14
C ASP A 22 -6.85 3.69 -3.78
N TRP A 23 -6.06 4.35 -3.00
CA TRP A 23 -5.14 5.38 -3.57
C TRP A 23 -4.15 4.71 -4.52
N LEU A 24 -3.64 3.57 -4.15
CA LEU A 24 -2.66 2.87 -5.02
C LEU A 24 -3.33 2.49 -6.35
N TYR A 25 -4.56 2.05 -6.31
CA TYR A 25 -5.27 1.67 -7.55
C TYR A 25 -5.37 2.90 -8.46
N GLU A 26 -5.60 4.05 -7.91
CA GLU A 26 -5.70 5.27 -8.74
C GLU A 26 -4.37 5.52 -9.44
N HIS A 27 -3.28 5.29 -8.75
CA HIS A 27 -1.93 5.50 -9.36
C HIS A 27 -1.03 4.31 -9.02
N ARG A 28 -1.46 3.14 -9.39
CA ARG A 28 -0.65 1.92 -9.10
C ARG A 28 0.59 1.89 -10.00
N TYR A 29 0.48 2.36 -11.21
CA TYR A 29 1.65 2.37 -12.12
C TYR A 29 2.77 3.23 -11.55
N ASN A 30 2.46 4.41 -11.08
CA ASN A 30 3.51 5.30 -10.51
C ASN A 30 3.54 5.18 -8.99
N ALA A 31 3.03 6.16 -8.30
CA ALA A 31 3.03 6.14 -6.80
C ALA A 31 4.40 5.68 -6.32
N TYR A 32 5.46 6.30 -6.79
CA TYR A 32 6.82 5.87 -6.37
C TYR A 32 7.15 6.48 -5.00
N PRO A 33 8.18 6.00 -4.35
CA PRO A 33 8.59 6.52 -3.00
C PRO A 33 8.76 8.04 -2.97
N SER A 34 8.23 8.68 -1.97
CA SER A 34 8.37 10.16 -1.85
C SER A 34 7.94 10.61 -0.46
N GLU A 35 8.50 11.67 0.03
CA GLU A 35 8.12 12.18 1.37
C GLU A 35 6.71 12.78 1.33
N GLN A 36 6.39 13.45 0.27
CA GLN A 36 5.04 14.08 0.15
C GLN A 36 3.97 12.98 0.08
N GLU A 37 4.20 11.95 -0.68
CA GLU A 37 3.20 10.86 -0.80
C GLU A 37 3.09 10.12 0.54
N LYS A 38 4.20 9.83 1.16
CA LYS A 38 4.16 9.12 2.47
C LYS A 38 3.45 9.98 3.49
N ALA A 39 3.76 11.25 3.53
CA ALA A 39 3.10 12.15 4.49
C ALA A 39 1.62 12.29 4.12
N LEU A 40 1.33 12.36 2.86
CA LEU A 40 -0.09 12.50 2.44
C LEU A 40 -0.88 11.25 2.86
N LEU A 41 -0.35 10.09 2.58
CA LEU A 41 -1.04 8.84 2.95
C LEU A 41 -1.04 8.69 4.48
N SER A 42 0.05 9.04 5.11
CA SER A 42 0.12 8.91 6.58
C SER A 42 -0.96 9.80 7.23
N GLN A 43 -1.14 10.98 6.73
CA GLN A 43 -2.17 11.88 7.30
C GLN A 43 -3.56 11.28 7.07
N GLN A 44 -3.79 10.71 5.91
CA GLN A 44 -5.12 10.11 5.62
C GLN A 44 -5.36 8.92 6.55
N THR A 45 -4.36 8.14 6.79
CA THR A 45 -4.51 6.96 7.68
C THR A 45 -4.13 7.36 9.11
N HIS A 46 -3.56 8.51 9.28
CA HIS A 46 -3.15 8.97 10.64
C HIS A 46 -2.13 7.98 11.21
N LEU A 47 -1.68 7.04 10.41
CA LEU A 47 -0.69 6.04 10.89
C LEU A 47 0.73 6.58 10.71
N SER A 48 1.69 5.93 11.33
CA SER A 48 3.10 6.39 11.21
C SER A 48 3.66 6.07 9.83
N THR A 49 4.70 6.75 9.44
CA THR A 49 5.32 6.49 8.11
C THR A 49 5.98 5.11 8.11
N LEU A 50 6.52 4.70 9.22
CA LEU A 50 7.18 3.36 9.25
C LEU A 50 6.16 2.26 8.97
N GLN A 51 5.00 2.34 9.58
CA GLN A 51 3.97 1.28 9.34
C GLN A 51 3.42 1.43 7.92
N VAL A 52 3.17 2.63 7.49
CA VAL A 52 2.63 2.85 6.12
C VAL A 52 3.67 2.41 5.08
N CYS A 53 4.91 2.77 5.28
CA CYS A 53 5.96 2.39 4.31
C CYS A 53 6.08 0.86 4.22
N ASN A 54 5.96 0.19 5.32
CA ASN A 54 6.08 -1.30 5.30
C ASN A 54 4.93 -1.90 4.47
N TRP A 55 3.75 -1.36 4.63
CA TRP A 55 2.59 -1.88 3.85
C TRP A 55 2.89 -1.74 2.37
N PHE A 56 3.35 -0.60 1.97
CA PHE A 56 3.59 -0.39 0.52
C PHE A 56 4.70 -1.27 -0.04
N ILE A 57 5.77 -1.56 0.64
CA ILE A 57 6.79 -2.40 -0.06
C ILE A 57 6.22 -3.79 -0.28
N ASN A 58 5.68 -4.41 0.75
CA ASN A 58 5.09 -5.76 0.55
C ASN A 58 3.83 -5.65 -0.31
N ALA A 59 2.97 -4.70 -0.04
CA ALA A 59 1.71 -4.58 -0.85
C ALA A 59 2.04 -4.26 -2.30
N ARG A 60 3.01 -3.42 -2.54
CA ARG A 60 3.37 -3.09 -3.94
C ARG A 60 3.87 -4.35 -4.66
N ARG A 61 4.69 -5.12 -4.01
CA ARG A 61 5.23 -6.35 -4.66
C ARG A 61 4.12 -7.40 -4.79
N ARG A 62 3.05 -7.25 -4.06
CA ARG A 62 1.93 -8.25 -4.12
C ARG A 62 0.76 -7.67 -4.93
N LEU A 63 0.84 -6.41 -5.31
CA LEU A 63 -0.28 -5.78 -6.09
C LEU A 63 0.18 -5.46 -7.51
N LEU A 64 1.11 -4.54 -7.67
CA LEU A 64 1.59 -4.16 -9.03
C LEU A 64 1.70 -5.39 -9.94
N PRO A 65 2.57 -6.33 -9.63
CA PRO A 65 2.74 -7.55 -10.48
C PRO A 65 1.43 -8.29 -10.68
N ASP A 66 0.65 -8.41 -9.65
CA ASP A 66 -0.65 -9.11 -9.76
C ASP A 66 -1.60 -8.33 -10.69
N MET A 67 -1.67 -7.04 -10.52
CA MET A 67 -2.59 -6.23 -11.38
C MET A 67 -2.01 -6.14 -12.80
N LEU A 68 -0.71 -5.98 -12.92
CA LEU A 68 -0.12 -5.87 -14.29
C LEU A 68 -0.36 -7.16 -15.07
N ARG A 69 -0.15 -8.30 -14.47
CA ARG A 69 -0.39 -9.58 -15.19
C ARG A 69 -1.90 -9.79 -15.34
N LYS A 70 -2.65 -9.47 -14.32
CA LYS A 70 -4.13 -9.66 -14.41
C LYS A 70 -4.69 -8.73 -15.49
N ASP A 71 -4.26 -7.50 -15.52
CA ASP A 71 -4.76 -6.55 -16.55
C ASP A 71 -3.98 -6.77 -17.85
N GLY A 72 -2.97 -7.60 -17.82
CA GLY A 72 -2.18 -7.86 -19.05
C GLY A 72 -1.28 -6.65 -19.35
N LYS A 73 -0.96 -5.87 -18.34
CA LYS A 73 -0.10 -4.68 -18.55
C LYS A 73 -0.94 -3.54 -19.13
N ASP A 74 -2.07 -3.26 -18.54
CA ASP A 74 -2.93 -2.15 -19.03
C ASP A 74 -3.73 -1.59 -17.87
N PRO A 75 -3.06 -1.23 -16.79
CA PRO A 75 -3.74 -0.69 -15.59
C PRO A 75 -4.45 0.64 -15.88
N ASN A 76 -5.60 0.84 -15.30
CA ASN A 76 -6.36 2.11 -15.54
C ASN A 76 -6.04 3.11 -14.42
N GLN A 77 -5.10 3.99 -14.65
CA GLN A 77 -4.74 5.00 -13.62
C GLN A 77 -5.54 6.28 -13.89
N PHE A 78 -6.19 6.34 -15.02
CA PHE A 78 -7.00 7.54 -15.38
C PHE A 78 -8.18 7.67 -14.43
N THR A 79 -8.80 6.59 -14.08
CA THR A 79 -9.99 6.67 -13.17
C THR A 79 -9.58 7.24 -11.81
N ILE A 80 -10.36 8.13 -11.27
CA ILE A 80 -10.05 8.74 -9.95
C ILE A 80 -10.38 7.73 -8.84
N SER A 81 -11.22 6.77 -9.15
CA SER A 81 -11.59 5.75 -8.12
C SER A 81 -11.96 4.44 -8.83
N ARG A 82 -10.97 3.65 -9.15
CA ARG A 82 -11.22 2.35 -9.84
C ARG A 82 -12.00 1.41 -8.91
N ARG A 83 -11.62 1.37 -7.66
CA ARG A 83 -12.33 0.48 -6.70
C ARG A 83 -13.79 0.94 -6.57
N GLY A 84 -14.00 2.23 -6.49
CA GLY A 84 -15.39 2.76 -6.37
C GLY A 84 -16.06 2.15 -5.14
N ALA A 85 -15.30 1.71 -4.18
CA ALA A 85 -15.91 1.10 -2.96
C ALA A 85 -16.47 2.20 -2.06
N LYS A 86 -17.76 2.39 -2.06
CA LYS A 86 -18.37 3.44 -1.19
C LYS A 86 -19.84 3.11 -0.92
N ILE A 87 -20.17 2.77 0.29
CA ILE A 87 -21.58 2.42 0.63
C ILE A 87 -22.17 1.48 -0.41
N SER A 88 -22.74 2.01 -1.46
CA SER A 88 -23.37 1.14 -2.50
C SER A 88 -22.29 0.43 -3.32
N GLU A 89 -22.63 -0.73 -3.84
CA GLU A 89 -21.65 -1.49 -4.67
C GLU A 89 -22.41 -2.42 -5.61
N MET A 1 -15.62 -20.49 19.42
CA MET A 1 -14.67 -21.53 19.89
C MET A 1 -14.18 -22.38 18.71
N GLY A 2 -13.07 -23.04 18.88
CA GLY A 2 -12.53 -23.90 17.78
C GLY A 2 -11.75 -23.01 16.80
N HIS A 3 -11.58 -21.76 17.12
CA HIS A 3 -10.83 -20.83 16.22
C HIS A 3 -9.50 -20.43 16.85
N HIS A 4 -8.44 -20.62 16.13
CA HIS A 4 -7.09 -20.26 16.65
C HIS A 4 -6.63 -18.95 15.98
N HIS A 5 -7.58 -18.14 15.59
CA HIS A 5 -7.25 -16.83 14.94
C HIS A 5 -6.36 -17.06 13.71
N HIS A 6 -6.95 -16.96 12.53
CA HIS A 6 -6.17 -17.18 11.28
C HIS A 6 -5.28 -15.96 11.00
N HIS A 7 -4.01 -16.20 10.85
CA HIS A 7 -3.05 -15.08 10.57
C HIS A 7 -3.32 -14.50 9.18
N HIS A 8 -3.59 -15.35 8.23
CA HIS A 8 -3.85 -14.87 6.85
C HIS A 8 -5.03 -13.88 6.83
N SER A 9 -5.69 -13.80 5.71
CA SER A 9 -6.86 -12.88 5.59
C SER A 9 -6.42 -11.42 5.68
N HIS A 10 -7.35 -10.55 5.89
CA HIS A 10 -7.04 -9.09 5.99
C HIS A 10 -6.30 -8.82 7.30
N MET A 11 -5.17 -8.19 7.21
CA MET A 11 -4.37 -7.87 8.42
C MET A 11 -4.70 -6.44 8.89
N LEU A 12 -3.91 -5.50 8.46
CA LEU A 12 -4.13 -4.09 8.88
C LEU A 12 -5.58 -3.66 8.58
N PRO A 13 -6.11 -2.77 9.38
CA PRO A 13 -7.52 -2.28 9.20
C PRO A 13 -7.88 -2.04 7.72
N LYS A 14 -9.10 -2.37 7.38
CA LYS A 14 -9.57 -2.20 5.98
C LYS A 14 -9.56 -0.72 5.60
N GLU A 15 -9.80 0.14 6.55
CA GLU A 15 -9.82 1.60 6.26
C GLU A 15 -8.45 2.06 5.77
N SER A 16 -7.41 1.72 6.50
CA SER A 16 -6.04 2.13 6.08
C SER A 16 -5.64 1.41 4.79
N VAL A 17 -6.00 0.16 4.68
CA VAL A 17 -5.67 -0.62 3.46
C VAL A 17 -6.43 -0.04 2.25
N GLN A 18 -7.67 0.29 2.45
CA GLN A 18 -8.50 0.84 1.34
C GLN A 18 -7.92 2.18 0.88
N ILE A 19 -7.57 3.03 1.81
CA ILE A 19 -7.00 4.36 1.44
C ILE A 19 -5.66 4.18 0.74
N LEU A 20 -4.83 3.32 1.26
CA LEU A 20 -3.50 3.08 0.62
C LEU A 20 -3.69 2.43 -0.74
N ARG A 21 -4.61 1.51 -0.83
CA ARG A 21 -4.87 0.82 -2.12
C ARG A 21 -5.40 1.81 -3.16
N ASP A 22 -6.28 2.68 -2.73
CA ASP A 22 -6.87 3.68 -3.68
C ASP A 22 -5.76 4.58 -4.25
N TRP A 23 -4.88 5.03 -3.40
CA TRP A 23 -3.77 5.92 -3.88
C TRP A 23 -2.88 5.15 -4.86
N LEU A 24 -2.50 3.96 -4.48
CA LEU A 24 -1.62 3.14 -5.36
C LEU A 24 -2.36 2.77 -6.65
N TYR A 25 -3.62 2.45 -6.53
CA TYR A 25 -4.41 2.06 -7.72
C TYR A 25 -4.44 3.21 -8.73
N GLU A 26 -4.70 4.40 -8.25
CA GLU A 26 -4.74 5.58 -9.18
C GLU A 26 -3.36 5.77 -9.82
N HIS A 27 -2.33 5.77 -9.02
CA HIS A 27 -0.96 5.95 -9.57
C HIS A 27 -0.47 4.66 -10.21
N ARG A 28 -0.08 3.71 -9.40
CA ARG A 28 0.42 2.41 -9.93
C ARG A 28 1.59 2.63 -10.89
N TYR A 29 1.31 3.08 -12.08
CA TYR A 29 2.39 3.31 -13.09
C TYR A 29 3.39 4.36 -12.58
N ASN A 30 2.90 5.43 -12.03
CA ASN A 30 3.83 6.50 -11.53
C ASN A 30 4.61 5.97 -10.32
N ALA A 31 3.90 5.63 -9.28
CA ALA A 31 4.57 5.11 -8.05
C ALA A 31 5.78 5.96 -7.69
N TYR A 32 5.59 6.87 -6.76
CA TYR A 32 6.72 7.75 -6.34
C TYR A 32 6.43 8.29 -4.93
N PRO A 33 6.55 7.46 -3.93
CA PRO A 33 6.29 7.85 -2.51
C PRO A 33 7.23 8.98 -2.04
N SER A 34 6.73 9.85 -1.22
CA SER A 34 7.57 10.98 -0.72
C SER A 34 6.95 11.55 0.56
N GLU A 35 7.68 12.42 1.21
CA GLU A 35 7.18 13.04 2.47
C GLU A 35 5.83 13.71 2.20
N GLN A 36 5.56 14.03 0.96
CA GLN A 36 4.26 14.67 0.62
C GLN A 36 3.14 13.64 0.72
N GLU A 37 3.25 12.58 -0.03
CA GLU A 37 2.20 11.52 -0.02
C GLU A 37 2.25 10.74 1.30
N LYS A 38 3.42 10.47 1.80
CA LYS A 38 3.56 9.71 3.07
C LYS A 38 2.90 10.49 4.21
N ALA A 39 3.14 11.78 4.25
CA ALA A 39 2.55 12.61 5.34
C ALA A 39 1.03 12.66 5.16
N LEU A 40 0.58 12.89 3.96
CA LEU A 40 -0.88 12.97 3.71
C LEU A 40 -1.53 11.61 3.96
N LEU A 41 -0.92 10.56 3.48
CA LEU A 41 -1.50 9.20 3.69
C LEU A 41 -1.44 8.83 5.17
N SER A 42 -0.36 9.17 5.82
CA SER A 42 -0.23 8.85 7.28
C SER A 42 -1.32 9.58 8.07
N GLN A 43 -1.60 10.80 7.70
CA GLN A 43 -2.65 11.58 8.41
C GLN A 43 -4.02 10.93 8.18
N GLN A 44 -4.31 10.57 6.96
CA GLN A 44 -5.61 9.94 6.65
C GLN A 44 -5.65 8.53 7.24
N THR A 45 -4.56 7.81 7.15
CA THR A 45 -4.51 6.43 7.68
C THR A 45 -4.13 6.45 9.15
N HIS A 46 -4.32 5.35 9.81
CA HIS A 46 -3.99 5.24 11.27
C HIS A 46 -2.72 4.41 11.43
N LEU A 47 -1.88 4.41 10.42
CA LEU A 47 -0.61 3.62 10.48
C LEU A 47 0.59 4.56 10.59
N SER A 48 1.63 4.10 11.23
CA SER A 48 2.85 4.92 11.40
C SER A 48 3.54 5.15 10.05
N THR A 49 4.45 6.08 10.02
CA THR A 49 5.19 6.38 8.76
C THR A 49 5.97 5.15 8.31
N LEU A 50 6.60 4.48 9.23
CA LEU A 50 7.39 3.28 8.86
C LEU A 50 6.47 2.20 8.27
N GLN A 51 5.33 2.02 8.87
CA GLN A 51 4.37 0.99 8.36
C GLN A 51 3.90 1.38 6.97
N VAL A 52 3.65 2.64 6.76
CA VAL A 52 3.18 3.11 5.41
C VAL A 52 4.27 2.86 4.37
N CYS A 53 5.49 3.20 4.68
CA CYS A 53 6.59 2.99 3.71
C CYS A 53 6.80 1.49 3.46
N ASN A 54 6.81 0.72 4.51
CA ASN A 54 6.99 -0.75 4.38
C ASN A 54 5.79 -1.34 3.64
N TRP A 55 4.61 -0.84 3.93
CA TRP A 55 3.37 -1.35 3.27
C TRP A 55 3.49 -1.20 1.75
N PHE A 56 3.99 -0.08 1.30
CA PHE A 56 4.14 0.14 -0.17
C PHE A 56 5.10 -0.89 -0.77
N ILE A 57 6.20 -1.12 -0.12
CA ILE A 57 7.20 -2.09 -0.67
C ILE A 57 6.59 -3.49 -0.74
N ASN A 58 5.95 -3.92 0.30
CA ASN A 58 5.32 -5.27 0.31
C ASN A 58 4.03 -5.27 -0.52
N ALA A 59 3.22 -4.27 -0.33
CA ALA A 59 1.93 -4.19 -1.09
C ALA A 59 2.21 -4.08 -2.59
N ARG A 60 3.13 -3.25 -2.96
CA ARG A 60 3.46 -3.08 -4.42
C ARG A 60 3.96 -4.41 -4.99
N ARG A 61 4.86 -5.04 -4.30
CA ARG A 61 5.43 -6.33 -4.79
C ARG A 61 4.36 -7.43 -4.74
N ARG A 62 3.30 -7.21 -4.00
CA ARG A 62 2.21 -8.22 -3.89
C ARG A 62 1.04 -7.80 -4.77
N LEU A 63 0.94 -6.53 -5.06
CA LEU A 63 -0.20 -6.03 -5.90
C LEU A 63 0.21 -5.96 -7.37
N LEU A 64 1.07 -5.04 -7.70
CA LEU A 64 1.49 -4.86 -9.13
C LEU A 64 1.48 -6.19 -9.91
N PRO A 65 2.32 -7.12 -9.55
CA PRO A 65 2.38 -8.42 -10.27
C PRO A 65 1.05 -9.17 -10.27
N ASP A 66 0.52 -9.41 -9.11
CA ASP A 66 -0.77 -10.17 -9.02
C ASP A 66 -1.90 -9.40 -9.72
N MET A 67 -2.03 -8.14 -9.42
CA MET A 67 -3.13 -7.33 -10.04
C MET A 67 -2.98 -7.32 -11.56
N LEU A 68 -1.80 -7.09 -12.04
CA LEU A 68 -1.58 -7.06 -13.52
C LEU A 68 -1.88 -8.42 -14.13
N ARG A 69 -1.48 -9.47 -13.47
CA ARG A 69 -1.74 -10.83 -14.01
C ARG A 69 -3.19 -11.22 -13.71
N LYS A 70 -3.81 -10.55 -12.79
CA LYS A 70 -5.22 -10.86 -12.45
C LYS A 70 -6.11 -10.55 -13.66
N ASP A 71 -5.91 -9.41 -14.25
CA ASP A 71 -6.72 -9.02 -15.44
C ASP A 71 -6.11 -7.78 -16.08
N GLY A 72 -4.81 -7.63 -15.94
CA GLY A 72 -4.11 -6.45 -16.54
C GLY A 72 -4.92 -5.18 -16.28
N LYS A 73 -4.94 -4.75 -15.05
CA LYS A 73 -5.69 -3.50 -14.69
C LYS A 73 -7.16 -3.66 -15.05
N ASP A 74 -7.99 -3.72 -14.05
CA ASP A 74 -9.45 -3.86 -14.29
C ASP A 74 -10.20 -3.90 -12.95
N PRO A 75 -9.69 -4.65 -11.99
CA PRO A 75 -10.34 -4.78 -10.65
C PRO A 75 -10.46 -3.44 -9.93
N ASN A 76 -11.54 -3.25 -9.24
CA ASN A 76 -11.75 -1.97 -8.49
C ASN A 76 -12.59 -2.24 -7.24
N GLN A 77 -11.95 -2.33 -6.11
CA GLN A 77 -12.68 -2.59 -4.83
C GLN A 77 -13.61 -1.42 -4.51
N PHE A 78 -13.07 -0.36 -3.99
CA PHE A 78 -13.92 0.82 -3.64
C PHE A 78 -14.22 1.65 -4.88
N THR A 79 -15.25 2.46 -4.82
CA THR A 79 -15.63 3.30 -5.98
C THR A 79 -14.67 4.48 -6.12
N ILE A 80 -15.15 5.55 -6.68
CA ILE A 80 -14.30 6.75 -6.88
C ILE A 80 -13.57 7.13 -5.59
N SER A 81 -12.28 7.31 -5.68
CA SER A 81 -11.47 7.68 -4.48
C SER A 81 -10.64 8.93 -4.79
N ARG A 82 -11.27 9.92 -5.37
CA ARG A 82 -10.56 11.19 -5.71
C ARG A 82 -9.36 10.91 -6.63
N ARG A 83 -9.60 10.92 -7.91
CA ARG A 83 -8.52 10.65 -8.90
C ARG A 83 -7.47 11.75 -8.84
N GLY A 84 -6.22 11.38 -9.00
CA GLY A 84 -5.12 12.37 -8.96
C GLY A 84 -4.90 12.99 -10.34
N ALA A 85 -5.57 14.08 -10.60
CA ALA A 85 -5.44 14.77 -11.92
C ALA A 85 -5.68 13.76 -13.04
N LYS A 86 -6.09 12.58 -12.70
CA LYS A 86 -6.34 11.53 -13.72
C LYS A 86 -7.75 11.70 -14.31
N ILE A 87 -7.85 11.56 -15.60
CA ILE A 87 -9.18 11.69 -16.27
C ILE A 87 -9.91 10.36 -16.21
N SER A 88 -9.25 9.35 -15.67
CA SER A 88 -9.87 8.00 -15.55
C SER A 88 -9.96 7.35 -16.94
N GLU A 89 -9.42 8.00 -17.94
CA GLU A 89 -9.46 7.44 -19.32
C GLU A 89 -8.32 6.43 -19.50
N MET A 1 4.45 -2.95 28.56
CA MET A 1 3.36 -2.20 27.91
C MET A 1 3.58 -2.23 26.39
N GLY A 2 4.80 -2.10 25.97
CA GLY A 2 5.13 -2.12 24.52
C GLY A 2 5.08 -3.56 23.99
N HIS A 3 6.12 -4.31 24.25
CA HIS A 3 6.18 -5.72 23.76
C HIS A 3 5.68 -5.80 22.32
N HIS A 4 6.49 -5.38 21.39
CA HIS A 4 6.08 -5.42 19.96
C HIS A 4 6.52 -6.76 19.36
N HIS A 5 7.15 -7.59 20.13
CA HIS A 5 7.60 -8.92 19.63
C HIS A 5 6.38 -9.73 19.18
N HIS A 6 5.31 -9.65 19.91
CA HIS A 6 4.07 -10.42 19.55
C HIS A 6 3.50 -9.91 18.23
N HIS A 7 2.33 -10.38 17.90
CA HIS A 7 1.66 -9.95 16.63
C HIS A 7 2.56 -10.27 15.44
N HIS A 8 2.26 -11.33 14.74
CA HIS A 8 3.08 -11.72 13.57
C HIS A 8 2.88 -10.74 12.41
N SER A 9 3.93 -10.44 11.71
CA SER A 9 3.85 -9.49 10.56
C SER A 9 3.27 -8.15 11.01
N HIS A 10 2.95 -7.30 10.08
CA HIS A 10 2.38 -5.97 10.42
C HIS A 10 1.24 -5.66 9.45
N MET A 11 0.17 -6.40 9.54
CA MET A 11 -0.99 -6.17 8.64
C MET A 11 -1.88 -5.06 9.20
N LEU A 12 -2.21 -4.09 8.40
CA LEU A 12 -3.06 -2.98 8.86
C LEU A 12 -4.54 -3.35 8.73
N PRO A 13 -5.39 -2.80 9.56
CA PRO A 13 -6.85 -3.09 9.51
C PRO A 13 -7.42 -3.09 8.10
N LYS A 14 -8.53 -3.75 7.92
CA LYS A 14 -9.16 -3.82 6.57
C LYS A 14 -9.51 -2.42 6.09
N GLU A 15 -10.03 -1.60 6.96
CA GLU A 15 -10.41 -0.22 6.56
C GLU A 15 -9.17 0.53 6.05
N SER A 16 -8.10 0.46 6.77
CA SER A 16 -6.85 1.16 6.34
C SER A 16 -6.34 0.54 5.04
N VAL A 17 -6.39 -0.75 4.94
CA VAL A 17 -5.90 -1.44 3.70
C VAL A 17 -6.79 -1.02 2.52
N GLN A 18 -8.07 -0.97 2.71
CA GLN A 18 -8.97 -0.58 1.60
C GLN A 18 -8.60 0.83 1.10
N ILE A 19 -8.39 1.73 2.01
CA ILE A 19 -8.03 3.12 1.61
C ILE A 19 -6.67 3.12 0.91
N LEU A 20 -5.73 2.41 1.47
CA LEU A 20 -4.37 2.35 0.86
C LEU A 20 -4.44 1.64 -0.49
N ARG A 21 -5.19 0.59 -0.56
CA ARG A 21 -5.32 -0.17 -1.84
C ARG A 21 -5.95 0.72 -2.92
N ASP A 22 -6.97 1.45 -2.55
CA ASP A 22 -7.65 2.34 -3.54
C ASP A 22 -6.67 3.40 -4.05
N TRP A 23 -5.94 4.02 -3.16
CA TRP A 23 -4.97 5.07 -3.59
C TRP A 23 -3.90 4.44 -4.49
N LEU A 24 -3.37 3.32 -4.08
CA LEU A 24 -2.32 2.64 -4.90
C LEU A 24 -2.92 2.20 -6.23
N TYR A 25 -4.13 1.71 -6.19
CA TYR A 25 -4.81 1.24 -7.44
C TYR A 25 -4.96 2.41 -8.42
N GLU A 26 -5.42 3.53 -7.95
CA GLU A 26 -5.61 4.71 -8.86
C GLU A 26 -4.24 5.26 -9.27
N HIS A 27 -3.29 5.29 -8.37
CA HIS A 27 -1.93 5.81 -8.69
C HIS A 27 -0.97 4.64 -8.80
N ARG A 28 -1.36 3.62 -9.50
CA ARG A 28 -0.49 2.42 -9.67
C ARG A 28 0.75 2.79 -10.51
N TYR A 29 0.60 3.74 -11.38
CA TYR A 29 1.76 4.16 -12.23
C TYR A 29 2.88 4.69 -11.35
N ASN A 30 2.54 5.49 -10.37
CA ASN A 30 3.57 6.07 -9.46
C ASN A 30 3.98 5.02 -8.43
N ALA A 31 3.52 5.17 -7.21
CA ALA A 31 3.87 4.21 -6.13
C ALA A 31 5.37 4.26 -5.85
N TYR A 32 5.92 5.45 -5.76
CA TYR A 32 7.38 5.59 -5.48
C TYR A 32 7.59 5.90 -4.00
N PRO A 33 8.74 5.54 -3.46
CA PRO A 33 9.07 5.79 -2.03
C PRO A 33 9.29 7.29 -1.76
N SER A 34 8.77 8.12 -2.62
CA SER A 34 8.95 9.59 -2.44
C SER A 34 8.24 10.05 -1.16
N GLU A 35 8.77 11.08 -0.54
CA GLU A 35 8.17 11.61 0.72
C GLU A 35 6.78 12.17 0.41
N GLN A 36 6.61 12.74 -0.75
CA GLN A 36 5.28 13.31 -1.12
C GLN A 36 4.23 12.20 -1.15
N GLU A 37 4.60 11.05 -1.66
CA GLU A 37 3.63 9.91 -1.73
C GLU A 37 3.29 9.46 -0.31
N LYS A 38 4.28 9.31 0.53
CA LYS A 38 4.04 8.88 1.93
C LYS A 38 3.25 9.96 2.68
N ALA A 39 3.56 11.20 2.44
CA ALA A 39 2.85 12.31 3.15
C ALA A 39 1.34 12.20 2.91
N LEU A 40 0.95 12.03 1.68
CA LEU A 40 -0.51 11.91 1.36
C LEU A 40 -1.08 10.65 2.02
N LEU A 41 -0.35 9.57 1.95
CA LEU A 41 -0.84 8.30 2.58
C LEU A 41 -0.90 8.47 4.10
N SER A 42 0.08 9.12 4.66
CA SER A 42 0.11 9.31 6.13
C SER A 42 -1.10 10.15 6.56
N GLN A 43 -1.49 11.09 5.76
CA GLN A 43 -2.66 11.95 6.10
C GLN A 43 -3.95 11.12 6.00
N GLN A 44 -4.03 10.26 5.01
CA GLN A 44 -5.25 9.42 4.84
C GLN A 44 -5.32 8.38 5.95
N THR A 45 -4.20 7.80 6.31
CA THR A 45 -4.18 6.76 7.38
C THR A 45 -3.48 7.30 8.62
N HIS A 46 -4.12 7.18 9.75
CA HIS A 46 -3.53 7.68 11.03
C HIS A 46 -2.36 6.77 11.43
N LEU A 47 -1.52 6.44 10.48
CA LEU A 47 -0.34 5.56 10.78
C LEU A 47 0.96 6.33 10.56
N SER A 48 1.97 5.99 11.31
CA SER A 48 3.28 6.68 11.19
C SER A 48 3.96 6.32 9.86
N THR A 49 4.96 7.06 9.50
CA THR A 49 5.68 6.79 8.23
C THR A 49 6.35 5.41 8.30
N LEU A 50 6.91 5.08 9.43
CA LEU A 50 7.59 3.77 9.58
C LEU A 50 6.56 2.64 9.41
N GLN A 51 5.40 2.80 10.00
CA GLN A 51 4.35 1.74 9.89
C GLN A 51 3.84 1.67 8.44
N VAL A 52 3.61 2.81 7.84
CA VAL A 52 3.10 2.82 6.44
C VAL A 52 4.19 2.30 5.48
N CYS A 53 5.40 2.72 5.69
CA CYS A 53 6.51 2.27 4.80
C CYS A 53 6.66 0.75 4.86
N ASN A 54 6.55 0.18 6.03
CA ASN A 54 6.68 -1.30 6.15
C ASN A 54 5.56 -2.00 5.38
N TRP A 55 4.35 -1.56 5.59
CA TRP A 55 3.19 -2.16 4.87
C TRP A 55 3.24 -1.79 3.38
N PHE A 56 3.64 -0.58 3.10
CA PHE A 56 3.70 -0.12 1.68
C PHE A 56 4.66 -1.01 0.88
N ILE A 57 5.81 -1.29 1.41
CA ILE A 57 6.78 -2.15 0.68
C ILE A 57 6.19 -3.55 0.46
N ASN A 58 5.67 -4.14 1.49
CA ASN A 58 5.07 -5.50 1.36
C ASN A 58 3.83 -5.44 0.46
N ALA A 59 3.01 -4.44 0.65
CA ALA A 59 1.79 -4.29 -0.18
C ALA A 59 2.17 -3.96 -1.63
N ARG A 60 3.23 -3.21 -1.80
CA ARG A 60 3.65 -2.83 -3.17
C ARG A 60 3.85 -4.09 -4.02
N ARG A 61 4.73 -4.94 -3.61
CA ARG A 61 4.99 -6.21 -4.36
C ARG A 61 3.73 -7.07 -4.41
N ARG A 62 2.93 -7.00 -3.38
CA ARG A 62 1.68 -7.84 -3.34
C ARG A 62 0.56 -7.20 -4.18
N LEU A 63 0.69 -5.95 -4.53
CA LEU A 63 -0.37 -5.26 -5.32
C LEU A 63 0.12 -4.88 -6.73
N LEU A 64 1.19 -4.14 -6.81
CA LEU A 64 1.71 -3.70 -8.15
C LEU A 64 1.55 -4.80 -9.21
N PRO A 65 2.19 -5.93 -9.04
CA PRO A 65 2.09 -7.02 -10.04
C PRO A 65 0.64 -7.46 -10.26
N ASP A 66 -0.12 -7.50 -9.20
CA ASP A 66 -1.55 -7.93 -9.32
C ASP A 66 -2.32 -6.92 -10.16
N MET A 67 -2.21 -5.65 -9.83
CA MET A 67 -2.93 -4.60 -10.60
C MET A 67 -2.37 -4.51 -12.02
N LEU A 68 -1.08 -4.57 -12.14
CA LEU A 68 -0.43 -4.49 -13.48
C LEU A 68 -0.84 -5.70 -14.32
N ARG A 69 -0.86 -6.85 -13.72
CA ARG A 69 -1.23 -8.09 -14.47
C ARG A 69 -2.66 -7.96 -14.99
N LYS A 70 -3.55 -7.46 -14.19
CA LYS A 70 -4.97 -7.33 -14.62
C LYS A 70 -5.08 -6.38 -15.82
N ASP A 71 -4.36 -5.30 -15.79
CA ASP A 71 -4.44 -4.32 -16.92
C ASP A 71 -3.51 -4.78 -18.05
N GLY A 72 -2.75 -5.81 -17.80
CA GLY A 72 -1.80 -6.32 -18.84
C GLY A 72 -0.60 -5.38 -18.94
N LYS A 73 -0.38 -4.60 -17.93
CA LYS A 73 0.77 -3.64 -17.94
C LYS A 73 2.03 -4.33 -17.42
N ASP A 74 3.16 -3.90 -17.92
CA ASP A 74 4.45 -4.52 -17.48
C ASP A 74 5.01 -3.74 -16.28
N PRO A 75 5.78 -4.39 -15.46
CA PRO A 75 6.40 -3.75 -14.26
C PRO A 75 7.40 -2.65 -14.62
N ASN A 76 7.38 -1.56 -13.89
CA ASN A 76 8.32 -0.44 -14.17
C ASN A 76 9.28 -0.29 -12.99
N GLN A 77 9.18 -1.17 -12.03
CA GLN A 77 10.08 -1.11 -10.83
C GLN A 77 10.67 -2.49 -10.54
N PHE A 78 11.12 -2.69 -9.33
CA PHE A 78 11.71 -4.01 -8.95
C PHE A 78 10.64 -4.91 -8.33
N THR A 79 10.36 -6.00 -8.98
CA THR A 79 9.34 -6.95 -8.46
C THR A 79 9.51 -8.31 -9.15
N ILE A 80 9.72 -9.34 -8.37
CA ILE A 80 9.91 -10.71 -8.93
C ILE A 80 8.55 -11.37 -9.16
N SER A 81 7.94 -11.85 -8.11
CA SER A 81 6.61 -12.53 -8.25
C SER A 81 5.86 -12.46 -6.92
N ARG A 82 5.14 -11.39 -6.70
CA ARG A 82 4.35 -11.23 -5.43
C ARG A 82 5.27 -11.31 -4.21
N ARG A 83 5.75 -12.49 -3.91
CA ARG A 83 6.65 -12.67 -2.75
C ARG A 83 5.93 -12.27 -1.45
N GLY A 84 5.06 -13.12 -0.98
CA GLY A 84 4.31 -12.83 0.27
C GLY A 84 5.26 -12.68 1.46
N ALA A 85 4.82 -11.99 2.46
CA ALA A 85 5.66 -11.78 3.67
C ALA A 85 5.85 -13.09 4.42
N LYS A 86 7.00 -13.27 5.00
CA LYS A 86 7.31 -14.51 5.77
C LYS A 86 7.17 -15.75 4.87
N ILE A 87 8.27 -16.43 4.68
CA ILE A 87 8.27 -17.66 3.83
C ILE A 87 7.66 -17.37 2.46
N SER A 88 8.50 -17.18 1.47
CA SER A 88 7.99 -16.88 0.10
C SER A 88 7.53 -18.17 -0.59
N GLU A 89 6.79 -18.04 -1.66
CA GLU A 89 6.29 -19.23 -2.40
C GLU A 89 6.12 -18.88 -3.88
N MET A 1 -5.53 -23.42 28.40
CA MET A 1 -6.37 -23.30 27.17
C MET A 1 -6.19 -21.90 26.60
N GLY A 2 -5.71 -20.98 27.39
CA GLY A 2 -5.50 -19.59 26.91
C GLY A 2 -6.79 -18.78 27.00
N HIS A 3 -6.69 -17.51 26.72
CA HIS A 3 -7.90 -16.63 26.78
C HIS A 3 -7.68 -15.45 25.85
N HIS A 4 -6.48 -15.28 25.35
CA HIS A 4 -6.20 -14.15 24.43
C HIS A 4 -4.96 -14.46 23.59
N HIS A 5 -4.30 -13.43 23.10
CA HIS A 5 -3.08 -13.63 22.26
C HIS A 5 -3.47 -14.39 20.99
N HIS A 6 -4.73 -14.68 20.83
CA HIS A 6 -5.19 -15.42 19.61
C HIS A 6 -5.62 -14.40 18.57
N HIS A 7 -5.27 -13.15 18.76
CA HIS A 7 -5.65 -12.10 17.77
C HIS A 7 -5.16 -12.51 16.39
N HIS A 8 -4.34 -13.54 16.32
CA HIS A 8 -3.80 -14.00 15.00
C HIS A 8 -4.90 -13.94 13.92
N SER A 9 -5.00 -12.83 13.24
CA SER A 9 -6.03 -12.68 12.18
C SER A 9 -5.56 -11.64 11.17
N HIS A 10 -5.48 -10.39 11.57
CA HIS A 10 -5.01 -9.33 10.65
C HIS A 10 -4.38 -8.18 11.43
N MET A 11 -3.60 -7.36 10.76
CA MET A 11 -2.95 -6.21 11.46
C MET A 11 -3.75 -4.92 11.22
N LEU A 12 -3.26 -4.08 10.35
CA LEU A 12 -3.97 -2.80 10.08
C LEU A 12 -5.43 -3.08 9.72
N PRO A 13 -6.34 -2.18 10.07
CA PRO A 13 -7.79 -2.35 9.77
C PRO A 13 -8.08 -2.34 8.26
N LYS A 14 -9.14 -3.00 7.85
CA LYS A 14 -9.48 -3.06 6.40
C LYS A 14 -9.80 -1.65 5.90
N GLU A 15 -10.41 -0.83 6.73
CA GLU A 15 -10.76 0.55 6.29
C GLU A 15 -9.48 1.30 5.89
N SER A 16 -8.50 1.32 6.75
CA SER A 16 -7.23 2.03 6.43
C SER A 16 -6.55 1.35 5.24
N VAL A 17 -6.54 0.05 5.22
CA VAL A 17 -5.88 -0.68 4.10
C VAL A 17 -6.63 -0.37 2.79
N GLN A 18 -7.93 -0.38 2.81
CA GLN A 18 -8.71 -0.10 1.58
C GLN A 18 -8.35 1.29 1.06
N ILE A 19 -8.20 2.24 1.93
CA ILE A 19 -7.86 3.62 1.48
C ILE A 19 -6.48 3.61 0.81
N LEU A 20 -5.53 2.93 1.38
CA LEU A 20 -4.17 2.89 0.78
C LEU A 20 -4.24 2.21 -0.59
N ARG A 21 -4.97 1.13 -0.69
CA ARG A 21 -5.08 0.42 -1.99
C ARG A 21 -5.85 1.30 -2.99
N ASP A 22 -6.84 2.01 -2.53
CA ASP A 22 -7.64 2.87 -3.45
C ASP A 22 -6.73 3.93 -4.06
N TRP A 23 -5.92 4.58 -3.26
CA TRP A 23 -5.01 5.63 -3.80
C TRP A 23 -3.96 4.99 -4.71
N LEU A 24 -3.43 3.87 -4.31
CA LEU A 24 -2.40 3.19 -5.14
C LEU A 24 -3.03 2.70 -6.44
N TYR A 25 -4.22 2.17 -6.37
CA TYR A 25 -4.88 1.65 -7.60
C TYR A 25 -4.98 2.76 -8.64
N GLU A 26 -5.46 3.90 -8.25
CA GLU A 26 -5.57 5.02 -9.22
C GLU A 26 -4.17 5.52 -9.56
N HIS A 27 -3.28 5.53 -8.59
CA HIS A 27 -1.91 6.02 -8.85
C HIS A 27 -1.08 4.92 -9.53
N ARG A 28 -0.57 3.99 -8.77
CA ARG A 28 0.25 2.87 -9.34
C ARG A 28 1.04 3.34 -10.57
N TYR A 29 1.22 2.46 -11.53
CA TYR A 29 1.96 2.83 -12.77
C TYR A 29 3.33 3.43 -12.40
N ASN A 30 3.35 4.70 -12.12
CA ASN A 30 4.64 5.37 -11.76
C ASN A 30 4.59 5.78 -10.29
N ALA A 31 3.61 5.32 -9.57
CA ALA A 31 3.51 5.69 -8.12
C ALA A 31 4.85 5.40 -7.44
N TYR A 32 5.71 6.37 -7.36
CA TYR A 32 7.03 6.16 -6.71
C TYR A 32 6.95 6.55 -5.23
N PRO A 33 7.68 5.88 -4.37
CA PRO A 33 7.67 6.18 -2.90
C PRO A 33 8.30 7.55 -2.58
N SER A 34 7.74 8.26 -1.64
CA SER A 34 8.30 9.58 -1.28
C SER A 34 7.79 10.00 0.11
N GLU A 35 8.50 10.88 0.77
CA GLU A 35 8.07 11.34 2.11
C GLU A 35 6.79 12.18 1.98
N GLN A 36 6.69 12.96 0.93
CA GLN A 36 5.48 13.80 0.73
C GLN A 36 4.27 12.89 0.50
N GLU A 37 4.41 11.90 -0.33
CA GLU A 37 3.27 10.98 -0.62
C GLU A 37 2.95 10.15 0.63
N LYS A 38 3.95 9.59 1.24
CA LYS A 38 3.73 8.77 2.46
C LYS A 38 3.20 9.64 3.59
N ALA A 39 3.72 10.82 3.73
CA ALA A 39 3.24 11.72 4.82
C ALA A 39 1.73 11.96 4.66
N LEU A 40 1.30 12.24 3.46
CA LEU A 40 -0.15 12.49 3.24
C LEU A 40 -0.93 11.22 3.55
N LEU A 41 -0.44 10.09 3.10
CA LEU A 41 -1.16 8.81 3.36
C LEU A 41 -1.17 8.52 4.87
N SER A 42 -0.07 8.77 5.53
CA SER A 42 -0.02 8.51 6.99
C SER A 42 -1.05 9.38 7.71
N GLN A 43 -1.18 10.61 7.30
CA GLN A 43 -2.16 11.51 7.95
C GLN A 43 -3.58 11.06 7.59
N GLN A 44 -3.78 10.63 6.36
CA GLN A 44 -5.14 10.17 5.95
C GLN A 44 -5.51 8.90 6.70
N THR A 45 -4.57 8.00 6.87
CA THR A 45 -4.86 6.73 7.59
C THR A 45 -4.40 6.88 9.04
N HIS A 46 -3.80 8.00 9.37
CA HIS A 46 -3.32 8.21 10.76
C HIS A 46 -2.31 7.12 11.13
N LEU A 47 -1.85 6.38 10.16
CA LEU A 47 -0.87 5.30 10.43
C LEU A 47 0.55 5.87 10.56
N SER A 48 1.44 5.11 11.13
CA SER A 48 2.83 5.60 11.31
C SER A 48 3.56 5.63 9.97
N THR A 49 4.54 6.50 9.85
CA THR A 49 5.32 6.60 8.59
C THR A 49 6.06 5.28 8.34
N LEU A 50 6.63 4.72 9.37
CA LEU A 50 7.37 3.43 9.19
C LEU A 50 6.41 2.35 8.71
N GLN A 51 5.24 2.28 9.28
CA GLN A 51 4.26 1.25 8.86
C GLN A 51 3.83 1.49 7.41
N VAL A 52 3.54 2.72 7.07
CA VAL A 52 3.11 3.03 5.68
C VAL A 52 4.28 2.80 4.72
N CYS A 53 5.45 3.22 5.08
CA CYS A 53 6.63 3.03 4.19
C CYS A 53 6.87 1.54 3.96
N ASN A 54 6.92 0.76 5.00
CA ASN A 54 7.15 -0.70 4.84
C ASN A 54 5.99 -1.32 4.06
N TRP A 55 4.79 -0.91 4.39
CA TRP A 55 3.60 -1.46 3.69
C TRP A 55 3.58 -0.99 2.23
N PHE A 56 3.95 0.24 2.00
CA PHE A 56 3.95 0.77 0.61
C PHE A 56 4.87 -0.06 -0.28
N ILE A 57 6.07 -0.32 0.18
CA ILE A 57 7.02 -1.12 -0.65
C ILE A 57 6.50 -2.55 -0.82
N ASN A 58 6.06 -3.17 0.24
CA ASN A 58 5.55 -4.57 0.15
C ASN A 58 4.24 -4.61 -0.65
N ALA A 59 3.38 -3.66 -0.45
CA ALA A 59 2.09 -3.64 -1.18
C ALA A 59 2.32 -3.61 -2.68
N ARG A 60 3.22 -2.78 -3.14
CA ARG A 60 3.49 -2.71 -4.61
C ARG A 60 4.08 -4.03 -5.09
N ARG A 61 4.95 -4.62 -4.32
CA ARG A 61 5.58 -5.91 -4.73
C ARG A 61 4.57 -7.06 -4.60
N ARG A 62 3.42 -6.79 -4.03
CA ARG A 62 2.39 -7.87 -3.86
C ARG A 62 1.10 -7.47 -4.57
N LEU A 63 1.03 -6.27 -5.09
CA LEU A 63 -0.20 -5.81 -5.81
C LEU A 63 0.07 -5.66 -7.31
N LEU A 64 1.02 -4.85 -7.67
CA LEU A 64 1.30 -4.64 -9.11
C LEU A 64 1.41 -6.00 -9.83
N PRO A 65 2.20 -6.91 -9.33
CA PRO A 65 2.36 -8.24 -9.98
C PRO A 65 1.00 -8.93 -10.21
N ASP A 66 0.16 -8.89 -9.21
CA ASP A 66 -1.19 -9.53 -9.35
C ASP A 66 -2.10 -8.69 -10.24
N MET A 67 -2.14 -7.40 -10.01
CA MET A 67 -3.01 -6.52 -10.84
C MET A 67 -2.57 -6.58 -12.30
N LEU A 68 -1.29 -6.51 -12.53
CA LEU A 68 -0.78 -6.55 -13.93
C LEU A 68 -1.04 -7.93 -14.54
N ARG A 69 -0.83 -8.98 -13.78
CA ARG A 69 -1.05 -10.34 -14.32
C ARG A 69 -2.52 -10.52 -14.67
N LYS A 70 -3.41 -10.09 -13.83
CA LYS A 70 -4.86 -10.26 -14.14
C LYS A 70 -5.17 -9.55 -15.46
N ASP A 71 -4.88 -8.27 -15.53
CA ASP A 71 -5.16 -7.50 -16.77
C ASP A 71 -4.70 -6.05 -16.59
N GLY A 72 -3.42 -5.81 -16.50
CA GLY A 72 -2.92 -4.42 -16.33
C GLY A 72 -3.47 -3.81 -15.03
N LYS A 73 -4.70 -3.38 -15.04
CA LYS A 73 -5.31 -2.77 -13.82
C LYS A 73 -6.73 -3.30 -13.67
N ASP A 74 -6.91 -4.30 -12.85
CA ASP A 74 -8.28 -4.88 -12.65
C ASP A 74 -8.70 -4.71 -11.17
N PRO A 75 -9.78 -4.01 -10.88
CA PRO A 75 -10.23 -3.82 -9.47
C PRO A 75 -10.92 -5.07 -8.92
N ASN A 76 -12.20 -5.19 -9.13
CA ASN A 76 -12.97 -6.37 -8.64
C ASN A 76 -12.52 -6.75 -7.24
N GLN A 77 -11.58 -7.65 -7.14
CA GLN A 77 -11.08 -8.09 -5.79
C GLN A 77 -9.82 -7.30 -5.42
N PHE A 78 -9.83 -6.67 -4.28
CA PHE A 78 -8.65 -5.89 -3.84
C PHE A 78 -7.56 -6.81 -3.31
N THR A 79 -7.52 -7.02 -2.02
CA THR A 79 -6.47 -7.89 -1.42
C THR A 79 -6.94 -9.35 -1.43
N ILE A 80 -6.14 -10.22 -1.97
CA ILE A 80 -6.50 -11.67 -2.00
C ILE A 80 -5.81 -12.39 -0.84
N SER A 81 -5.10 -11.65 -0.01
CA SER A 81 -4.37 -12.26 1.14
C SER A 81 -3.06 -12.88 0.66
N ARG A 82 -2.41 -12.21 -0.27
CA ARG A 82 -1.11 -12.74 -0.79
C ARG A 82 0.05 -12.06 -0.04
N ARG A 83 -0.27 -11.20 0.89
CA ARG A 83 0.81 -10.51 1.66
C ARG A 83 1.63 -11.51 2.47
N GLY A 84 2.92 -11.35 2.50
CA GLY A 84 3.79 -12.28 3.27
C GLY A 84 4.30 -13.39 2.35
N ALA A 85 5.41 -13.17 1.70
CA ALA A 85 5.95 -14.20 0.77
C ALA A 85 6.42 -15.43 1.54
N LYS A 86 6.32 -16.59 0.94
CA LYS A 86 6.77 -17.84 1.63
C LYS A 86 8.26 -18.06 1.35
N ILE A 87 9.01 -16.99 1.16
CA ILE A 87 10.46 -17.13 0.86
C ILE A 87 11.24 -17.35 2.17
N SER A 88 12.28 -18.14 2.11
CA SER A 88 13.11 -18.40 3.32
C SER A 88 12.26 -19.11 4.38
N GLU A 89 12.27 -20.42 4.37
CA GLU A 89 11.47 -21.18 5.37
C GLU A 89 11.99 -20.87 6.78
N MET A 1 13.57 -16.98 19.99
CA MET A 1 12.76 -16.08 19.12
C MET A 1 12.10 -16.93 18.03
N GLY A 2 12.62 -18.10 17.79
CA GLY A 2 12.04 -18.99 16.74
C GLY A 2 10.85 -19.76 17.33
N HIS A 3 10.54 -19.51 18.58
CA HIS A 3 9.40 -20.22 19.23
C HIS A 3 8.09 -19.79 18.57
N HIS A 4 7.94 -18.51 18.32
CA HIS A 4 6.70 -17.99 17.66
C HIS A 4 5.47 -18.35 18.52
N HIS A 5 4.77 -17.36 18.99
CA HIS A 5 3.55 -17.61 19.82
C HIS A 5 2.37 -17.92 18.90
N HIS A 6 2.53 -17.68 17.64
CA HIS A 6 1.45 -17.96 16.65
C HIS A 6 0.14 -17.29 17.08
N HIS A 7 -0.93 -17.62 16.41
CA HIS A 7 -2.26 -17.02 16.73
C HIS A 7 -2.12 -15.51 16.84
N HIS A 8 -1.71 -14.87 15.77
CA HIS A 8 -1.57 -13.38 15.80
C HIS A 8 -1.66 -12.84 14.38
N SER A 9 -2.01 -11.59 14.24
CA SER A 9 -2.13 -10.97 12.89
C SER A 9 -2.02 -9.45 13.03
N HIS A 10 -0.84 -8.92 12.90
CA HIS A 10 -0.65 -7.45 13.03
C HIS A 10 -1.00 -6.76 11.69
N MET A 11 -0.03 -6.12 11.09
CA MET A 11 -0.24 -5.42 9.79
C MET A 11 -1.37 -4.40 9.92
N LEU A 12 -1.34 -3.39 9.09
CA LEU A 12 -2.38 -2.33 9.15
C LEU A 12 -3.78 -2.97 9.05
N PRO A 13 -4.77 -2.36 9.65
CA PRO A 13 -6.17 -2.87 9.62
C PRO A 13 -6.78 -2.87 8.22
N LYS A 14 -7.85 -3.61 8.06
CA LYS A 14 -8.51 -3.69 6.73
C LYS A 14 -8.94 -2.29 6.28
N GLU A 15 -9.44 -1.49 7.19
CA GLU A 15 -9.87 -0.12 6.81
C GLU A 15 -8.71 0.64 6.19
N SER A 16 -7.55 0.57 6.80
CA SER A 16 -6.37 1.29 6.23
C SER A 16 -5.96 0.64 4.91
N VAL A 17 -6.08 -0.66 4.82
CA VAL A 17 -5.71 -1.38 3.57
C VAL A 17 -6.62 -0.92 2.42
N GLN A 18 -7.89 -0.81 2.69
CA GLN A 18 -8.84 -0.38 1.63
C GLN A 18 -8.50 1.04 1.18
N ILE A 19 -8.21 1.90 2.12
CA ILE A 19 -7.86 3.31 1.76
C ILE A 19 -6.55 3.33 0.96
N LEU A 20 -5.57 2.61 1.41
CA LEU A 20 -4.26 2.57 0.70
C LEU A 20 -4.42 1.86 -0.64
N ARG A 21 -5.19 0.81 -0.66
CA ARG A 21 -5.40 0.05 -1.93
C ARG A 21 -6.06 0.95 -2.97
N ASP A 22 -7.03 1.72 -2.55
CA ASP A 22 -7.73 2.63 -3.52
C ASP A 22 -6.72 3.63 -4.11
N TRP A 23 -5.89 4.19 -3.27
CA TRP A 23 -4.88 5.18 -3.77
C TRP A 23 -3.88 4.46 -4.67
N LEU A 24 -3.45 3.30 -4.28
CA LEU A 24 -2.48 2.53 -5.10
C LEU A 24 -3.14 2.08 -6.41
N TYR A 25 -4.39 1.75 -6.34
CA TYR A 25 -5.11 1.26 -7.56
C TYR A 25 -5.06 2.34 -8.65
N GLU A 26 -5.38 3.55 -8.29
CA GLU A 26 -5.36 4.66 -9.30
C GLU A 26 -3.91 5.00 -9.66
N HIS A 27 -3.01 4.91 -8.70
CA HIS A 27 -1.58 5.23 -8.97
C HIS A 27 -0.77 3.93 -9.03
N ARG A 28 -1.35 2.91 -9.61
CA ARG A 28 -0.62 1.61 -9.72
C ARG A 28 0.65 1.82 -10.54
N TYR A 29 0.59 2.69 -11.52
CA TYR A 29 1.79 2.96 -12.35
C TYR A 29 2.91 3.52 -11.47
N ASN A 30 2.56 4.40 -10.56
CA ASN A 30 3.59 4.99 -9.65
C ASN A 30 3.71 4.11 -8.39
N ALA A 31 4.61 3.16 -8.43
CA ALA A 31 4.80 2.26 -7.26
C ALA A 31 5.97 2.78 -6.42
N TYR A 32 5.77 3.91 -5.80
CA TYR A 32 6.83 4.51 -4.95
C TYR A 32 6.48 5.99 -4.65
N PRO A 33 5.84 6.26 -3.54
CA PRO A 33 5.47 7.63 -3.15
C PRO A 33 6.63 8.40 -2.51
N SER A 34 6.72 9.67 -2.76
CA SER A 34 7.82 10.49 -2.18
C SER A 34 7.51 10.88 -0.73
N GLU A 35 8.48 11.44 -0.06
CA GLU A 35 8.28 11.86 1.36
C GLU A 35 7.04 12.74 1.48
N GLN A 36 6.88 13.67 0.57
CA GLN A 36 5.68 14.57 0.62
C GLN A 36 4.41 13.75 0.36
N GLU A 37 4.47 12.86 -0.58
CA GLU A 37 3.28 12.02 -0.91
C GLU A 37 2.96 11.09 0.27
N LYS A 38 3.99 10.58 0.89
CA LYS A 38 3.78 9.67 2.06
C LYS A 38 3.10 10.45 3.19
N ALA A 39 3.49 11.67 3.38
CA ALA A 39 2.88 12.50 4.47
C ALA A 39 1.37 12.61 4.24
N LEU A 40 1.00 12.87 3.02
CA LEU A 40 -0.46 13.01 2.71
C LEU A 40 -1.16 11.67 2.98
N LEU A 41 -0.57 10.61 2.53
CA LEU A 41 -1.17 9.25 2.73
C LEU A 41 -1.19 8.92 4.22
N SER A 42 -0.14 9.25 4.91
CA SER A 42 -0.06 8.96 6.37
C SER A 42 -1.17 9.70 7.09
N GLN A 43 -1.44 10.92 6.70
CA GLN A 43 -2.52 11.71 7.35
C GLN A 43 -3.88 11.10 7.01
N GLN A 44 -4.02 10.61 5.81
CA GLN A 44 -5.31 9.99 5.39
C GLN A 44 -5.58 8.75 6.25
N THR A 45 -4.55 8.00 6.54
CA THR A 45 -4.72 6.77 7.37
C THR A 45 -4.34 7.09 8.82
N HIS A 46 -3.78 8.25 9.03
CA HIS A 46 -3.38 8.66 10.41
C HIS A 46 -2.26 7.73 10.90
N LEU A 47 -1.79 6.87 10.05
CA LEU A 47 -0.71 5.92 10.44
C LEU A 47 0.67 6.57 10.26
N SER A 48 1.65 6.04 10.92
CA SER A 48 3.03 6.61 10.82
C SER A 48 3.64 6.29 9.47
N THR A 49 4.58 7.09 9.04
CA THR A 49 5.24 6.86 7.72
C THR A 49 6.00 5.53 7.76
N LEU A 50 6.57 5.22 8.89
CA LEU A 50 7.33 3.94 9.01
C LEU A 50 6.37 2.76 8.81
N GLN A 51 5.20 2.84 9.40
CA GLN A 51 4.21 1.74 9.26
C GLN A 51 3.73 1.66 7.80
N VAL A 52 3.50 2.79 7.20
CA VAL A 52 3.03 2.81 5.78
C VAL A 52 4.15 2.29 4.87
N CYS A 53 5.36 2.71 5.11
CA CYS A 53 6.51 2.27 4.27
C CYS A 53 6.61 0.73 4.29
N ASN A 54 6.55 0.16 5.47
CA ASN A 54 6.66 -1.32 5.58
C ASN A 54 5.47 -1.99 4.89
N TRP A 55 4.30 -1.47 5.10
CA TRP A 55 3.07 -2.05 4.47
C TRP A 55 3.15 -1.84 2.94
N PHE A 56 3.62 -0.70 2.53
CA PHE A 56 3.72 -0.41 1.07
C PHE A 56 4.59 -1.46 0.38
N ILE A 57 5.70 -1.79 0.98
CA ILE A 57 6.61 -2.80 0.36
C ILE A 57 5.89 -4.16 0.25
N ASN A 58 5.23 -4.58 1.29
CA ASN A 58 4.51 -5.88 1.24
C ASN A 58 3.29 -5.77 0.31
N ALA A 59 2.57 -4.68 0.42
CA ALA A 59 1.36 -4.48 -0.44
C ALA A 59 1.79 -4.38 -1.90
N ARG A 60 2.91 -3.77 -2.15
CA ARG A 60 3.40 -3.64 -3.55
C ARG A 60 3.77 -5.02 -4.11
N ARG A 61 4.41 -5.83 -3.32
CA ARG A 61 4.83 -7.18 -3.79
C ARG A 61 3.60 -8.08 -3.95
N ARG A 62 2.48 -7.70 -3.37
CA ARG A 62 1.26 -8.54 -3.49
C ARG A 62 0.23 -7.87 -4.43
N LEU A 63 0.22 -6.57 -4.46
CA LEU A 63 -0.78 -5.84 -5.32
C LEU A 63 -0.19 -5.49 -6.69
N LEU A 64 1.05 -5.07 -6.72
CA LEU A 64 1.68 -4.69 -8.02
C LEU A 64 1.56 -5.85 -9.03
N PRO A 65 1.92 -7.06 -8.67
CA PRO A 65 1.84 -8.22 -9.61
C PRO A 65 0.41 -8.42 -10.13
N ASP A 66 -0.56 -8.23 -9.28
CA ASP A 66 -1.98 -8.42 -9.70
C ASP A 66 -2.38 -7.32 -10.69
N MET A 67 -2.02 -6.10 -10.39
CA MET A 67 -2.38 -4.95 -11.28
C MET A 67 -1.64 -5.10 -12.62
N LEU A 68 -0.40 -5.50 -12.58
CA LEU A 68 0.39 -5.66 -13.83
C LEU A 68 -0.22 -6.78 -14.67
N ARG A 69 -0.64 -7.83 -14.04
CA ARG A 69 -1.24 -8.98 -14.79
C ARG A 69 -2.51 -8.51 -15.50
N LYS A 70 -3.29 -7.71 -14.83
CA LYS A 70 -4.56 -7.20 -15.45
C LYS A 70 -4.21 -6.31 -16.65
N ASP A 71 -3.22 -5.46 -16.50
CA ASP A 71 -2.82 -4.57 -17.62
C ASP A 71 -1.84 -5.30 -18.54
N GLY A 72 -0.61 -5.42 -18.13
CA GLY A 72 0.40 -6.12 -18.98
C GLY A 72 1.58 -6.58 -18.11
N LYS A 73 2.72 -5.98 -18.28
CA LYS A 73 3.91 -6.37 -17.48
C LYS A 73 4.97 -5.28 -17.54
N ASP A 74 5.42 -4.83 -16.39
CA ASP A 74 6.45 -3.74 -16.36
C ASP A 74 7.87 -4.35 -16.28
N PRO A 75 8.85 -3.66 -16.80
CA PRO A 75 10.26 -4.14 -16.78
C PRO A 75 10.86 -4.16 -15.37
N ASN A 76 11.29 -3.03 -14.89
CA ASN A 76 11.90 -2.95 -13.53
C ASN A 76 10.81 -2.81 -12.48
N GLN A 77 11.00 -3.48 -11.37
CA GLN A 77 10.00 -3.41 -10.26
C GLN A 77 9.96 -1.98 -9.71
N PHE A 78 11.07 -1.29 -9.76
CA PHE A 78 11.11 0.11 -9.23
C PHE A 78 10.86 1.10 -10.36
N THR A 79 9.81 1.87 -10.24
CA THR A 79 9.48 2.87 -11.31
C THR A 79 10.31 4.13 -11.15
N ILE A 80 10.30 4.98 -12.13
CA ILE A 80 11.09 6.24 -12.09
C ILE A 80 10.30 7.30 -11.31
N SER A 81 9.09 6.97 -10.94
CA SER A 81 8.24 7.93 -10.16
C SER A 81 7.63 8.97 -11.09
N ARG A 82 6.32 8.98 -11.17
CA ARG A 82 5.63 9.96 -12.05
C ARG A 82 5.22 11.17 -11.20
N ARG A 83 5.23 11.03 -9.90
CA ARG A 83 4.85 12.15 -8.99
C ARG A 83 5.98 12.37 -7.98
N GLY A 84 7.11 11.75 -8.21
CA GLY A 84 8.27 11.90 -7.26
C GLY A 84 8.85 13.31 -7.36
N ALA A 85 8.01 14.30 -7.38
CA ALA A 85 8.49 15.71 -7.48
C ALA A 85 9.29 16.08 -6.23
N LYS A 86 10.29 16.90 -6.41
CA LYS A 86 11.15 17.32 -5.27
C LYS A 86 10.47 18.42 -4.45
N ILE A 87 10.82 18.53 -3.20
CA ILE A 87 10.21 19.57 -2.32
C ILE A 87 10.91 20.93 -2.54
N SER A 88 10.13 21.95 -2.72
CA SER A 88 10.70 23.31 -2.95
C SER A 88 11.29 23.86 -1.65
N GLU A 89 12.15 24.82 -1.77
CA GLU A 89 12.80 25.43 -0.56
C GLU A 89 11.91 26.54 0.01
N MET A 1 -18.04 -14.33 28.59
CA MET A 1 -18.04 -14.75 27.16
C MET A 1 -17.13 -13.82 26.35
N GLY A 2 -16.13 -14.38 25.71
CA GLY A 2 -15.20 -13.54 24.91
C GLY A 2 -13.87 -14.28 24.76
N HIS A 3 -13.21 -14.55 25.86
CA HIS A 3 -11.90 -15.27 25.81
C HIS A 3 -11.03 -14.67 24.71
N HIS A 4 -10.58 -13.45 24.89
CA HIS A 4 -9.72 -12.79 23.87
C HIS A 4 -8.50 -12.16 24.57
N HIS A 5 -7.31 -12.58 24.20
CA HIS A 5 -6.08 -12.03 24.83
C HIS A 5 -5.51 -10.91 23.94
N HIS A 6 -4.60 -11.24 23.06
CA HIS A 6 -4.02 -10.21 22.18
C HIS A 6 -3.44 -10.86 20.91
N HIS A 7 -3.30 -10.09 19.86
CA HIS A 7 -2.75 -10.65 18.59
C HIS A 7 -2.11 -9.51 17.80
N HIS A 8 -2.80 -8.40 17.70
CA HIS A 8 -2.26 -7.22 16.94
C HIS A 8 -1.64 -7.69 15.63
N SER A 9 -2.45 -7.82 14.61
CA SER A 9 -1.93 -8.28 13.28
C SER A 9 -1.10 -7.18 12.62
N HIS A 10 -0.05 -7.57 11.93
CA HIS A 10 0.81 -6.58 11.24
C HIS A 10 0.03 -5.94 10.09
N MET A 11 -0.73 -6.71 9.37
CA MET A 11 -1.50 -6.17 8.22
C MET A 11 -2.30 -4.93 8.65
N LEU A 12 -2.40 -3.97 7.78
CA LEU A 12 -3.17 -2.74 8.12
C LEU A 12 -4.68 -3.03 8.04
N PRO A 13 -5.50 -2.30 8.76
CA PRO A 13 -6.97 -2.51 8.72
C PRO A 13 -7.51 -2.68 7.29
N LYS A 14 -8.65 -3.30 7.16
CA LYS A 14 -9.24 -3.52 5.80
C LYS A 14 -9.49 -2.17 5.13
N GLU A 15 -10.01 -1.23 5.87
CA GLU A 15 -10.29 0.12 5.29
C GLU A 15 -8.96 0.80 4.95
N SER A 16 -7.96 0.64 5.77
CA SER A 16 -6.65 1.28 5.50
C SER A 16 -6.05 0.72 4.21
N VAL A 17 -6.17 -0.57 4.00
CA VAL A 17 -5.61 -1.18 2.76
C VAL A 17 -6.34 -0.63 1.54
N GLN A 18 -7.64 -0.53 1.60
CA GLN A 18 -8.41 0.00 0.45
C GLN A 18 -8.00 1.44 0.15
N ILE A 19 -7.88 2.26 1.16
CA ILE A 19 -7.49 3.67 0.92
C ILE A 19 -6.06 3.73 0.36
N LEU A 20 -5.16 2.99 0.95
CA LEU A 20 -3.76 2.98 0.46
C LEU A 20 -3.72 2.35 -0.93
N ARG A 21 -4.47 1.31 -1.13
CA ARG A 21 -4.50 0.63 -2.45
C ARG A 21 -5.04 1.60 -3.50
N ASP A 22 -6.04 2.37 -3.15
CA ASP A 22 -6.62 3.33 -4.11
C ASP A 22 -5.53 4.30 -4.58
N TRP A 23 -4.79 4.88 -3.67
CA TRP A 23 -3.73 5.84 -4.08
C TRP A 23 -2.69 5.10 -4.91
N LEU A 24 -2.27 3.94 -4.47
CA LEU A 24 -1.28 3.16 -5.24
C LEU A 24 -1.87 2.79 -6.59
N TYR A 25 -3.12 2.43 -6.60
CA TYR A 25 -3.78 2.02 -7.87
C TYR A 25 -3.75 3.18 -8.87
N GLU A 26 -4.10 4.36 -8.43
CA GLU A 26 -4.11 5.53 -9.35
C GLU A 26 -2.68 5.87 -9.76
N HIS A 27 -1.70 5.46 -9.00
CA HIS A 27 -0.28 5.79 -9.34
C HIS A 27 0.30 4.70 -10.26
N ARG A 28 0.82 3.66 -9.68
CA ARG A 28 1.43 2.55 -10.49
C ARG A 28 2.35 3.13 -11.57
N TYR A 29 2.86 2.27 -12.43
CA TYR A 29 3.77 2.73 -13.52
C TYR A 29 4.89 3.59 -12.96
N ASN A 30 4.61 4.85 -12.76
CA ASN A 30 5.65 5.77 -12.22
C ASN A 30 5.95 5.42 -10.77
N ALA A 31 4.99 5.61 -9.89
CA ALA A 31 5.19 5.30 -8.45
C ALA A 31 6.39 6.07 -7.90
N TYR A 32 6.15 6.95 -6.97
CA TYR A 32 7.27 7.75 -6.37
C TYR A 32 6.89 8.16 -4.94
N PRO A 33 6.77 7.20 -4.06
CA PRO A 33 6.41 7.46 -2.63
C PRO A 33 7.19 8.63 -2.04
N SER A 34 6.72 9.83 -2.27
CA SER A 34 7.43 11.03 -1.75
C SER A 34 7.09 11.26 -0.27
N GLU A 35 7.82 12.14 0.37
CA GLU A 35 7.56 12.43 1.82
C GLU A 35 6.15 13.01 1.96
N GLN A 36 5.78 13.91 1.08
CA GLN A 36 4.43 14.53 1.16
C GLN A 36 3.38 13.46 0.88
N GLU A 37 3.63 12.60 -0.08
CA GLU A 37 2.63 11.54 -0.40
C GLU A 37 2.49 10.59 0.79
N LYS A 38 3.58 10.17 1.35
CA LYS A 38 3.51 9.24 2.52
C LYS A 38 2.87 9.95 3.70
N ALA A 39 3.24 11.18 3.93
CA ALA A 39 2.66 11.93 5.08
C ALA A 39 1.15 12.09 4.87
N LEU A 40 0.74 12.37 3.67
CA LEU A 40 -0.71 12.54 3.39
C LEU A 40 -1.43 11.22 3.63
N LEU A 41 -0.88 10.14 3.15
CA LEU A 41 -1.53 8.81 3.33
C LEU A 41 -1.54 8.45 4.81
N SER A 42 -0.47 8.72 5.50
CA SER A 42 -0.40 8.39 6.95
C SER A 42 -1.47 9.17 7.70
N GLN A 43 -1.74 10.38 7.30
CA GLN A 43 -2.77 11.19 7.99
C GLN A 43 -4.15 10.57 7.77
N GLN A 44 -4.42 10.14 6.57
CA GLN A 44 -5.75 9.52 6.27
C GLN A 44 -5.87 8.18 7.01
N THR A 45 -4.81 7.43 7.07
CA THR A 45 -4.86 6.11 7.77
C THR A 45 -4.38 6.29 9.22
N HIS A 46 -3.93 7.48 9.55
CA HIS A 46 -3.46 7.76 10.94
C HIS A 46 -2.31 6.81 11.34
N LEU A 47 -1.91 5.93 10.45
CA LEU A 47 -0.80 4.99 10.80
C LEU A 47 0.54 5.72 10.70
N SER A 48 1.55 5.21 11.39
CA SER A 48 2.88 5.88 11.38
C SER A 48 3.55 5.78 9.99
N THR A 49 4.48 6.66 9.72
CA THR A 49 5.19 6.65 8.41
C THR A 49 6.01 5.36 8.27
N LEU A 50 6.56 4.89 9.35
CA LEU A 50 7.37 3.65 9.29
C LEU A 50 6.46 2.47 8.88
N GLN A 51 5.28 2.41 9.41
CA GLN A 51 4.35 1.30 9.05
C GLN A 51 3.91 1.44 7.58
N VAL A 52 3.53 2.62 7.17
CA VAL A 52 3.10 2.82 5.76
C VAL A 52 4.29 2.60 4.83
N CYS A 53 5.43 3.11 5.20
CA CYS A 53 6.64 2.96 4.34
C CYS A 53 6.93 1.47 4.09
N ASN A 54 7.12 0.70 5.12
CA ASN A 54 7.40 -0.75 4.94
C ASN A 54 6.23 -1.41 4.23
N TRP A 55 5.03 -1.06 4.60
CA TRP A 55 3.83 -1.66 3.96
C TRP A 55 3.85 -1.38 2.46
N PHE A 56 4.30 -0.21 2.08
CA PHE A 56 4.34 0.15 0.63
C PHE A 56 5.28 -0.81 -0.11
N ILE A 57 6.43 -1.08 0.42
CA ILE A 57 7.38 -1.98 -0.28
C ILE A 57 6.76 -3.38 -0.43
N ASN A 58 6.22 -3.91 0.61
CA ASN A 58 5.61 -5.27 0.52
C ASN A 58 4.30 -5.21 -0.27
N ALA A 59 3.47 -4.25 0.03
CA ALA A 59 2.18 -4.14 -0.70
C ALA A 59 2.41 -3.78 -2.16
N ARG A 60 3.37 -2.94 -2.44
CA ARG A 60 3.64 -2.56 -3.85
C ARG A 60 4.12 -3.77 -4.64
N ARG A 61 5.01 -4.54 -4.08
CA ARG A 61 5.55 -5.72 -4.80
C ARG A 61 4.50 -6.83 -4.87
N ARG A 62 3.47 -6.76 -4.05
CA ARG A 62 2.43 -7.83 -4.06
C ARG A 62 1.19 -7.34 -4.82
N LEU A 63 0.79 -6.12 -4.58
CA LEU A 63 -0.41 -5.58 -5.28
C LEU A 63 -0.15 -5.47 -6.78
N LEU A 64 1.01 -5.05 -7.18
CA LEU A 64 1.29 -4.91 -8.63
C LEU A 64 1.05 -6.24 -9.38
N PRO A 65 1.79 -7.27 -9.09
CA PRO A 65 1.63 -8.58 -9.79
C PRO A 65 0.18 -9.07 -9.77
N ASP A 66 -0.44 -9.00 -8.63
CA ASP A 66 -1.85 -9.45 -8.52
C ASP A 66 -2.77 -8.45 -9.24
N MET A 67 -2.47 -7.18 -9.12
CA MET A 67 -3.32 -6.16 -9.77
C MET A 67 -3.24 -6.30 -11.29
N LEU A 68 -2.06 -6.50 -11.81
CA LEU A 68 -1.91 -6.65 -13.28
C LEU A 68 -2.65 -7.90 -13.76
N ARG A 69 -2.51 -8.98 -13.04
CA ARG A 69 -3.20 -10.24 -13.46
C ARG A 69 -4.70 -10.13 -13.18
N LYS A 70 -5.07 -9.67 -12.01
CA LYS A 70 -6.52 -9.55 -11.68
C LYS A 70 -7.16 -8.51 -12.59
N ASP A 71 -6.50 -7.40 -12.78
CA ASP A 71 -7.05 -6.32 -13.65
C ASP A 71 -6.71 -6.62 -15.11
N GLY A 72 -5.48 -6.43 -15.49
CA GLY A 72 -5.08 -6.69 -16.90
C GLY A 72 -5.51 -5.51 -17.77
N LYS A 73 -5.46 -4.32 -17.23
CA LYS A 73 -5.86 -3.12 -18.01
C LYS A 73 -7.39 -3.07 -18.14
N ASP A 74 -8.09 -3.45 -17.11
CA ASP A 74 -9.57 -3.42 -17.15
C ASP A 74 -10.12 -3.27 -15.74
N PRO A 75 -10.17 -2.06 -15.24
CA PRO A 75 -10.69 -1.77 -13.86
C PRO A 75 -12.09 -2.34 -13.63
N ASN A 76 -12.32 -2.92 -12.47
CA ASN A 76 -13.65 -3.51 -12.16
C ASN A 76 -13.86 -3.51 -10.65
N GLN A 77 -12.85 -3.83 -9.90
CA GLN A 77 -12.99 -3.87 -8.42
C GLN A 77 -13.07 -2.45 -7.85
N PHE A 78 -14.00 -2.21 -6.98
CA PHE A 78 -14.15 -0.86 -6.38
C PHE A 78 -12.95 -0.53 -5.50
N THR A 79 -12.37 0.63 -5.68
CA THR A 79 -11.22 1.04 -4.85
C THR A 79 -11.21 2.57 -4.76
N ILE A 80 -12.38 3.16 -4.69
CA ILE A 80 -12.46 4.65 -4.60
C ILE A 80 -12.21 5.08 -3.15
N SER A 81 -11.42 6.11 -2.97
CA SER A 81 -11.12 6.57 -1.59
C SER A 81 -12.41 6.99 -0.87
N ARG A 82 -12.55 6.59 0.36
CA ARG A 82 -13.77 6.94 1.15
C ARG A 82 -13.43 8.13 2.06
N ARG A 83 -12.26 8.69 1.90
CA ARG A 83 -11.84 9.84 2.75
C ARG A 83 -12.89 10.95 2.72
N GLY A 84 -13.16 11.55 3.86
CA GLY A 84 -14.18 12.64 3.92
C GLY A 84 -13.86 13.73 2.89
N ALA A 85 -14.44 13.65 1.73
CA ALA A 85 -14.18 14.66 0.67
C ALA A 85 -14.81 16.00 1.07
N LYS A 86 -14.18 17.09 0.72
CA LYS A 86 -14.72 18.43 1.07
C LYS A 86 -15.98 18.71 0.25
N ILE A 87 -17.02 19.22 0.88
CA ILE A 87 -18.28 19.53 0.16
C ILE A 87 -18.83 20.88 0.65
N SER A 88 -19.20 21.75 -0.25
CA SER A 88 -19.72 23.08 0.15
C SER A 88 -21.12 22.94 0.76
N GLU A 89 -21.47 23.79 1.69
CA GLU A 89 -22.82 23.71 2.32
C GLU A 89 -23.84 24.46 1.47
N MET A 1 13.67 -14.56 17.15
CA MET A 1 12.32 -15.11 17.46
C MET A 1 11.74 -14.36 18.66
N GLY A 2 12.18 -14.70 19.85
CA GLY A 2 11.68 -14.01 21.07
C GLY A 2 10.34 -14.61 21.50
N HIS A 3 9.78 -14.09 22.56
CA HIS A 3 8.46 -14.60 23.06
C HIS A 3 7.36 -13.61 22.73
N HIS A 4 6.60 -13.89 21.70
CA HIS A 4 5.49 -12.98 21.31
C HIS A 4 4.60 -13.70 20.29
N HIS A 5 3.71 -14.54 20.76
CA HIS A 5 2.79 -15.27 19.84
C HIS A 5 1.43 -14.57 19.83
N HIS A 6 1.34 -13.46 20.51
CA HIS A 6 0.06 -12.70 20.57
C HIS A 6 -0.37 -12.32 19.15
N HIS A 7 0.57 -11.89 18.33
CA HIS A 7 0.22 -11.50 16.93
C HIS A 7 1.40 -11.79 16.01
N HIS A 8 1.13 -11.99 14.75
CA HIS A 8 2.21 -12.30 13.76
C HIS A 8 2.30 -11.19 12.71
N SER A 9 3.49 -10.90 12.27
CA SER A 9 3.70 -9.85 11.23
C SER A 9 3.29 -8.47 11.76
N HIS A 10 3.14 -7.52 10.87
CA HIS A 10 2.74 -6.15 11.29
C HIS A 10 1.72 -5.60 10.28
N MET A 11 0.58 -6.25 10.18
CA MET A 11 -0.48 -5.80 9.23
C MET A 11 -1.32 -4.69 9.86
N LEU A 12 -1.68 -3.72 9.06
CA LEU A 12 -2.48 -2.58 9.57
C LEU A 12 -3.98 -2.95 9.58
N PRO A 13 -4.80 -2.15 10.21
CA PRO A 13 -6.27 -2.38 10.30
C PRO A 13 -6.95 -2.41 8.93
N LYS A 14 -8.03 -3.14 8.83
CA LYS A 14 -8.77 -3.25 7.54
C LYS A 14 -9.15 -1.85 7.04
N GLU A 15 -9.48 -0.96 7.94
CA GLU A 15 -9.87 0.42 7.53
C GLU A 15 -8.70 1.08 6.82
N SER A 16 -7.52 0.98 7.39
CA SER A 16 -6.33 1.60 6.75
C SER A 16 -6.06 0.92 5.41
N VAL A 17 -6.21 -0.38 5.36
CA VAL A 17 -5.96 -1.12 4.10
C VAL A 17 -6.92 -0.63 3.02
N GLN A 18 -8.16 -0.44 3.37
CA GLN A 18 -9.15 0.04 2.36
C GLN A 18 -8.75 1.44 1.88
N ILE A 19 -8.38 2.30 2.78
CA ILE A 19 -7.97 3.68 2.38
C ILE A 19 -6.68 3.62 1.55
N LEU A 20 -5.73 2.84 2.00
CA LEU A 20 -4.44 2.72 1.24
C LEU A 20 -4.69 2.02 -0.09
N ARG A 21 -5.53 1.03 -0.09
CA ARG A 21 -5.82 0.29 -1.34
C ARG A 21 -6.43 1.25 -2.37
N ASP A 22 -7.31 2.10 -1.95
CA ASP A 22 -7.96 3.06 -2.89
C ASP A 22 -6.90 3.95 -3.53
N TRP A 23 -6.08 4.58 -2.72
CA TRP A 23 -5.03 5.46 -3.26
C TRP A 23 -4.15 4.63 -4.17
N LEU A 24 -3.85 3.43 -3.79
CA LEU A 24 -2.91 2.62 -4.66
C LEU A 24 -3.56 2.11 -5.98
N TYR A 25 -4.79 1.58 -6.07
CA TYR A 25 -5.25 1.18 -7.47
C TYR A 25 -5.13 2.41 -8.39
N GLU A 26 -5.67 3.53 -7.98
CA GLU A 26 -5.55 4.77 -8.83
C GLU A 26 -4.07 5.17 -9.00
N HIS A 27 -3.21 4.75 -8.10
CA HIS A 27 -1.77 5.11 -8.20
C HIS A 27 -0.93 3.83 -8.37
N ARG A 28 -1.48 2.85 -9.05
CA ARG A 28 -0.72 1.58 -9.28
C ARG A 28 0.50 1.87 -10.17
N TYR A 29 0.34 2.73 -11.13
CA TYR A 29 1.48 3.06 -12.05
C TYR A 29 2.24 4.26 -11.49
N ASN A 30 1.63 4.99 -10.60
CA ASN A 30 2.31 6.17 -10.00
C ASN A 30 3.03 5.73 -8.72
N ALA A 31 3.13 4.44 -8.53
CA ALA A 31 3.81 3.91 -7.32
C ALA A 31 5.18 4.57 -7.16
N TYR A 32 5.23 5.70 -6.52
CA TYR A 32 6.51 6.42 -6.32
C TYR A 32 6.53 7.04 -4.91
N PRO A 33 6.63 6.22 -3.91
CA PRO A 33 6.66 6.67 -2.49
C PRO A 33 7.58 7.88 -2.29
N SER A 34 7.09 9.05 -2.58
CA SER A 34 7.92 10.29 -2.44
C SER A 34 7.65 10.94 -1.08
N GLU A 35 8.23 12.09 -0.87
CA GLU A 35 8.05 12.82 0.41
C GLU A 35 6.60 13.30 0.55
N GLN A 36 6.04 13.81 -0.51
CA GLN A 36 4.64 14.30 -0.46
C GLN A 36 3.67 13.12 -0.55
N GLU A 37 3.97 12.16 -1.38
CA GLU A 37 3.07 10.98 -1.55
C GLU A 37 3.01 10.18 -0.23
N LYS A 38 4.14 9.89 0.32
CA LYS A 38 4.17 9.11 1.59
C LYS A 38 3.52 9.93 2.70
N ALA A 39 3.79 11.21 2.73
CA ALA A 39 3.21 12.08 3.78
C ALA A 39 1.69 12.14 3.61
N LEU A 40 1.24 12.17 2.39
CA LEU A 40 -0.22 12.23 2.14
C LEU A 40 -0.90 10.96 2.69
N LEU A 41 -0.33 9.82 2.42
CA LEU A 41 -0.92 8.55 2.90
C LEU A 41 -0.90 8.52 4.43
N SER A 42 0.20 8.92 5.01
CA SER A 42 0.30 8.92 6.50
C SER A 42 -0.70 9.92 7.09
N GLN A 43 -0.84 11.06 6.46
CA GLN A 43 -1.78 12.10 6.96
C GLN A 43 -3.22 11.58 6.85
N GLN A 44 -3.52 10.90 5.78
CA GLN A 44 -4.90 10.37 5.59
C GLN A 44 -5.18 9.32 6.66
N THR A 45 -4.20 8.50 6.96
CA THR A 45 -4.40 7.43 7.99
C THR A 45 -3.85 7.92 9.33
N HIS A 46 -4.14 7.17 10.36
CA HIS A 46 -3.67 7.54 11.72
C HIS A 46 -2.42 6.72 12.06
N LEU A 47 -1.67 6.34 11.04
CA LEU A 47 -0.43 5.52 11.26
C LEU A 47 0.80 6.32 10.84
N SER A 48 1.92 6.00 11.41
CA SER A 48 3.18 6.71 11.08
C SER A 48 3.67 6.32 9.68
N THR A 49 4.59 7.07 9.15
CA THR A 49 5.13 6.77 7.79
C THR A 49 5.87 5.43 7.83
N LEU A 50 6.46 5.11 8.94
CA LEU A 50 7.20 3.83 9.06
C LEU A 50 6.23 2.66 8.90
N GLN A 51 5.07 2.76 9.50
CA GLN A 51 4.07 1.66 9.40
C GLN A 51 3.57 1.55 7.95
N VAL A 52 3.32 2.66 7.34
CA VAL A 52 2.82 2.65 5.92
C VAL A 52 3.91 2.12 5.00
N CYS A 53 5.13 2.53 5.21
CA CYS A 53 6.25 2.05 4.34
C CYS A 53 6.30 0.52 4.36
N ASN A 54 6.22 -0.06 5.52
CA ASN A 54 6.28 -1.55 5.61
C ASN A 54 5.08 -2.17 4.88
N TRP A 55 3.91 -1.61 5.09
CA TRP A 55 2.69 -2.15 4.43
C TRP A 55 2.76 -1.91 2.91
N PHE A 56 3.24 -0.78 2.52
CA PHE A 56 3.34 -0.45 1.07
C PHE A 56 4.24 -1.46 0.36
N ILE A 57 5.35 -1.80 0.95
CA ILE A 57 6.28 -2.77 0.32
C ILE A 57 5.60 -4.14 0.17
N ASN A 58 4.94 -4.59 1.19
CA ASN A 58 4.26 -5.92 1.12
C ASN A 58 3.01 -5.82 0.22
N ALA A 59 2.22 -4.81 0.42
CA ALA A 59 0.99 -4.64 -0.40
C ALA A 59 1.38 -4.40 -1.86
N ARG A 60 2.46 -3.71 -2.09
CA ARG A 60 2.89 -3.44 -3.49
C ARG A 60 3.23 -4.75 -4.19
N ARG A 61 4.15 -5.49 -3.64
CA ARG A 61 4.56 -6.78 -4.28
C ARG A 61 3.38 -7.75 -4.29
N ARG A 62 2.31 -7.40 -3.63
CA ARG A 62 1.10 -8.29 -3.61
C ARG A 62 0.05 -7.74 -4.57
N LEU A 63 0.06 -6.46 -4.84
CA LEU A 63 -0.95 -5.85 -5.75
C LEU A 63 -0.35 -5.62 -7.14
N LEU A 64 0.73 -4.88 -7.20
CA LEU A 64 1.38 -4.59 -8.52
C LEU A 64 1.38 -5.84 -9.40
N PRO A 65 1.94 -6.94 -8.96
CA PRO A 65 1.98 -8.18 -9.77
C PRO A 65 0.67 -8.39 -10.55
N ASP A 66 -0.43 -8.25 -9.88
CA ASP A 66 -1.75 -8.44 -10.54
C ASP A 66 -1.92 -7.40 -11.65
N MET A 67 -1.70 -6.15 -11.34
CA MET A 67 -1.86 -5.08 -12.36
C MET A 67 -0.80 -5.25 -13.46
N LEU A 68 0.42 -5.55 -13.08
CA LEU A 68 1.51 -5.72 -14.08
C LEU A 68 1.23 -6.95 -14.94
N ARG A 69 0.74 -8.00 -14.35
CA ARG A 69 0.44 -9.24 -15.12
C ARG A 69 -0.55 -8.89 -16.23
N LYS A 70 -1.53 -8.10 -15.92
CA LYS A 70 -2.53 -7.71 -16.95
C LYS A 70 -1.82 -6.96 -18.07
N ASP A 71 -0.94 -6.05 -17.72
CA ASP A 71 -0.20 -5.28 -18.76
C ASP A 71 1.07 -4.67 -18.14
N GLY A 72 2.14 -5.43 -18.14
CA GLY A 72 3.43 -4.94 -17.56
C GLY A 72 4.00 -3.82 -18.43
N LYS A 73 3.84 -2.61 -18.00
CA LYS A 73 4.37 -1.44 -18.79
C LYS A 73 5.90 -1.41 -18.75
N ASP A 74 6.46 -0.61 -17.88
CA ASP A 74 7.95 -0.48 -17.77
C ASP A 74 8.45 -1.18 -16.49
N PRO A 75 7.74 -1.04 -15.39
CA PRO A 75 8.15 -1.62 -14.10
C PRO A 75 7.74 -3.09 -13.94
N ASN A 76 8.62 -3.88 -13.38
CA ASN A 76 8.31 -5.33 -13.18
C ASN A 76 7.73 -5.56 -11.78
N GLN A 77 7.61 -6.80 -11.40
CA GLN A 77 7.04 -7.13 -10.05
C GLN A 77 7.72 -6.32 -8.96
N PHE A 78 8.80 -6.79 -8.43
CA PHE A 78 9.51 -6.07 -7.34
C PHE A 78 10.24 -4.86 -7.89
N THR A 79 10.02 -3.71 -7.31
CA THR A 79 10.68 -2.46 -7.77
C THR A 79 12.07 -2.34 -7.17
N ILE A 80 12.88 -1.45 -7.69
CA ILE A 80 14.26 -1.27 -7.17
C ILE A 80 14.28 -0.17 -6.12
N SER A 81 14.73 -0.50 -4.93
CA SER A 81 14.81 0.49 -3.83
C SER A 81 13.57 1.37 -3.80
N ARG A 82 13.67 2.50 -3.16
CA ARG A 82 12.51 3.42 -3.04
C ARG A 82 12.23 4.06 -4.40
N ARG A 83 10.98 4.34 -4.65
CA ARG A 83 10.57 4.96 -5.94
C ARG A 83 10.98 4.09 -7.12
N GLY A 84 10.08 3.89 -8.04
CA GLY A 84 10.37 3.04 -9.23
C GLY A 84 11.54 3.62 -10.03
N ALA A 85 11.85 2.99 -11.13
CA ALA A 85 12.98 3.45 -11.98
C ALA A 85 12.65 4.81 -12.62
N LYS A 86 13.64 5.61 -12.82
CA LYS A 86 13.43 6.96 -13.43
C LYS A 86 13.08 6.83 -14.91
N ILE A 87 12.23 7.70 -15.39
CA ILE A 87 11.81 7.66 -16.82
C ILE A 87 12.87 8.34 -17.69
N SER A 88 13.28 7.67 -18.74
CA SER A 88 14.31 8.24 -19.65
C SER A 88 13.71 9.36 -20.51
N GLU A 89 14.57 10.18 -21.06
CA GLU A 89 14.10 11.32 -21.92
C GLU A 89 12.87 11.98 -21.28
#